data_4K42
#
_entry.id   4K42
#
_cell.length_a   54.650
_cell.length_b   67.343
_cell.length_c   207.853
_cell.angle_alpha   90.00
_cell.angle_beta   92.42
_cell.angle_gamma   90.00
#
_symmetry.space_group_name_H-M   'P 1 21 1'
#
loop_
_entity.id
_entity.type
_entity.pdbx_description
1 polymer 'Actin, alpha skeletal muscle'
2 non-polymer 'CALCIUM ION'
3 non-polymer "ADENOSINE-5'-DIPHOSPHATE"
4 non-polymer '(3R,4S,5R,6S,10R,11R,12R)-11-(acetyloxy)-1-(benzyloxy)-14-[formyl(methyl)amino]-5-hydroxy-4,6,10,12-tetramethyl-9-oxotetradecan-3-yl propanoate'
5 water water
#
_entity_poly.entity_id   1
_entity_poly.type   'polypeptide(L)'
_entity_poly.pdbx_seq_one_letter_code
;DEDETTALVCDNGSGLVKAGFAGDDAPRAVFPSIVGRPRHQGVMVGMGQKDSYVGDEAQSKRGILTLKYPIEHGIITNWD
DMEKIWHHTFYNELRVAPEEHPTLLTEAPLNPKANREKMTQIMFETFNVPAMYVAIQAVLSLYASGRTTGIVLDSGDGVT
HNVPIYEGYALPHAIMRLDLAGRDLTDYLMKILTERGYSFVTTAEREIVRDIKEKLCYVALDFENEMATAASSSSLEKSY
ELPDGQVITIGNERFRCPETLFQPSFIGMESAGIHETTYNSIMKCDIDIRKDLYANNVMSGGTTMYPGIADRMQKEITAL
APSTMKIKIIAPPERKYSVWIGGSILASLSTFQQMWITKQEYDEAGPSIVHRKCF
;
_entity_poly.pdbx_strand_id   A,B,C,D
#
# COMPACT_ATOMS: atom_id res chain seq x y z
N THR A 5 5.46 -4.24 16.91
CA THR A 5 5.00 -3.04 17.61
C THR A 5 6.16 -2.13 17.96
N THR A 6 5.88 -0.83 18.07
CA THR A 6 6.89 0.18 18.36
C THR A 6 6.50 0.99 19.59
N ALA A 7 7.51 1.36 20.38
CA ALA A 7 7.27 2.07 21.65
C ALA A 7 6.91 3.53 21.44
N LEU A 8 6.28 4.13 22.47
CA LEU A 8 5.88 5.53 22.42
C LEU A 8 6.67 6.37 23.41
N VAL A 9 6.98 7.61 23.03
CA VAL A 9 7.67 8.56 23.90
C VAL A 9 6.87 9.86 23.98
N CYS A 10 6.43 10.19 25.20
CA CYS A 10 5.62 11.38 25.43
C CYS A 10 6.29 12.31 26.45
N ASP A 11 6.76 13.46 25.97
CA ASP A 11 7.36 14.47 26.82
C ASP A 11 6.29 15.45 27.26
N ASN A 12 5.90 15.35 28.53
CA ASN A 12 4.79 16.15 29.06
C ASN A 12 5.28 17.53 29.51
N GLY A 13 5.40 18.44 28.54
CA GLY A 13 5.96 19.76 28.80
C GLY A 13 4.97 20.74 29.42
N SER A 14 5.51 21.78 30.04
CA SER A 14 4.70 22.79 30.71
C SER A 14 4.04 23.70 29.69
N GLY A 15 4.58 23.73 28.48
CA GLY A 15 4.06 24.57 27.42
C GLY A 15 3.70 23.75 26.21
N LEU A 16 4.56 22.79 25.87
CA LEU A 16 4.37 21.96 24.69
C LEU A 16 4.57 20.49 25.01
N VAL A 17 3.60 19.68 24.60
CA VAL A 17 3.75 18.23 24.62
C VAL A 17 4.54 17.84 23.38
N LYS A 18 5.61 17.07 23.57
CA LYS A 18 6.33 16.47 22.45
C LYS A 18 6.10 14.97 22.45
N ALA A 19 5.46 14.48 21.39
CA ALA A 19 5.08 13.07 21.30
C ALA A 19 5.58 12.43 20.00
N GLY A 20 5.77 11.12 20.03
CA GLY A 20 6.29 10.40 18.88
C GLY A 20 6.56 8.95 19.20
N PHE A 21 7.38 8.31 18.37
CA PHE A 21 7.70 6.89 18.49
C PHE A 21 9.19 6.69 18.76
N ALA A 22 9.51 5.80 19.70
CA ALA A 22 10.91 5.51 20.01
C ALA A 22 11.64 5.04 18.76
N GLY A 23 12.88 5.50 18.61
CA GLY A 23 13.68 5.19 17.44
C GLY A 23 13.66 6.29 16.39
N ASP A 24 12.67 7.17 16.50
CA ASP A 24 12.50 8.23 15.50
C ASP A 24 13.51 9.37 15.64
N ASP A 25 13.60 10.15 14.57
CA ASP A 25 14.53 11.25 14.46
C ASP A 25 14.17 12.39 15.41
N ALA A 26 12.87 12.67 15.46
CA ALA A 26 12.34 13.80 16.23
C ALA A 26 10.91 13.45 16.66
N PRO A 27 10.28 14.32 17.46
CA PRO A 27 8.87 14.06 17.79
C PRO A 27 7.93 14.21 16.59
N ARG A 28 6.94 13.32 16.51
CA ARG A 28 5.98 13.31 15.43
C ARG A 28 4.86 14.33 15.68
N ALA A 29 4.65 14.65 16.96
CA ALA A 29 3.61 15.58 17.37
C ALA A 29 4.15 16.59 18.38
N VAL A 30 3.88 17.86 18.14
CA VAL A 30 4.24 18.92 19.07
C VAL A 30 3.09 19.92 19.16
N PHE A 31 2.47 20.00 20.32
CA PHE A 31 1.30 20.86 20.51
C PHE A 31 1.22 21.44 21.92
N PRO A 32 0.44 22.52 22.10
CA PRO A 32 0.30 23.14 23.42
C PRO A 32 -0.33 22.24 24.49
N SER A 33 0.20 22.34 25.70
CA SER A 33 -0.31 21.55 26.82
C SER A 33 -1.51 22.26 27.44
N ILE A 34 -2.54 22.49 26.63
CA ILE A 34 -3.71 23.25 27.07
C ILE A 34 -5.00 22.44 26.90
N VAL A 35 -5.88 22.54 27.89
CA VAL A 35 -7.20 21.92 27.85
C VAL A 35 -8.28 22.99 27.91
N GLY A 36 -9.13 23.03 26.90
CA GLY A 36 -10.22 24.00 26.83
C GLY A 36 -11.60 23.36 26.95
N ARG A 37 -12.48 24.00 27.71
CA ARG A 37 -13.85 23.54 27.87
C ARG A 37 -14.79 24.73 28.12
N PRO A 38 -16.04 24.64 27.62
CA PRO A 38 -16.96 25.80 27.63
C PRO A 38 -17.20 26.44 28.99
N GLN A 49 -18.24 21.88 19.13
CA GLN A 49 -19.27 20.85 19.24
C GLN A 49 -18.85 19.74 20.20
N LYS A 50 -17.87 20.02 21.05
CA LYS A 50 -17.35 19.03 22.00
C LYS A 50 -17.32 19.57 23.42
N ASP A 51 -16.98 18.70 24.37
CA ASP A 51 -16.90 19.07 25.78
C ASP A 51 -15.48 19.41 26.21
N SER A 52 -14.51 19.01 25.39
CA SER A 52 -13.11 19.36 25.67
C SER A 52 -12.26 19.33 24.40
N TYR A 53 -11.54 20.42 24.17
CA TYR A 53 -10.56 20.52 23.10
C TYR A 53 -9.16 20.47 23.72
N VAL A 54 -8.20 19.96 22.96
CA VAL A 54 -6.83 19.85 23.43
C VAL A 54 -5.84 20.27 22.35
N GLY A 55 -4.89 21.12 22.72
CA GLY A 55 -3.81 21.49 21.83
C GLY A 55 -4.02 22.81 21.11
N ASP A 56 -3.80 22.79 19.80
CA ASP A 56 -3.90 23.99 18.98
C ASP A 56 -5.32 24.52 18.87
N GLU A 57 -6.26 23.64 18.57
CA GLU A 57 -7.65 24.05 18.37
C GLU A 57 -8.29 24.50 19.68
N ALA A 58 -7.61 24.24 20.80
CA ALA A 58 -8.11 24.66 22.09
C ALA A 58 -7.90 26.17 22.29
N GLN A 59 -6.85 26.72 21.69
CA GLN A 59 -6.55 28.16 21.83
C GLN A 59 -7.08 28.97 20.64
N SER A 60 -7.50 28.28 19.59
CA SER A 60 -8.15 28.94 18.47
C SER A 60 -9.55 29.35 18.90
N LYS A 61 -10.19 28.46 19.65
CA LYS A 61 -11.52 28.71 20.19
C LYS A 61 -11.42 29.14 21.64
N ARG A 62 -10.36 29.88 21.97
CA ARG A 62 -10.10 30.26 23.36
C ARG A 62 -11.17 31.21 23.90
N GLY A 63 -11.90 31.84 22.99
CA GLY A 63 -12.95 32.78 23.37
C GLY A 63 -14.16 32.08 23.95
N ILE A 64 -14.49 30.91 23.39
CA ILE A 64 -15.68 30.18 23.80
C ILE A 64 -15.37 29.07 24.82
N LEU A 65 -14.10 28.94 25.17
CA LEU A 65 -13.64 27.91 26.10
C LEU A 65 -12.98 28.51 27.36
N THR A 66 -12.77 27.67 28.37
CA THR A 66 -11.98 28.03 29.53
C THR A 66 -10.65 27.26 29.46
N LEU A 67 -9.56 27.98 29.23
CA LEU A 67 -8.26 27.34 29.10
C LEU A 67 -7.67 26.93 30.45
N LYS A 68 -7.19 25.70 30.52
CA LYS A 68 -6.55 25.16 31.71
C LYS A 68 -5.09 24.85 31.41
N TYR A 69 -4.21 25.12 32.37
CA TYR A 69 -2.77 24.89 32.23
C TYR A 69 -2.35 23.81 33.23
N PRO A 70 -2.53 22.53 32.87
CA PRO A 70 -2.39 21.44 33.84
C PRO A 70 -0.96 21.05 34.18
N ILE A 71 0.01 21.46 33.36
CA ILE A 71 1.40 21.06 33.57
C ILE A 71 2.34 22.24 33.72
N GLU A 72 1.79 23.44 33.97
CA GLU A 72 2.63 24.61 34.14
C GLU A 72 3.59 24.40 35.30
N HIS A 73 4.75 25.05 35.22
CA HIS A 73 5.80 24.88 36.22
C HIS A 73 6.33 23.44 36.29
N GLY A 74 5.98 22.63 35.30
CA GLY A 74 6.59 21.32 35.10
C GLY A 74 5.85 20.14 35.71
N ILE A 75 5.17 20.38 36.82
CA ILE A 75 4.50 19.32 37.56
C ILE A 75 3.00 19.30 37.26
N ILE A 76 2.44 18.11 37.11
CA ILE A 76 1.02 17.96 36.76
C ILE A 76 0.14 18.20 37.98
N THR A 77 -0.78 19.15 37.85
CA THR A 77 -1.64 19.55 38.98
C THR A 77 -3.09 19.06 38.85
N ASN A 78 -3.55 18.84 37.62
CA ASN A 78 -4.90 18.35 37.39
C ASN A 78 -4.93 17.09 36.54
N TRP A 79 -5.43 16.00 37.12
CA TRP A 79 -5.37 14.69 36.49
C TRP A 79 -6.52 14.45 35.50
N ASP A 80 -7.59 15.21 35.63
CA ASP A 80 -8.68 15.15 34.66
C ASP A 80 -8.25 15.84 33.38
N ASP A 81 -7.62 17.01 33.52
CA ASP A 81 -7.09 17.75 32.38
C ASP A 81 -6.01 16.94 31.67
N MET A 82 -5.14 16.32 32.47
CA MET A 82 -4.00 15.61 31.91
C MET A 82 -4.45 14.35 31.18
N GLU A 83 -5.51 13.73 31.69
CA GLU A 83 -6.10 12.57 31.04
C GLU A 83 -6.57 12.91 29.62
N LYS A 84 -7.10 14.13 29.46
CA LYS A 84 -7.55 14.59 28.16
C LYS A 84 -6.38 14.80 27.20
N ILE A 85 -5.26 15.31 27.71
CA ILE A 85 -4.08 15.54 26.86
C ILE A 85 -3.48 14.23 26.40
N TRP A 86 -3.43 13.23 27.28
CA TRP A 86 -2.89 11.93 26.94
C TRP A 86 -3.79 11.21 25.92
N HIS A 87 -5.10 11.33 26.12
CA HIS A 87 -6.07 10.76 25.18
C HIS A 87 -5.91 11.40 23.80
N HIS A 88 -5.76 12.72 23.79
CA HIS A 88 -5.58 13.47 22.54
C HIS A 88 -4.26 13.12 21.86
N THR A 89 -3.30 12.64 22.64
CA THR A 89 -1.96 12.34 22.11
C THR A 89 -1.93 10.97 21.45
N PHE A 90 -2.44 9.96 22.14
CA PHE A 90 -2.44 8.60 21.60
C PHE A 90 -3.33 8.50 20.36
N TYR A 91 -4.49 9.12 20.44
CA TYR A 91 -5.48 9.02 19.37
C TYR A 91 -5.36 10.16 18.35
N ASN A 92 -5.78 11.36 18.75
CA ASN A 92 -5.92 12.47 17.80
C ASN A 92 -4.62 13.00 17.19
N GLU A 93 -3.47 12.59 17.73
CA GLU A 93 -2.18 13.11 17.25
C GLU A 93 -1.25 12.02 16.67
N LEU A 94 -1.18 10.87 17.33
CA LEU A 94 -0.27 9.80 16.92
C LEU A 94 -0.96 8.62 16.25
N ARG A 95 -2.29 8.57 16.35
CA ARG A 95 -3.10 7.48 15.82
C ARG A 95 -2.56 6.08 16.18
N VAL A 96 -2.59 5.76 17.47
CA VAL A 96 -2.18 4.45 17.95
C VAL A 96 -3.11 3.93 19.03
N ALA A 97 -3.13 2.61 19.19
CA ALA A 97 -3.86 1.95 20.27
C ALA A 97 -2.92 1.87 21.47
N PRO A 98 -3.18 2.65 22.53
CA PRO A 98 -2.23 2.65 23.66
C PRO A 98 -1.96 1.28 24.24
N GLU A 99 -2.89 0.34 24.08
CA GLU A 99 -2.72 -1.01 24.60
C GLU A 99 -1.79 -1.87 23.75
N GLU A 100 -1.44 -1.38 22.57
CA GLU A 100 -0.56 -2.11 21.67
C GLU A 100 0.89 -1.63 21.77
N HIS A 101 1.09 -0.42 22.29
CA HIS A 101 2.41 0.20 22.33
C HIS A 101 2.87 0.56 23.74
N PRO A 102 4.09 0.12 24.12
CA PRO A 102 4.65 0.58 25.41
C PRO A 102 4.84 2.11 25.40
N THR A 103 4.71 2.73 26.56
CA THR A 103 4.70 4.18 26.64
C THR A 103 5.73 4.72 27.63
N LEU A 104 6.65 5.54 27.13
CA LEU A 104 7.59 6.24 27.99
C LEU A 104 7.08 7.66 28.24
N LEU A 105 6.83 7.97 29.50
CA LEU A 105 6.47 9.33 29.91
C LEU A 105 7.70 10.02 30.48
N THR A 106 7.78 11.34 30.32
CA THR A 106 8.81 12.12 30.99
C THR A 106 8.20 12.80 32.20
N GLU A 107 9.05 13.15 33.17
CA GLU A 107 8.62 13.91 34.34
C GLU A 107 9.59 15.03 34.66
N ALA A 108 9.11 16.04 35.36
CA ALA A 108 9.95 17.13 35.79
C ALA A 108 10.91 16.63 36.87
N PRO A 109 12.06 17.30 37.01
CA PRO A 109 12.92 17.00 38.16
C PRO A 109 12.20 17.27 39.48
N LEU A 110 12.50 16.47 40.49
CA LEU A 110 11.87 16.59 41.81
C LEU A 110 10.36 16.39 41.75
N ASN A 111 9.90 15.60 40.79
CA ASN A 111 8.49 15.22 40.75
C ASN A 111 8.22 14.26 41.90
N PRO A 112 7.31 14.63 42.82
CA PRO A 112 7.07 13.79 44.02
C PRO A 112 6.52 12.41 43.71
N LYS A 113 6.67 11.51 44.67
CA LYS A 113 6.31 10.10 44.50
C LYS A 113 4.83 9.92 44.21
N ALA A 114 3.99 10.67 44.92
CA ALA A 114 2.54 10.58 44.75
C ALA A 114 2.14 10.93 43.32
N ASN A 115 3.01 11.69 42.65
CA ASN A 115 2.77 12.12 41.28
C ASN A 115 3.07 11.01 40.29
N ARG A 116 4.25 10.40 40.41
CA ARG A 116 4.67 9.34 39.52
C ARG A 116 3.69 8.19 39.59
N GLU A 117 3.19 7.93 40.80
CA GLU A 117 2.27 6.83 41.02
C GLU A 117 0.98 7.03 40.26
N LYS A 118 0.45 8.25 40.26
CA LYS A 118 -0.81 8.52 39.56
C LYS A 118 -0.59 8.54 38.05
N MET A 119 0.62 8.88 37.61
CA MET A 119 0.96 8.80 36.19
C MET A 119 0.93 7.34 35.76
N THR A 120 1.53 6.50 36.59
CA THR A 120 1.58 5.06 36.33
C THR A 120 0.19 4.43 36.43
N GLN A 121 -0.64 4.92 37.35
CA GLN A 121 -1.98 4.40 37.54
C GLN A 121 -2.84 4.66 36.31
N ILE A 122 -2.77 5.88 35.79
CA ILE A 122 -3.58 6.28 34.64
C ILE A 122 -3.18 5.51 33.39
N MET A 123 -1.87 5.33 33.18
CA MET A 123 -1.38 4.64 31.99
C MET A 123 -1.92 3.21 31.87
N PHE A 124 -2.10 2.55 33.02
CA PHE A 124 -2.50 1.15 33.03
C PHE A 124 -4.01 0.94 33.17
N GLU A 125 -4.67 1.85 33.89
CA GLU A 125 -6.09 1.67 34.19
C GLU A 125 -6.99 2.50 33.29
N THR A 126 -6.45 3.59 32.75
CA THR A 126 -7.25 4.52 31.96
C THR A 126 -6.93 4.40 30.47
N PHE A 127 -5.72 3.94 30.16
CA PHE A 127 -5.30 3.74 28.77
C PHE A 127 -4.88 2.31 28.51
N ASN A 128 -4.72 1.55 29.58
CA ASN A 128 -4.47 0.12 29.48
C ASN A 128 -3.29 -0.18 28.58
N VAL A 129 -2.14 0.44 28.86
CA VAL A 129 -0.93 0.18 28.10
C VAL A 129 -0.38 -1.17 28.54
N PRO A 130 0.41 -1.83 27.68
CA PRO A 130 1.01 -3.12 28.07
C PRO A 130 2.24 -2.92 28.95
N ALA A 131 2.86 -1.75 28.84
CA ALA A 131 4.06 -1.46 29.59
C ALA A 131 4.32 0.04 29.57
N MET A 132 4.93 0.58 30.63
CA MET A 132 5.25 2.00 30.68
C MET A 132 6.48 2.30 31.53
N TYR A 133 6.93 3.55 31.48
CA TYR A 133 8.10 3.98 32.24
C TYR A 133 8.04 5.49 32.40
N VAL A 134 8.61 6.00 33.49
CA VAL A 134 8.69 7.45 33.74
C VAL A 134 10.15 7.86 33.90
N ALA A 135 10.59 8.82 33.09
CA ALA A 135 11.97 9.30 33.11
C ALA A 135 12.08 10.81 33.35
N ILE A 136 13.11 11.22 34.08
CA ILE A 136 13.37 12.64 34.31
C ILE A 136 13.87 13.30 33.03
N GLN A 137 13.26 14.43 32.68
CA GLN A 137 13.49 15.11 31.41
C GLN A 137 14.96 15.51 31.22
N ALA A 138 15.54 16.14 32.23
CA ALA A 138 16.95 16.52 32.21
C ALA A 138 17.85 15.34 31.90
N VAL A 139 17.60 14.23 32.57
CA VAL A 139 18.39 13.02 32.39
C VAL A 139 18.38 12.57 30.93
N LEU A 140 17.20 12.61 30.30
CA LEU A 140 17.07 12.22 28.90
C LEU A 140 17.87 13.14 27.96
N SER A 141 17.85 14.44 28.24
CA SER A 141 18.61 15.40 27.43
C SER A 141 20.09 15.08 27.43
N LEU A 142 20.60 14.73 28.60
CA LEU A 142 22.02 14.41 28.75
C LEU A 142 22.35 13.17 27.94
N TYR A 143 21.47 12.17 27.99
CA TYR A 143 21.65 10.96 27.21
C TYR A 143 21.74 11.30 25.72
N ALA A 144 20.89 12.24 25.27
CA ALA A 144 20.85 12.64 23.88
C ALA A 144 22.17 13.26 23.41
N SER A 145 22.95 13.80 24.35
CA SER A 145 24.24 14.39 24.02
C SER A 145 25.37 13.38 24.13
N GLY A 146 25.01 12.13 24.42
CA GLY A 146 25.98 11.04 24.51
C GLY A 146 26.79 11.10 25.80
N ARG A 147 26.12 11.48 26.89
CA ARG A 147 26.75 11.58 28.19
C ARG A 147 25.87 10.93 29.25
N THR A 148 26.51 10.34 30.25
CA THR A 148 25.79 9.88 31.43
C THR A 148 26.21 10.74 32.63
N THR A 149 27.19 11.61 32.41
CA THR A 149 27.67 12.53 33.44
C THR A 149 27.69 13.96 32.88
N GLY A 150 27.34 14.92 33.72
CA GLY A 150 27.26 16.31 33.33
C GLY A 150 26.09 17.00 34.00
N ILE A 151 26.08 18.32 34.00
CA ILE A 151 24.97 19.08 34.58
C ILE A 151 24.12 19.73 33.49
N VAL A 152 22.82 19.49 33.56
CA VAL A 152 21.90 19.96 32.53
C VAL A 152 21.20 21.24 32.94
N LEU A 153 21.13 22.19 32.01
CA LEU A 153 20.28 23.36 32.17
C LEU A 153 19.09 23.21 31.25
N ASP A 154 17.97 22.75 31.80
CA ASP A 154 16.71 22.64 31.07
C ASP A 154 15.87 23.89 31.31
N SER A 155 15.67 24.68 30.25
CA SER A 155 14.79 25.84 30.32
C SER A 155 13.71 25.76 29.24
N GLY A 156 12.47 25.53 29.68
CA GLY A 156 11.36 25.33 28.76
C GLY A 156 10.41 26.51 28.71
N ASP A 157 9.11 26.23 28.86
CA ASP A 157 8.10 27.28 28.78
C ASP A 157 7.81 27.91 30.16
N GLY A 158 7.54 27.06 31.14
CA GLY A 158 7.09 27.52 32.45
C GLY A 158 8.07 27.34 33.60
N VAL A 159 9.18 26.65 33.37
CA VAL A 159 10.15 26.40 34.44
C VAL A 159 11.53 26.04 33.92
N THR A 160 12.54 26.39 34.70
CA THR A 160 13.93 26.11 34.37
C THR A 160 14.53 25.23 35.46
N HIS A 161 15.42 24.31 35.09
CA HIS A 161 16.07 23.44 36.05
C HIS A 161 17.57 23.28 35.82
N ASN A 162 18.30 23.19 36.92
CA ASN A 162 19.67 22.67 36.90
C ASN A 162 19.68 21.29 37.51
N VAL A 163 20.10 20.30 36.73
CA VAL A 163 20.10 18.91 37.18
C VAL A 163 21.46 18.27 36.95
N PRO A 164 22.30 18.22 37.99
CA PRO A 164 23.55 17.48 37.89
C PRO A 164 23.32 15.98 37.88
N ILE A 165 24.03 15.28 36.99
CA ILE A 165 23.83 13.87 36.76
C ILE A 165 25.20 13.19 36.76
N TYR A 166 25.30 12.06 37.46
CA TYR A 166 26.56 11.33 37.58
C TYR A 166 26.34 9.86 37.30
N GLU A 167 27.14 9.31 36.40
CA GLU A 167 27.07 7.90 36.04
C GLU A 167 25.65 7.50 35.61
N GLY A 168 24.90 8.47 35.10
CA GLY A 168 23.61 8.20 34.47
C GLY A 168 22.39 8.45 35.34
N TYR A 169 22.61 8.91 36.58
CA TYR A 169 21.52 9.19 37.50
C TYR A 169 21.61 10.61 38.03
N ALA A 170 20.46 11.28 38.10
CA ALA A 170 20.39 12.63 38.63
C ALA A 170 20.70 12.63 40.13
N LEU A 171 21.25 13.74 40.61
CA LEU A 171 21.51 13.93 42.03
C LEU A 171 20.47 14.90 42.58
N PRO A 172 19.37 14.37 43.15
CA PRO A 172 18.21 15.22 43.50
C PRO A 172 18.53 16.34 44.48
N HIS A 173 19.59 16.17 45.23
CA HIS A 173 19.97 17.00 46.35
C HIS A 173 20.44 18.32 45.89
N ALA A 174 20.94 18.33 44.67
CA ALA A 174 21.59 19.48 44.07
C ALA A 174 20.80 20.06 42.90
N ILE A 175 19.58 19.56 42.69
CA ILE A 175 18.73 20.08 41.63
C ILE A 175 18.22 21.46 42.01
N MET A 176 18.39 22.43 41.10
CA MET A 176 17.88 23.78 41.30
C MET A 176 16.67 24.03 40.40
N ARG A 177 15.57 24.52 40.99
CA ARG A 177 14.38 24.87 40.22
C ARG A 177 14.18 26.38 40.19
N LEU A 178 14.09 26.92 38.97
CA LEU A 178 13.89 28.34 38.75
C LEU A 178 12.60 28.57 37.97
N ASP A 179 11.59 29.09 38.65
CA ASP A 179 10.28 29.37 38.02
C ASP A 179 10.34 30.59 37.11
N LEU A 180 11.18 30.53 36.08
CA LEU A 180 11.35 31.61 35.14
C LEU A 180 11.80 31.01 33.82
N ALA A 181 11.01 31.22 32.77
CA ALA A 181 11.26 30.56 31.49
C ALA A 181 10.67 31.32 30.30
N GLY A 182 10.61 30.65 29.15
CA GLY A 182 10.24 31.29 27.89
C GLY A 182 8.93 32.05 27.92
N ARG A 183 7.98 31.54 28.68
CA ARG A 183 6.68 32.18 28.86
C ARG A 183 6.84 33.53 29.54
N ASP A 184 7.65 33.58 30.59
CA ASP A 184 7.87 34.82 31.33
C ASP A 184 8.61 35.83 30.46
N LEU A 185 9.48 35.33 29.60
CA LEU A 185 10.22 36.20 28.68
C LEU A 185 9.32 36.75 27.58
N THR A 186 8.36 35.95 27.12
CA THR A 186 7.37 36.42 26.17
C THR A 186 6.59 37.57 26.81
N ASP A 187 6.13 37.36 28.03
CA ASP A 187 5.38 38.38 28.74
C ASP A 187 6.20 39.65 29.02
N TYR A 188 7.52 39.49 29.21
CA TYR A 188 8.39 40.64 29.43
C TYR A 188 8.64 41.39 28.12
N LEU A 189 8.75 40.66 27.03
CA LEU A 189 9.03 41.27 25.74
C LEU A 189 7.81 42.07 25.27
N MET A 190 6.62 41.54 25.54
CA MET A 190 5.38 42.26 25.26
C MET A 190 5.41 43.59 26.00
N LYS A 191 5.90 43.57 27.23
CA LYS A 191 5.88 44.74 28.10
C LYS A 191 6.84 45.83 27.64
N ILE A 192 8.09 45.46 27.40
CA ILE A 192 9.10 46.44 26.99
C ILE A 192 8.94 46.89 25.55
N LEU A 193 8.16 46.14 24.77
CA LEU A 193 7.82 46.57 23.41
C LEU A 193 6.67 47.58 23.45
N THR A 194 5.84 47.47 24.49
CA THR A 194 4.74 48.40 24.65
C THR A 194 5.26 49.72 25.18
N GLU A 195 6.37 49.66 25.92
CA GLU A 195 7.07 50.87 26.35
C GLU A 195 7.74 51.56 25.16
N ARG A 196 8.20 50.75 24.21
CA ARG A 196 8.90 51.25 23.03
C ARG A 196 8.00 52.13 22.18
N GLY A 197 6.69 51.87 22.22
CA GLY A 197 5.73 52.68 21.49
C GLY A 197 4.61 51.87 20.88
N TYR A 198 4.74 50.55 20.93
CA TYR A 198 3.74 49.66 20.37
C TYR A 198 2.70 49.27 21.41
N SER A 199 1.80 48.39 21.01
CA SER A 199 0.83 47.83 21.93
C SER A 199 0.67 46.36 21.61
N PHE A 200 1.33 45.53 22.41
CA PHE A 200 1.19 44.08 22.34
C PHE A 200 0.60 43.62 23.66
N VAL A 201 -0.72 43.53 23.73
CA VAL A 201 -1.42 43.25 24.99
C VAL A 201 -2.34 42.04 24.88
N THR A 202 -2.98 41.85 23.74
CA THR A 202 -3.99 40.80 23.61
C THR A 202 -3.36 39.42 23.42
N THR A 203 -4.15 38.37 23.71
CA THR A 203 -3.67 36.99 23.63
C THR A 203 -3.20 36.62 22.23
N ALA A 204 -3.81 37.25 21.23
CA ALA A 204 -3.42 37.01 19.84
C ALA A 204 -2.11 37.72 19.54
N GLU A 205 -1.87 38.80 20.29
CA GLU A 205 -0.63 39.55 20.15
C GLU A 205 0.49 38.92 20.97
N ARG A 206 0.12 38.06 21.91
CA ARG A 206 1.11 37.29 22.66
C ARG A 206 1.74 36.27 21.72
N GLU A 207 0.90 35.62 20.92
CA GLU A 207 1.37 34.63 19.95
C GLU A 207 2.28 35.26 18.92
N ILE A 208 2.09 36.55 18.67
CA ILE A 208 2.93 37.29 17.73
C ILE A 208 4.27 37.66 18.38
N VAL A 209 4.21 38.16 19.62
CA VAL A 209 5.42 38.57 20.32
C VAL A 209 6.28 37.34 20.61
N ARG A 210 5.64 36.17 20.69
CA ARG A 210 6.38 34.93 20.88
C ARG A 210 7.18 34.60 19.62
N ASP A 211 6.62 34.91 18.45
CA ASP A 211 7.33 34.69 17.21
C ASP A 211 8.54 35.62 17.11
N ILE A 212 8.33 36.89 17.42
CA ILE A 212 9.41 37.87 17.45
C ILE A 212 10.54 37.38 18.33
N LYS A 213 10.19 36.94 19.53
CA LYS A 213 11.15 36.44 20.50
C LYS A 213 12.02 35.33 19.92
N GLU A 214 11.39 34.41 19.21
CA GLU A 214 12.09 33.21 18.74
C GLU A 214 12.91 33.45 17.47
N LYS A 215 12.81 34.65 16.90
CA LYS A 215 13.44 34.91 15.59
C LYS A 215 14.43 36.07 15.59
N LEU A 216 14.37 36.94 16.61
CA LEU A 216 15.17 38.17 16.60
C LEU A 216 15.90 38.47 17.91
N CYS A 217 15.57 37.73 18.98
CA CYS A 217 16.22 37.95 20.27
C CYS A 217 17.54 37.17 20.34
N TYR A 218 18.48 37.68 21.14
CA TYR A 218 19.73 36.97 21.39
C TYR A 218 20.25 37.28 22.78
N VAL A 219 21.24 36.54 23.24
CA VAL A 219 21.89 36.84 24.51
C VAL A 219 23.18 37.64 24.26
N ALA A 220 23.29 38.76 24.94
CA ALA A 220 24.45 39.63 24.85
C ALA A 220 25.59 39.09 25.72
N LEU A 221 26.77 38.97 25.12
CA LEU A 221 27.96 38.49 25.84
C LEU A 221 28.29 39.48 26.97
N ASP A 222 28.36 40.76 26.64
CA ASP A 222 28.45 41.83 27.61
C ASP A 222 27.20 42.68 27.48
N PHE A 223 26.26 42.49 28.41
CA PHE A 223 24.97 43.17 28.33
C PHE A 223 25.13 44.68 28.47
N GLU A 224 26.06 45.11 29.31
CA GLU A 224 26.34 46.52 29.53
C GLU A 224 26.75 47.19 28.21
N ASN A 225 27.63 46.52 27.46
CA ASN A 225 28.17 47.08 26.22
C ASN A 225 27.09 47.15 25.14
N GLU A 226 26.30 46.08 25.00
CA GLU A 226 25.23 46.04 23.99
C GLU A 226 24.17 47.13 24.21
N MET A 227 23.84 47.40 25.47
CA MET A 227 22.88 48.45 25.78
C MET A 227 23.38 49.78 25.25
N ALA A 228 24.66 50.04 25.46
CA ALA A 228 25.26 51.29 25.06
C ALA A 228 25.46 51.35 23.55
N THR A 229 25.66 50.20 22.92
CA THR A 229 25.77 50.12 21.48
C THR A 229 24.44 50.48 20.82
N ALA A 230 23.36 49.93 21.38
CA ALA A 230 22.02 50.15 20.83
C ALA A 230 21.54 51.57 21.13
N ALA A 231 22.18 52.23 22.10
CA ALA A 231 21.80 53.57 22.50
C ALA A 231 22.50 54.64 21.68
N SER A 232 23.38 54.21 20.77
CA SER A 232 24.13 55.16 19.95
C SER A 232 24.42 54.64 18.55
N SER A 233 23.60 53.70 18.10
CA SER A 233 23.64 53.25 16.71
C SER A 233 22.44 52.38 16.39
N SER A 234 22.17 52.26 15.09
CA SER A 234 21.04 51.46 14.61
C SER A 234 21.49 50.05 14.24
N SER A 235 22.72 49.71 14.63
CA SER A 235 23.38 48.51 14.17
C SER A 235 22.79 47.22 14.74
N LEU A 236 22.05 47.35 15.84
CA LEU A 236 21.44 46.19 16.51
C LEU A 236 19.93 46.18 16.32
N GLU A 237 19.44 47.00 15.40
CA GLU A 237 18.02 47.07 15.12
C GLU A 237 17.64 46.13 13.99
N LYS A 238 16.48 45.50 14.14
CA LYS A 238 15.93 44.60 13.14
C LYS A 238 14.48 45.00 12.91
N SER A 239 13.94 44.64 11.75
CA SER A 239 12.55 44.92 11.43
C SER A 239 11.75 43.63 11.35
N TYR A 240 10.52 43.70 11.86
CA TYR A 240 9.63 42.55 11.91
C TYR A 240 8.29 42.95 11.31
N GLU A 241 7.84 42.21 10.30
CA GLU A 241 6.56 42.49 9.68
C GLU A 241 5.44 41.74 10.41
N LEU A 242 4.44 42.49 10.88
CA LEU A 242 3.30 41.89 11.55
C LEU A 242 2.36 41.28 10.51
N PRO A 243 1.45 40.40 10.95
CA PRO A 243 0.53 39.74 10.01
C PRO A 243 -0.34 40.70 9.19
N ASP A 244 -0.68 41.87 9.73
CA ASP A 244 -1.50 42.83 8.97
C ASP A 244 -0.65 43.66 8.01
N GLY A 245 0.66 43.44 8.01
CA GLY A 245 1.56 44.14 7.11
C GLY A 245 2.41 45.20 7.78
N GLN A 246 2.00 45.64 8.97
CA GLN A 246 2.74 46.68 9.69
C GLN A 246 4.15 46.20 10.02
N VAL A 247 5.12 47.07 9.75
CA VAL A 247 6.52 46.77 10.03
C VAL A 247 6.98 47.53 11.27
N ILE A 248 7.44 46.80 12.27
CA ILE A 248 7.91 47.37 13.52
C ILE A 248 9.42 47.19 13.63
N THR A 249 10.05 48.01 14.46
CA THR A 249 11.50 47.95 14.67
C THR A 249 11.78 47.55 16.11
N ILE A 250 12.71 46.62 16.28
CA ILE A 250 13.11 46.14 17.60
C ILE A 250 14.61 46.37 17.78
N GLY A 251 14.96 47.13 18.80
CA GLY A 251 16.35 47.44 19.09
C GLY A 251 16.87 46.63 20.25
N ASN A 252 17.11 47.28 21.38
CA ASN A 252 17.73 46.64 22.53
C ASN A 252 16.83 45.58 23.15
N GLU A 253 15.54 45.62 22.83
CA GLU A 253 14.58 44.63 23.31
C GLU A 253 14.99 43.20 22.91
N ARG A 254 15.74 43.08 21.82
CA ARG A 254 16.26 41.80 21.37
C ARG A 254 17.06 41.08 22.46
N PHE A 255 17.94 41.79 23.16
CA PHE A 255 18.78 41.16 24.17
C PHE A 255 18.37 41.44 25.62
N ARG A 256 17.56 42.47 25.83
CA ARG A 256 17.04 42.73 27.18
C ARG A 256 16.07 41.64 27.57
N CYS A 257 15.44 41.02 26.58
CA CYS A 257 14.46 39.98 26.85
C CYS A 257 15.10 38.74 27.49
N PRO A 258 16.03 38.07 26.79
CA PRO A 258 16.65 36.89 27.42
C PRO A 258 17.69 37.23 28.49
N GLU A 259 18.03 38.50 28.64
CA GLU A 259 18.92 38.92 29.71
C GLU A 259 18.28 38.60 31.06
N THR A 260 16.95 38.53 31.06
CA THR A 260 16.18 38.24 32.26
C THR A 260 16.59 36.91 32.91
N LEU A 261 17.04 35.97 32.08
CA LEU A 261 17.51 34.68 32.57
C LEU A 261 18.71 34.86 33.50
N PHE A 262 19.51 35.89 33.21
CA PHE A 262 20.72 36.16 33.99
C PHE A 262 20.48 37.21 35.06
N GLN A 263 19.50 38.07 34.80
CA GLN A 263 19.08 39.08 35.77
C GLN A 263 17.56 39.02 35.95
N PRO A 264 17.10 38.06 36.76
CA PRO A 264 15.65 37.89 37.00
C PRO A 264 15.00 39.10 37.63
N SER A 265 15.81 40.08 38.05
CA SER A 265 15.28 41.29 38.66
C SER A 265 14.62 42.18 37.62
N PHE A 266 14.96 41.96 36.35
CA PHE A 266 14.31 42.65 35.24
C PHE A 266 12.81 42.46 35.29
N ILE A 267 12.38 41.27 35.70
CA ILE A 267 10.98 40.90 35.72
C ILE A 267 10.43 40.99 37.14
N GLY A 268 11.30 41.24 38.11
CA GLY A 268 10.89 41.41 39.49
C GLY A 268 11.03 40.15 40.34
N MET A 269 12.10 39.39 40.13
CA MET A 269 12.39 38.22 40.96
C MET A 269 13.61 38.46 41.84
N GLU A 270 13.49 38.07 43.11
CA GLU A 270 14.61 38.06 44.02
C GLU A 270 15.60 36.95 43.68
N SER A 271 15.22 36.10 42.73
CA SER A 271 15.98 34.91 42.36
C SER A 271 17.33 35.22 41.71
N ALA A 272 18.20 34.22 41.64
CA ALA A 272 19.49 34.34 40.97
C ALA A 272 19.36 33.99 39.50
N GLY A 273 20.36 34.38 38.71
CA GLY A 273 20.40 34.07 37.28
C GLY A 273 20.65 32.60 37.03
N ILE A 274 20.57 32.18 35.76
CA ILE A 274 20.80 30.79 35.41
C ILE A 274 22.28 30.41 35.51
N HIS A 275 23.16 31.39 35.46
CA HIS A 275 24.59 31.13 35.63
C HIS A 275 24.89 30.79 37.08
N GLU A 276 24.25 31.51 37.99
CA GLU A 276 24.44 31.27 39.43
C GLU A 276 23.81 29.97 39.89
N THR A 277 22.62 29.65 39.39
CA THR A 277 21.95 28.40 39.79
C THR A 277 22.71 27.20 39.23
N THR A 278 23.37 27.39 38.09
CA THR A 278 24.22 26.36 37.53
C THR A 278 25.42 26.17 38.44
N TYR A 279 26.08 27.29 38.76
CA TYR A 279 27.22 27.29 39.67
C TYR A 279 26.87 26.67 41.01
N ASN A 280 25.82 27.19 41.64
CA ASN A 280 25.42 26.72 42.95
C ASN A 280 25.05 25.24 42.94
N SER A 281 24.51 24.77 41.82
CA SER A 281 24.16 23.37 41.69
C SER A 281 25.40 22.48 41.73
N ILE A 282 26.45 22.86 41.02
CA ILE A 282 27.69 22.10 41.02
C ILE A 282 28.31 22.04 42.41
N MET A 283 28.26 23.15 43.12
CA MET A 283 28.93 23.24 44.43
C MET A 283 28.27 22.35 45.47
N LYS A 284 27.01 22.01 45.26
CA LYS A 284 26.31 21.06 46.14
C LYS A 284 26.76 19.63 45.87
N CYS A 285 27.47 19.43 44.76
CA CYS A 285 27.93 18.09 44.39
C CYS A 285 29.31 17.82 44.97
N ASP A 286 29.63 16.54 45.10
CA ASP A 286 30.91 16.11 45.65
C ASP A 286 32.08 16.69 44.86
N ILE A 287 33.14 17.05 45.56
CA ILE A 287 34.29 17.72 44.95
C ILE A 287 34.87 16.89 43.80
N ASP A 288 34.76 15.57 43.94
CA ASP A 288 35.36 14.65 42.99
C ASP A 288 34.76 14.81 41.59
N ILE A 289 33.44 14.98 41.53
CA ILE A 289 32.72 15.01 40.26
C ILE A 289 32.49 16.42 39.69
N ARG A 290 32.84 17.45 40.46
CA ARG A 290 32.60 18.83 40.03
C ARG A 290 33.29 19.18 38.70
N LYS A 291 34.54 18.73 38.55
CA LYS A 291 35.29 19.00 37.34
C LYS A 291 34.60 18.38 36.13
N ASP A 292 34.01 17.21 36.31
CA ASP A 292 33.26 16.55 35.25
C ASP A 292 32.02 17.37 34.89
N LEU A 293 31.39 17.97 35.89
CA LEU A 293 30.19 18.77 35.66
C LEU A 293 30.55 20.06 34.92
N TYR A 294 31.50 20.82 35.46
CA TYR A 294 31.98 22.05 34.83
C TYR A 294 32.29 21.85 33.35
N ALA A 295 32.84 20.69 33.02
CA ALA A 295 33.28 20.42 31.66
C ALA A 295 32.17 19.82 30.81
N ASN A 296 30.97 19.70 31.38
CA ASN A 296 29.85 19.08 30.67
C ASN A 296 28.52 19.74 31.00
N ASN A 297 28.46 21.05 30.83
CA ASN A 297 27.20 21.78 30.88
C ASN A 297 26.41 21.56 29.60
N VAL A 298 25.37 20.74 29.68
CA VAL A 298 24.52 20.48 28.52
C VAL A 298 23.24 21.29 28.67
N MET A 299 22.89 22.03 27.62
CA MET A 299 21.72 22.90 27.67
C MET A 299 20.57 22.34 26.87
N SER A 300 19.38 22.48 27.44
CA SER A 300 18.20 21.73 27.00
C SER A 300 16.98 22.65 27.06
N GLY A 301 16.12 22.55 26.04
CA GLY A 301 14.85 23.25 26.05
C GLY A 301 14.84 24.52 25.21
N GLY A 302 13.64 24.89 24.77
CA GLY A 302 13.44 25.99 23.85
C GLY A 302 14.03 27.32 24.29
N THR A 303 14.04 27.57 25.59
CA THR A 303 14.47 28.85 26.12
C THR A 303 16.00 28.95 26.15
N THR A 304 16.69 27.88 25.76
CA THR A 304 18.15 27.92 25.60
C THR A 304 18.54 28.06 24.13
N MET A 305 17.56 28.33 23.27
CA MET A 305 17.80 28.42 21.83
C MET A 305 18.31 29.78 21.38
N TYR A 306 18.42 30.73 22.32
CA TYR A 306 18.89 32.06 21.98
C TYR A 306 20.32 31.99 21.43
N PRO A 307 20.64 32.83 20.45
CA PRO A 307 22.05 32.97 20.02
C PRO A 307 22.96 33.57 21.10
N GLY A 308 24.17 33.02 21.21
CA GLY A 308 25.18 33.55 22.10
C GLY A 308 24.97 33.26 23.58
N ILE A 309 23.97 32.47 23.90
CA ILE A 309 23.68 32.12 25.29
C ILE A 309 24.78 31.19 25.84
N ALA A 310 25.28 30.31 24.99
CA ALA A 310 26.38 29.41 25.38
C ALA A 310 27.64 30.21 25.71
N ASP A 311 28.01 31.14 24.83
CA ASP A 311 29.21 31.94 25.04
C ASP A 311 29.09 32.80 26.30
N ARG A 312 27.86 33.16 26.63
CA ARG A 312 27.60 33.95 27.84
C ARG A 312 27.75 33.08 29.08
N MET A 313 27.20 31.86 29.05
CA MET A 313 27.38 30.91 30.15
C MET A 313 28.86 30.57 30.32
N GLN A 314 29.56 30.44 29.19
CA GLN A 314 30.99 30.19 29.21
C GLN A 314 31.69 31.30 30.00
N LYS A 315 31.25 32.54 29.75
CA LYS A 315 31.83 33.70 30.41
C LYS A 315 31.47 33.74 31.90
N GLU A 316 30.18 33.69 32.21
CA GLU A 316 29.68 33.88 33.57
C GLU A 316 30.15 32.78 34.52
N ILE A 317 30.20 31.54 34.05
CA ILE A 317 30.66 30.45 34.91
C ILE A 317 32.14 30.58 35.21
N THR A 318 32.92 30.97 34.20
CA THR A 318 34.36 31.17 34.34
C THR A 318 34.67 32.19 35.44
N ALA A 319 33.82 33.21 35.55
CA ALA A 319 33.99 34.25 36.55
C ALA A 319 33.62 33.74 37.95
N LEU A 320 32.90 32.62 38.00
CA LEU A 320 32.42 32.06 39.25
C LEU A 320 33.23 30.86 39.70
N ALA A 321 33.84 30.17 38.74
CA ALA A 321 34.59 28.96 39.01
C ALA A 321 36.04 29.25 39.38
N PRO A 322 36.73 28.27 39.96
CA PRO A 322 38.18 28.36 40.18
C PRO A 322 38.94 28.67 38.89
N SER A 323 39.96 29.52 39.00
CA SER A 323 40.68 30.03 37.83
C SER A 323 41.32 28.92 36.99
N THR A 324 41.54 27.76 37.60
CA THR A 324 42.15 26.63 36.89
C THR A 324 41.12 25.75 36.20
N MET A 325 39.84 25.99 36.49
CA MET A 325 38.78 25.05 36.11
C MET A 325 38.48 25.05 34.61
N LYS A 326 38.52 23.88 34.01
CA LYS A 326 38.16 23.72 32.60
C LYS A 326 36.65 23.65 32.47
N ILE A 327 36.10 24.58 31.69
CA ILE A 327 34.66 24.74 31.56
C ILE A 327 34.24 24.62 30.10
N LYS A 328 33.25 23.79 29.84
CA LYS A 328 32.72 23.62 28.49
C LYS A 328 31.19 23.62 28.51
N ILE A 329 30.61 24.40 27.61
CA ILE A 329 29.16 24.51 27.49
C ILE A 329 28.71 23.88 26.19
N ILE A 330 27.99 22.76 26.30
CA ILE A 330 27.48 22.04 25.14
C ILE A 330 26.02 22.45 24.90
N ALA A 331 25.76 23.01 23.71
CA ALA A 331 24.41 23.46 23.34
C ALA A 331 24.00 22.85 22.01
N PRO A 332 23.50 21.61 22.02
CA PRO A 332 23.19 20.91 20.78
C PRO A 332 22.16 21.66 19.91
N PRO A 333 22.33 21.65 18.59
CA PRO A 333 21.40 22.35 17.69
C PRO A 333 19.96 21.85 17.78
N GLU A 334 19.78 20.63 18.26
CA GLU A 334 18.44 20.03 18.35
C GLU A 334 17.92 20.05 19.77
N ARG A 335 18.43 20.96 20.59
CA ARG A 335 18.15 20.94 22.02
C ARG A 335 16.71 21.31 22.36
N LYS A 336 15.95 21.78 21.38
CA LYS A 336 14.54 22.07 21.58
C LYS A 336 13.76 20.78 21.83
N TYR A 337 14.29 19.66 21.33
CA TYR A 337 13.67 18.35 21.51
C TYR A 337 14.66 17.38 22.15
N SER A 338 15.64 17.93 22.84
CA SER A 338 16.67 17.15 23.54
C SER A 338 16.07 16.09 24.46
N VAL A 339 15.10 16.50 25.27
CA VAL A 339 14.42 15.60 26.20
C VAL A 339 13.72 14.47 25.46
N TRP A 340 13.03 14.79 24.38
CA TRP A 340 12.27 13.77 23.66
C TRP A 340 13.21 12.77 22.99
N ILE A 341 14.22 13.30 22.30
CA ILE A 341 15.18 12.47 21.60
C ILE A 341 15.85 11.50 22.57
N GLY A 342 16.13 11.98 23.78
CA GLY A 342 16.73 11.15 24.81
C GLY A 342 15.90 9.94 25.18
N GLY A 343 14.60 10.13 25.34
CA GLY A 343 13.69 9.05 25.64
C GLY A 343 13.64 8.06 24.48
N SER A 344 13.67 8.59 23.27
CA SER A 344 13.64 7.78 22.06
C SER A 344 14.89 6.90 21.95
N ILE A 345 16.01 7.38 22.49
CA ILE A 345 17.25 6.61 22.50
C ILE A 345 17.21 5.56 23.61
N LEU A 346 16.82 5.99 24.81
CA LEU A 346 16.71 5.11 25.96
C LEU A 346 15.79 3.93 25.66
N ALA A 347 14.63 4.22 25.07
CA ALA A 347 13.63 3.20 24.80
C ALA A 347 14.03 2.30 23.63
N SER A 348 15.09 2.66 22.92
CA SER A 348 15.55 1.89 21.76
C SER A 348 16.59 0.85 22.15
N LEU A 349 17.11 0.94 23.37
CA LEU A 349 18.12 -0.01 23.84
C LEU A 349 17.48 -1.37 24.15
N SER A 350 18.19 -2.44 23.81
CA SER A 350 17.71 -3.78 24.13
C SER A 350 17.69 -3.97 25.63
N THR A 351 18.73 -3.44 26.27
CA THR A 351 18.91 -3.58 27.71
C THR A 351 17.77 -2.91 28.50
N PHE A 352 17.17 -1.88 27.91
CA PHE A 352 16.09 -1.15 28.56
C PHE A 352 14.77 -1.91 28.56
N GLN A 353 14.67 -2.96 27.74
CA GLN A 353 13.40 -3.65 27.57
C GLN A 353 12.91 -4.35 28.85
N GLN A 354 13.84 -4.81 29.66
CA GLN A 354 13.49 -5.42 30.94
C GLN A 354 13.10 -4.35 31.96
N MET A 355 13.45 -3.10 31.67
CA MET A 355 13.24 -2.01 32.62
C MET A 355 11.82 -1.42 32.55
N TRP A 356 11.05 -1.79 31.53
CA TRP A 356 9.66 -1.37 31.46
C TRP A 356 8.90 -1.94 32.66
N ILE A 357 7.91 -1.19 33.12
CA ILE A 357 6.94 -1.73 34.07
C ILE A 357 5.84 -2.40 33.24
N THR A 358 5.75 -3.72 33.33
CA THR A 358 4.75 -4.45 32.57
C THR A 358 3.40 -4.42 33.28
N LYS A 359 2.32 -4.66 32.54
CA LYS A 359 0.98 -4.62 33.11
C LYS A 359 0.79 -5.71 34.16
N GLN A 360 1.47 -6.83 33.99
CA GLN A 360 1.44 -7.90 34.98
C GLN A 360 2.11 -7.43 36.26
N GLU A 361 3.25 -6.77 36.12
CA GLU A 361 3.98 -6.24 37.27
C GLU A 361 3.14 -5.21 38.03
N TYR A 362 2.24 -4.54 37.31
CA TYR A 362 1.41 -3.52 37.92
C TYR A 362 0.22 -4.15 38.65
N ASP A 363 -0.36 -5.17 38.04
CA ASP A 363 -1.48 -5.89 38.63
C ASP A 363 -1.07 -6.61 39.90
N GLU A 364 0.23 -6.86 40.07
CA GLU A 364 0.74 -7.64 41.19
C GLU A 364 1.28 -6.80 42.34
N ALA A 365 1.73 -5.57 42.04
CA ALA A 365 2.38 -4.72 43.04
C ALA A 365 1.71 -3.35 43.16
N GLY A 366 0.84 -3.02 42.20
CA GLY A 366 0.15 -1.73 42.21
C GLY A 366 1.05 -0.58 41.83
N PRO A 367 0.52 0.65 41.90
CA PRO A 367 1.24 1.87 41.50
C PRO A 367 2.55 2.09 42.24
N SER A 368 2.76 1.40 43.36
CA SER A 368 4.00 1.55 44.11
C SER A 368 5.15 0.76 43.50
N ILE A 369 4.90 0.07 42.39
CA ILE A 369 5.96 -0.65 41.70
C ILE A 369 6.93 0.34 41.04
N VAL A 370 6.45 1.55 40.80
CA VAL A 370 7.25 2.56 40.11
C VAL A 370 8.41 3.06 40.98
N HIS A 371 8.33 2.78 42.28
CA HIS A 371 9.38 3.20 43.21
C HIS A 371 10.59 2.28 43.17
N ARG A 372 10.50 1.21 42.38
CA ARG A 372 11.56 0.21 42.33
C ARG A 372 12.04 0.02 40.91
N LYS A 373 11.25 0.52 39.95
CA LYS A 373 11.58 0.41 38.53
C LYS A 373 12.10 1.74 37.97
N CYS A 374 11.51 2.83 38.41
CA CYS A 374 11.88 4.16 37.91
C CYS A 374 12.71 4.91 38.94
N THR B 5 -22.59 13.80 11.27
CA THR B 5 -21.46 13.58 10.37
C THR B 5 -21.14 14.83 9.57
N THR B 6 -19.87 14.95 9.17
CA THR B 6 -19.39 16.10 8.42
C THR B 6 -18.74 15.67 7.10
N ALA B 7 -18.93 16.47 6.05
CA ALA B 7 -18.44 16.14 4.72
C ALA B 7 -16.93 16.33 4.59
N LEU B 8 -16.35 15.69 3.58
CA LEU B 8 -14.92 15.77 3.31
C LEU B 8 -14.64 16.48 1.98
N VAL B 9 -13.56 17.26 1.96
CA VAL B 9 -13.12 17.95 0.74
C VAL B 9 -11.65 17.62 0.45
N CYS B 10 -11.42 16.99 -0.69
CA CYS B 10 -10.07 16.57 -1.08
C CYS B 10 -9.68 17.18 -2.42
N ASP B 11 -8.73 18.12 -2.37
CA ASP B 11 -8.20 18.75 -3.57
C ASP B 11 -6.98 17.96 -4.06
N ASN B 12 -7.16 17.22 -5.14
CA ASN B 12 -6.11 16.33 -5.64
C ASN B 12 -5.14 17.07 -6.54
N GLY B 13 -4.18 17.75 -5.91
CA GLY B 13 -3.24 18.60 -6.63
C GLY B 13 -2.10 17.87 -7.29
N SER B 14 -1.48 18.51 -8.27
CA SER B 14 -0.38 17.92 -9.01
C SER B 14 0.90 17.90 -8.19
N GLY B 15 0.94 18.73 -7.15
CA GLY B 15 2.09 18.83 -6.28
C GLY B 15 1.72 18.56 -4.84
N LEU B 16 0.59 19.14 -4.43
CA LEU B 16 0.12 19.03 -3.05
C LEU B 16 -1.34 18.65 -2.99
N VAL B 17 -1.65 17.63 -2.19
CA VAL B 17 -3.02 17.31 -1.85
C VAL B 17 -3.45 18.21 -0.70
N LYS B 18 -4.57 18.90 -0.88
CA LYS B 18 -5.17 19.69 0.19
C LYS B 18 -6.45 18.98 0.65
N ALA B 19 -6.45 18.54 1.90
CA ALA B 19 -7.57 17.78 2.45
C ALA B 19 -8.09 18.39 3.76
N GLY B 20 -9.35 18.12 4.06
CA GLY B 20 -10.00 18.70 5.22
C GLY B 20 -11.49 18.39 5.28
N PHE B 21 -12.22 19.15 6.08
CA PHE B 21 -13.65 18.96 6.29
C PHE B 21 -14.44 20.16 5.80
N ALA B 22 -15.55 19.91 5.10
CA ALA B 22 -16.39 20.99 4.61
C ALA B 22 -16.86 21.86 5.78
N GLY B 23 -16.90 23.16 5.56
CA GLY B 23 -17.26 24.12 6.60
C GLY B 23 -16.05 24.74 7.26
N ASP B 24 -14.90 24.11 7.12
CA ASP B 24 -13.69 24.57 7.80
C ASP B 24 -13.06 25.81 7.16
N ASP B 25 -12.20 26.45 7.93
CA ASP B 25 -11.53 27.68 7.55
C ASP B 25 -10.53 27.43 6.42
N ALA B 26 -9.79 26.34 6.54
CA ALA B 26 -8.72 26.00 5.62
C ALA B 26 -8.58 24.48 5.59
N PRO B 27 -7.70 23.95 4.71
CA PRO B 27 -7.46 22.50 4.76
C PRO B 27 -6.74 22.04 6.01
N ARG B 28 -7.15 20.89 6.53
CA ARG B 28 -6.59 20.31 7.75
C ARG B 28 -5.30 19.55 7.43
N ALA B 29 -5.17 19.12 6.19
CA ALA B 29 -4.00 18.34 5.75
C ALA B 29 -3.49 18.86 4.41
N VAL B 30 -2.18 19.11 4.35
CA VAL B 30 -1.53 19.52 3.11
C VAL B 30 -0.21 18.77 2.97
N PHE B 31 -0.12 17.91 1.95
CA PHE B 31 1.07 17.07 1.78
C PHE B 31 1.36 16.79 0.31
N PRO B 32 2.60 16.40 -0.02
CA PRO B 32 2.99 16.09 -1.40
C PRO B 32 2.21 14.93 -2.03
N SER B 33 1.85 15.10 -3.30
CA SER B 33 1.12 14.08 -4.04
C SER B 33 2.11 13.05 -4.58
N ILE B 34 2.85 12.40 -3.68
CA ILE B 34 3.90 11.47 -4.07
C ILE B 34 3.71 10.09 -3.44
N VAL B 35 3.93 9.05 -4.24
CA VAL B 35 3.87 7.67 -3.78
C VAL B 35 5.25 7.03 -3.91
N GLY B 36 5.78 6.54 -2.80
CA GLY B 36 7.09 5.90 -2.80
C GLY B 36 7.03 4.41 -2.46
N ARG B 37 7.81 3.60 -3.18
CA ARG B 37 7.86 2.16 -2.94
C ARG B 37 9.25 1.61 -3.33
N PRO B 38 9.75 0.60 -2.60
CA PRO B 38 11.14 0.14 -2.73
C PRO B 38 11.57 -0.28 -4.15
N ARG B 39 12.89 -0.30 -4.37
CA ARG B 39 13.47 -0.63 -5.67
C ARG B 39 14.62 -1.65 -5.54
N GLN B 49 9.65 0.11 6.59
CA GLN B 49 9.11 -1.18 6.97
C GLN B 49 7.75 -1.43 6.30
N LYS B 50 7.47 -0.69 5.23
CA LYS B 50 6.20 -0.80 4.51
C LYS B 50 6.41 -1.00 3.00
N ASP B 51 5.32 -1.24 2.29
CA ASP B 51 5.36 -1.44 0.85
C ASP B 51 5.04 -0.17 0.08
N SER B 52 4.47 0.81 0.76
CA SER B 52 4.20 2.10 0.14
C SER B 52 4.09 3.23 1.16
N TYR B 53 4.85 4.29 0.94
CA TYR B 53 4.76 5.51 1.74
C TYR B 53 4.08 6.58 0.90
N VAL B 54 3.40 7.51 1.57
CA VAL B 54 2.69 8.58 0.89
C VAL B 54 2.90 9.91 1.61
N GLY B 55 3.24 10.94 0.83
CA GLY B 55 3.32 12.29 1.36
C GLY B 55 4.74 12.71 1.72
N ASP B 56 4.89 13.28 2.91
CA ASP B 56 6.16 13.82 3.37
C ASP B 56 7.20 12.71 3.60
N GLU B 57 6.82 11.66 4.32
CA GLU B 57 7.76 10.60 4.66
C GLU B 57 8.16 9.79 3.43
N ALA B 58 7.46 10.01 2.32
CA ALA B 58 7.79 9.33 1.08
C ALA B 58 9.04 9.94 0.44
N GLN B 59 9.26 11.25 0.65
CA GLN B 59 10.41 11.94 0.06
C GLN B 59 11.56 12.06 1.07
N SER B 60 11.30 11.75 2.33
CA SER B 60 12.36 11.69 3.32
C SER B 60 13.17 10.43 3.07
N LYS B 61 12.47 9.35 2.73
CA LYS B 61 13.10 8.08 2.42
C LYS B 61 13.18 7.90 0.90
N ARG B 62 13.38 9.00 0.19
CA ARG B 62 13.38 8.97 -1.28
C ARG B 62 14.53 8.14 -1.83
N GLY B 63 15.57 7.94 -1.01
CA GLY B 63 16.74 7.20 -1.43
C GLY B 63 16.46 5.71 -1.53
N ILE B 64 15.63 5.20 -0.63
CA ILE B 64 15.33 3.77 -0.57
C ILE B 64 14.02 3.42 -1.29
N LEU B 65 13.35 4.44 -1.83
CA LEU B 65 12.07 4.25 -2.52
C LEU B 65 12.15 4.69 -3.99
N THR B 66 11.11 4.33 -4.75
CA THR B 66 10.91 4.84 -6.10
C THR B 66 9.72 5.80 -6.08
N LEU B 67 10.00 7.09 -6.28
CA LEU B 67 8.95 8.09 -6.23
C LEU B 67 8.12 8.13 -7.51
N LYS B 68 6.79 8.15 -7.33
CA LYS B 68 5.86 8.22 -8.43
C LYS B 68 5.07 9.52 -8.34
N TYR B 69 4.81 10.14 -9.49
CA TYR B 69 4.07 11.40 -9.57
C TYR B 69 2.75 11.16 -10.30
N PRO B 70 1.73 10.68 -9.57
CA PRO B 70 0.51 10.18 -10.22
C PRO B 70 -0.45 11.27 -10.71
N ILE B 71 -0.30 12.50 -10.22
CA ILE B 71 -1.23 13.57 -10.59
C ILE B 71 -0.53 14.76 -11.25
N GLU B 72 0.70 14.57 -11.70
CA GLU B 72 1.41 15.67 -12.33
C GLU B 72 0.65 16.14 -13.56
N HIS B 73 0.81 17.41 -13.88
CA HIS B 73 0.06 18.04 -14.99
C HIS B 73 -1.45 18.03 -14.77
N GLY B 74 -1.87 17.75 -13.53
CA GLY B 74 -3.25 17.94 -13.12
C GLY B 74 -4.17 16.72 -13.22
N ILE B 75 -3.89 15.86 -14.18
CA ILE B 75 -4.74 14.70 -14.45
C ILE B 75 -4.12 13.44 -13.88
N ILE B 76 -4.95 12.57 -13.31
CA ILE B 76 -4.49 11.35 -12.66
C ILE B 76 -4.17 10.28 -13.70
N THR B 77 -2.93 9.79 -13.67
CA THR B 77 -2.46 8.83 -14.67
C THR B 77 -2.31 7.40 -14.15
N ASN B 78 -2.13 7.24 -12.84
CA ASN B 78 -2.00 5.93 -12.22
C ASN B 78 -2.99 5.75 -11.07
N TRP B 79 -3.89 4.79 -11.22
CA TRP B 79 -4.98 4.59 -10.26
C TRP B 79 -4.58 3.75 -9.05
N ASP B 80 -3.51 2.99 -9.17
CA ASP B 80 -2.97 2.25 -8.03
C ASP B 80 -2.25 3.22 -7.10
N ASP B 81 -1.47 4.13 -7.67
CA ASP B 81 -0.79 5.16 -6.90
C ASP B 81 -1.80 6.08 -6.23
N MET B 82 -2.85 6.44 -6.97
CA MET B 82 -3.81 7.41 -6.47
C MET B 82 -4.63 6.80 -5.35
N GLU B 83 -4.89 5.50 -5.45
CA GLU B 83 -5.60 4.76 -4.42
C GLU B 83 -4.85 4.85 -3.09
N LYS B 84 -3.52 4.81 -3.16
CA LYS B 84 -2.69 4.91 -1.97
C LYS B 84 -2.77 6.31 -1.36
N ILE B 85 -2.81 7.35 -2.19
CA ILE B 85 -2.89 8.72 -1.70
C ILE B 85 -4.23 8.96 -1.00
N TRP B 86 -5.32 8.45 -1.58
CA TRP B 86 -6.64 8.63 -0.99
C TRP B 86 -6.77 7.85 0.32
N HIS B 87 -6.20 6.66 0.36
CA HIS B 87 -6.16 5.86 1.59
C HIS B 87 -5.39 6.59 2.68
N HIS B 88 -4.24 7.16 2.31
CA HIS B 88 -3.40 7.91 3.24
C HIS B 88 -4.08 9.19 3.72
N THR B 89 -5.03 9.69 2.94
CA THR B 89 -5.71 10.94 3.25
C THR B 89 -6.85 10.72 4.25
N PHE B 90 -7.70 9.74 3.98
CA PHE B 90 -8.84 9.46 4.86
C PHE B 90 -8.36 8.97 6.22
N TYR B 91 -7.36 8.09 6.21
CA TYR B 91 -6.89 7.47 7.44
C TYR B 91 -5.71 8.21 8.05
N ASN B 92 -4.53 8.12 7.43
CA ASN B 92 -3.29 8.62 8.05
C ASN B 92 -3.18 10.13 8.21
N GLU B 93 -4.09 10.89 7.62
CA GLU B 93 -4.03 12.35 7.67
C GLU B 93 -5.25 13.00 8.32
N LEU B 94 -6.45 12.52 8.01
CA LEU B 94 -7.69 13.11 8.51
C LEU B 94 -8.37 12.29 9.61
N ARG B 95 -7.92 11.06 9.78
CA ARG B 95 -8.52 10.12 10.74
C ARG B 95 -10.05 10.07 10.67
N VAL B 96 -10.57 9.58 9.55
CA VAL B 96 -12.01 9.38 9.40
C VAL B 96 -12.32 8.07 8.70
N ALA B 97 -13.54 7.58 8.92
CA ALA B 97 -14.05 6.41 8.21
C ALA B 97 -14.73 6.88 6.92
N PRO B 98 -14.12 6.62 5.76
CA PRO B 98 -14.69 7.18 4.52
C PRO B 98 -16.16 6.81 4.29
N GLU B 99 -16.61 5.71 4.88
CA GLU B 99 -17.99 5.28 4.73
C GLU B 99 -18.96 6.09 5.59
N GLU B 100 -18.42 6.90 6.49
CA GLU B 100 -19.26 7.71 7.37
C GLU B 100 -19.40 9.14 6.86
N HIS B 101 -18.46 9.56 6.01
CA HIS B 101 -18.40 10.95 5.54
C HIS B 101 -18.53 11.07 4.02
N PRO B 102 -19.45 11.94 3.54
CA PRO B 102 -19.49 12.23 2.11
C PRO B 102 -18.19 12.90 1.65
N THR B 103 -17.78 12.65 0.41
CA THR B 103 -16.47 13.09 -0.06
C THR B 103 -16.56 13.91 -1.34
N LEU B 104 -16.09 15.15 -1.28
CA LEU B 104 -15.96 15.99 -2.47
C LEU B 104 -14.53 15.92 -3.00
N LEU B 105 -14.39 15.44 -4.22
CA LEU B 105 -13.09 15.43 -4.89
C LEU B 105 -13.04 16.60 -5.86
N THR B 106 -11.85 17.13 -6.09
CA THR B 106 -11.65 18.13 -7.14
C THR B 106 -11.01 17.47 -8.35
N GLU B 107 -11.20 18.07 -9.52
CA GLU B 107 -10.59 17.58 -10.74
C GLU B 107 -10.00 18.75 -11.53
N ALA B 108 -9.03 18.44 -12.38
CA ALA B 108 -8.44 19.44 -13.26
C ALA B 108 -9.46 19.82 -14.32
N PRO B 109 -9.35 21.03 -14.87
CA PRO B 109 -10.13 21.41 -16.04
C PRO B 109 -9.86 20.47 -17.21
N LEU B 110 -10.89 20.20 -18.00
CA LEU B 110 -10.80 19.30 -19.15
C LEU B 110 -10.38 17.89 -18.75
N ASN B 111 -10.75 17.49 -17.54
CA ASN B 111 -10.54 16.12 -17.12
C ASN B 111 -11.53 15.22 -17.88
N PRO B 112 -11.03 14.25 -18.67
CA PRO B 112 -11.91 13.45 -19.53
C PRO B 112 -12.91 12.59 -18.75
N LYS B 113 -13.96 12.16 -19.44
CA LYS B 113 -15.06 11.44 -18.82
C LYS B 113 -14.62 10.13 -18.21
N ALA B 114 -13.75 9.41 -18.92
CA ALA B 114 -13.26 8.12 -18.45
C ALA B 114 -12.51 8.27 -17.14
N ASN B 115 -12.02 9.48 -16.88
CA ASN B 115 -11.29 9.79 -15.66
C ASN B 115 -12.21 9.99 -14.47
N ARG B 116 -13.24 10.81 -14.66
CA ARG B 116 -14.20 11.11 -13.59
C ARG B 116 -14.89 9.83 -13.17
N GLU B 117 -15.16 8.96 -14.13
CA GLU B 117 -15.86 7.71 -13.87
C GLU B 117 -15.03 6.81 -12.95
N LYS B 118 -13.73 6.73 -13.18
CA LYS B 118 -12.88 5.89 -12.34
C LYS B 118 -12.64 6.51 -10.97
N MET B 119 -12.72 7.83 -10.88
CA MET B 119 -12.66 8.51 -9.59
C MET B 119 -13.89 8.14 -8.78
N THR B 120 -15.04 8.19 -9.44
CA THR B 120 -16.32 7.84 -8.82
C THR B 120 -16.37 6.34 -8.46
N GLN B 121 -15.78 5.50 -9.31
CA GLN B 121 -15.79 4.07 -9.08
C GLN B 121 -15.00 3.72 -7.82
N ILE B 122 -13.82 4.31 -7.69
CA ILE B 122 -12.94 4.03 -6.57
C ILE B 122 -13.57 4.50 -5.26
N MET B 123 -14.17 5.68 -5.26
CA MET B 123 -14.77 6.25 -4.04
C MET B 123 -15.83 5.32 -3.44
N PHE B 124 -16.58 4.63 -4.30
CA PHE B 124 -17.69 3.81 -3.84
C PHE B 124 -17.34 2.35 -3.64
N GLU B 125 -16.40 1.84 -4.42
CA GLU B 125 -16.08 0.41 -4.39
C GLU B 125 -14.82 0.11 -3.59
N THR B 126 -13.93 1.09 -3.49
CA THR B 126 -12.64 0.90 -2.83
C THR B 126 -12.59 1.57 -1.47
N PHE B 127 -13.41 2.60 -1.28
CA PHE B 127 -13.49 3.30 0.01
C PHE B 127 -14.90 3.30 0.55
N ASN B 128 -15.85 2.89 -0.27
CA ASN B 128 -17.23 2.69 0.17
C ASN B 128 -17.78 3.93 0.88
N VAL B 129 -17.69 5.07 0.21
CA VAL B 129 -18.25 6.29 0.77
C VAL B 129 -19.76 6.24 0.61
N PRO B 130 -20.50 6.98 1.44
CA PRO B 130 -21.97 7.01 1.33
C PRO B 130 -22.42 7.93 0.20
N ALA B 131 -21.58 8.91 -0.13
CA ALA B 131 -21.90 9.87 -1.17
C ALA B 131 -20.63 10.60 -1.61
N MET B 132 -20.60 11.02 -2.86
CA MET B 132 -19.44 11.76 -3.37
C MET B 132 -19.79 12.73 -4.49
N TYR B 133 -18.82 13.54 -4.90
CA TYR B 133 -18.98 14.53 -5.95
C TYR B 133 -17.63 14.96 -6.49
N VAL B 134 -17.55 15.22 -7.79
CA VAL B 134 -16.34 15.74 -8.41
C VAL B 134 -16.56 17.17 -8.96
N ALA B 135 -15.70 18.10 -8.54
CA ALA B 135 -15.80 19.50 -8.97
C ALA B 135 -14.52 20.01 -9.63
N ILE B 136 -14.68 20.87 -10.63
CA ILE B 136 -13.55 21.51 -11.29
C ILE B 136 -12.88 22.49 -10.33
N GLN B 137 -11.56 22.41 -10.21
CA GLN B 137 -10.80 23.21 -9.27
C GLN B 137 -10.96 24.72 -9.47
N ALA B 138 -10.80 25.16 -10.72
CA ALA B 138 -10.98 26.57 -11.07
C ALA B 138 -12.33 27.09 -10.62
N VAL B 139 -13.38 26.31 -10.89
CA VAL B 139 -14.74 26.70 -10.57
C VAL B 139 -14.87 26.96 -9.06
N LEU B 140 -14.29 26.08 -8.26
CA LEU B 140 -14.30 26.22 -6.80
C LEU B 140 -13.61 27.50 -6.33
N SER B 141 -12.46 27.82 -6.93
CA SER B 141 -11.72 29.04 -6.59
C SER B 141 -12.59 30.28 -6.80
N LEU B 142 -13.32 30.31 -7.90
CA LEU B 142 -14.17 31.44 -8.23
C LEU B 142 -15.27 31.58 -7.19
N TYR B 143 -15.84 30.45 -6.78
CA TYR B 143 -16.86 30.43 -5.75
C TYR B 143 -16.31 31.05 -4.46
N ALA B 144 -15.06 30.70 -4.13
CA ALA B 144 -14.43 31.19 -2.92
C ALA B 144 -14.27 32.72 -2.91
N SER B 145 -14.25 33.32 -4.09
CA SER B 145 -14.13 34.78 -4.20
C SER B 145 -15.51 35.43 -4.24
N GLY B 146 -16.56 34.64 -4.09
CA GLY B 146 -17.92 35.15 -4.08
C GLY B 146 -18.42 35.52 -5.45
N ARG B 147 -18.02 34.74 -6.46
CA ARG B 147 -18.42 34.98 -7.83
C ARG B 147 -18.88 33.68 -8.47
N THR B 148 -19.83 33.79 -9.38
CA THR B 148 -20.21 32.67 -10.22
C THR B 148 -19.82 32.99 -11.67
N THR B 149 -19.35 34.20 -11.91
CA THR B 149 -18.89 34.64 -13.22
C THR B 149 -17.51 35.30 -13.11
N GLY B 150 -16.65 35.05 -14.09
CA GLY B 150 -15.28 35.52 -14.09
C GLY B 150 -14.35 34.49 -14.68
N ILE B 151 -13.13 34.90 -15.03
CA ILE B 151 -12.14 33.98 -15.57
C ILE B 151 -11.05 33.73 -14.53
N VAL B 152 -10.77 32.44 -14.29
CA VAL B 152 -9.79 32.06 -13.27
C VAL B 152 -8.45 31.74 -13.89
N LEU B 153 -7.38 32.22 -13.26
CA LEU B 153 -6.03 31.77 -13.56
C LEU B 153 -5.53 30.91 -12.43
N ASP B 154 -5.65 29.59 -12.61
CA ASP B 154 -5.13 28.63 -11.64
C ASP B 154 -3.72 28.23 -12.04
N SER B 155 -2.73 28.57 -11.22
CA SER B 155 -1.36 28.12 -11.45
C SER B 155 -0.83 27.42 -10.20
N GLY B 156 -0.64 26.11 -10.29
CA GLY B 156 -0.22 25.30 -9.16
C GLY B 156 1.22 24.83 -9.26
N ASP B 157 1.43 23.53 -9.07
CA ASP B 157 2.77 22.96 -9.10
C ASP B 157 3.18 22.51 -10.49
N GLY B 158 2.33 21.73 -11.16
CA GLY B 158 2.68 21.12 -12.43
C GLY B 158 1.94 21.61 -13.65
N VAL B 159 0.93 22.46 -13.44
CA VAL B 159 0.14 22.96 -14.56
C VAL B 159 -0.60 24.25 -14.24
N THR B 160 -0.81 25.06 -15.28
CA THR B 160 -1.54 26.31 -15.16
C THR B 160 -2.77 26.26 -16.06
N HIS B 161 -3.87 26.89 -15.64
CA HIS B 161 -5.09 26.92 -16.42
C HIS B 161 -5.77 28.29 -16.44
N ASN B 162 -6.34 28.61 -17.60
CA ASN B 162 -7.30 29.69 -17.71
C ASN B 162 -8.69 29.08 -17.91
N VAL B 163 -9.60 29.36 -16.99
CA VAL B 163 -10.93 28.79 -17.02
C VAL B 163 -11.98 29.88 -16.91
N PRO B 164 -12.55 30.31 -18.04
CA PRO B 164 -13.66 31.27 -17.99
C PRO B 164 -14.95 30.58 -17.50
N ILE B 165 -15.67 31.26 -16.62
CA ILE B 165 -16.83 30.68 -15.97
C ILE B 165 -17.97 31.69 -16.04
N TYR B 166 -19.16 31.23 -16.41
CA TYR B 166 -20.33 32.10 -16.58
C TYR B 166 -21.54 31.50 -15.88
N GLU B 167 -22.15 32.31 -15.01
CA GLU B 167 -23.34 31.89 -14.27
C GLU B 167 -23.10 30.61 -13.48
N GLY B 168 -21.84 30.36 -13.12
CA GLY B 168 -21.50 29.28 -12.21
C GLY B 168 -20.95 28.04 -12.87
N TYR B 169 -20.84 28.04 -14.20
CA TYR B 169 -20.34 26.87 -14.93
C TYR B 169 -19.18 27.26 -15.82
N ALA B 170 -18.15 26.41 -15.86
CA ALA B 170 -17.01 26.64 -16.73
C ALA B 170 -17.40 26.51 -18.19
N LEU B 171 -16.69 27.22 -19.05
CA LEU B 171 -16.89 27.12 -20.49
C LEU B 171 -15.71 26.33 -21.07
N PRO B 172 -15.88 25.01 -21.25
CA PRO B 172 -14.74 24.14 -21.59
C PRO B 172 -14.02 24.51 -22.89
N HIS B 173 -14.75 25.11 -23.81
CA HIS B 173 -14.25 25.37 -25.16
C HIS B 173 -13.18 26.46 -25.13
N ALA B 174 -13.19 27.27 -24.08
CA ALA B 174 -12.28 28.40 -23.95
C ALA B 174 -11.24 28.20 -22.86
N ILE B 175 -11.19 27.00 -22.29
CA ILE B 175 -10.18 26.69 -21.27
C ILE B 175 -8.81 26.54 -21.89
N MET B 176 -7.82 27.26 -21.35
CA MET B 176 -6.44 27.17 -21.82
C MET B 176 -5.60 26.42 -20.80
N ARG B 177 -4.84 25.43 -21.28
CA ARG B 177 -3.90 24.69 -20.44
C ARG B 177 -2.47 24.99 -20.78
N LEU B 178 -1.73 25.41 -19.77
CA LEU B 178 -0.33 25.76 -19.89
C LEU B 178 0.53 24.88 -18.96
N ASP B 179 1.26 23.94 -19.56
CA ASP B 179 2.10 23.03 -18.79
C ASP B 179 3.36 23.72 -18.28
N LEU B 180 3.16 24.76 -17.46
CA LEU B 180 4.27 25.53 -16.90
C LEU B 180 3.81 26.10 -15.57
N ALA B 181 4.50 25.73 -14.49
CA ALA B 181 4.04 26.13 -13.16
C ALA B 181 5.18 26.16 -12.13
N GLY B 182 4.81 26.19 -10.86
CA GLY B 182 5.75 26.43 -9.77
C GLY B 182 6.94 25.50 -9.76
N ARG B 183 6.69 24.25 -10.15
CA ARG B 183 7.73 23.24 -10.24
C ARG B 183 8.77 23.62 -11.29
N ASP B 184 8.31 24.07 -12.44
CA ASP B 184 9.22 24.46 -13.52
C ASP B 184 10.01 25.69 -13.10
N LEU B 185 9.39 26.57 -12.33
CA LEU B 185 10.06 27.78 -11.86
C LEU B 185 11.11 27.44 -10.81
N THR B 186 10.82 26.45 -9.97
CA THR B 186 11.80 25.97 -9.01
C THR B 186 13.03 25.47 -9.77
N ASP B 187 12.79 24.63 -10.77
CA ASP B 187 13.88 24.07 -11.58
C ASP B 187 14.65 25.15 -12.34
N TYR B 188 13.98 26.23 -12.73
CA TYR B 188 14.64 27.34 -13.43
C TYR B 188 15.47 28.17 -12.46
N LEU B 189 14.97 28.34 -11.24
CA LEU B 189 15.68 29.14 -10.25
C LEU B 189 16.94 28.43 -9.80
N MET B 190 16.86 27.11 -9.67
CA MET B 190 18.03 26.30 -9.37
C MET B 190 19.10 26.56 -10.43
N LYS B 191 18.66 26.64 -11.68
CA LYS B 191 19.57 26.75 -12.81
C LYS B 191 20.28 28.11 -12.87
N ILE B 192 19.50 29.18 -12.79
CA ILE B 192 20.09 30.52 -12.87
C ILE B 192 20.83 30.93 -11.59
N LEU B 193 20.60 30.19 -10.51
CA LEU B 193 21.36 30.40 -9.29
C LEU B 193 22.70 29.67 -9.38
N THR B 194 22.72 28.59 -10.15
CA THR B 194 23.95 27.85 -10.35
C THR B 194 24.87 28.61 -11.32
N GLU B 195 24.25 29.38 -12.20
CA GLU B 195 25.00 30.29 -13.09
C GLU B 195 25.58 31.44 -12.29
N ARG B 196 24.84 31.88 -11.26
CA ARG B 196 25.26 32.99 -10.41
C ARG B 196 26.57 32.70 -9.69
N GLY B 197 26.83 31.42 -9.41
CA GLY B 197 28.05 31.01 -8.74
C GLY B 197 27.85 29.90 -7.73
N TYR B 198 26.59 29.58 -7.44
CA TYR B 198 26.28 28.55 -6.47
C TYR B 198 26.13 27.20 -7.14
N SER B 199 25.73 26.21 -6.35
CA SER B 199 25.42 24.90 -6.87
C SER B 199 24.19 24.36 -6.15
N PHE B 200 23.04 24.47 -6.80
CA PHE B 200 21.80 23.90 -6.29
C PHE B 200 21.36 22.86 -7.31
N VAL B 201 21.77 21.61 -7.08
CA VAL B 201 21.56 20.54 -8.06
C VAL B 201 20.82 19.35 -7.47
N THR B 202 21.10 19.02 -6.20
CA THR B 202 20.56 17.81 -5.59
C THR B 202 19.10 17.98 -5.17
N THR B 203 18.40 16.86 -4.99
CA THR B 203 16.98 16.88 -4.64
C THR B 203 16.74 17.56 -3.30
N ALA B 204 17.73 17.50 -2.40
CA ALA B 204 17.62 18.16 -1.10
C ALA B 204 17.83 19.66 -1.29
N GLU B 205 18.58 20.02 -2.32
CA GLU B 205 18.81 21.41 -2.64
C GLU B 205 17.66 22.00 -3.47
N ARG B 206 16.84 21.13 -4.04
CA ARG B 206 15.63 21.56 -4.72
C ARG B 206 14.65 22.08 -3.67
N GLU B 207 14.53 21.33 -2.58
CA GLU B 207 13.63 21.70 -1.50
C GLU B 207 14.05 23.02 -0.87
N ILE B 208 15.34 23.34 -0.95
CA ILE B 208 15.86 24.59 -0.43
C ILE B 208 15.58 25.74 -1.41
N VAL B 209 15.81 25.50 -2.70
CA VAL B 209 15.60 26.53 -3.71
C VAL B 209 14.10 26.82 -3.82
N ARG B 210 13.27 25.86 -3.44
CA ARG B 210 11.84 26.07 -3.42
C ARG B 210 11.47 27.04 -2.30
N ASP B 211 12.18 26.98 -1.18
CA ASP B 211 11.93 27.90 -0.08
C ASP B 211 12.34 29.32 -0.45
N ILE B 212 13.50 29.44 -1.07
CA ILE B 212 13.99 30.72 -1.58
C ILE B 212 12.96 31.35 -2.50
N LYS B 213 12.45 30.54 -3.44
CA LYS B 213 11.47 30.99 -4.41
C LYS B 213 10.23 31.57 -3.73
N GLU B 214 9.76 30.92 -2.68
CA GLU B 214 8.51 31.29 -2.04
C GLU B 214 8.64 32.46 -1.06
N LYS B 215 9.87 32.92 -0.83
CA LYS B 215 10.12 33.92 0.19
C LYS B 215 10.80 35.20 -0.32
N LEU B 216 11.42 35.14 -1.50
CA LEU B 216 12.23 36.27 -1.99
C LEU B 216 11.98 36.65 -3.45
N CYS B 217 11.24 35.82 -4.19
CA CYS B 217 10.95 36.12 -5.57
C CYS B 217 9.73 37.04 -5.69
N TYR B 218 9.69 37.83 -6.76
CA TYR B 218 8.52 38.68 -7.05
C TYR B 218 8.36 38.85 -8.55
N VAL B 219 7.22 39.38 -8.97
CA VAL B 219 7.01 39.72 -10.38
C VAL B 219 7.30 41.20 -10.61
N ALA B 220 8.15 41.47 -11.60
CA ALA B 220 8.50 42.83 -11.96
C ALA B 220 7.42 43.43 -12.83
N LEU B 221 6.97 44.64 -12.48
CA LEU B 221 5.96 45.35 -13.27
C LEU B 221 6.51 45.64 -14.66
N ASP B 222 7.71 46.22 -14.70
CA ASP B 222 8.46 46.38 -15.93
C ASP B 222 9.74 45.55 -15.82
N PHE B 223 9.74 44.38 -16.44
CA PHE B 223 10.86 43.45 -16.31
C PHE B 223 12.15 44.03 -16.89
N GLU B 224 12.02 44.78 -17.98
CA GLU B 224 13.16 45.43 -18.61
C GLU B 224 13.87 46.38 -17.65
N ASN B 225 13.07 47.20 -16.95
CA ASN B 225 13.62 48.19 -16.03
C ASN B 225 14.28 47.56 -14.80
N GLU B 226 13.64 46.54 -14.23
CA GLU B 226 14.19 45.83 -13.07
C GLU B 226 15.54 45.16 -13.37
N MET B 227 15.67 44.59 -14.56
CA MET B 227 16.93 43.97 -14.96
C MET B 227 18.04 45.01 -14.92
N ALA B 228 17.74 46.20 -15.45
CA ALA B 228 18.72 47.27 -15.52
C ALA B 228 19.00 47.86 -14.15
N THR B 229 17.99 47.85 -13.28
CA THR B 229 18.14 48.33 -11.92
C THR B 229 19.08 47.41 -11.14
N ALA B 230 18.90 46.11 -11.32
CA ALA B 230 19.71 45.12 -10.61
C ALA B 230 21.12 45.06 -11.17
N ALA B 231 21.28 45.58 -12.38
CA ALA B 231 22.58 45.55 -13.06
C ALA B 231 23.45 46.75 -12.71
N SER B 232 22.91 47.67 -11.91
CA SER B 232 23.62 48.88 -11.57
C SER B 232 23.31 49.36 -10.15
N SER B 233 22.84 48.45 -9.31
CA SER B 233 22.66 48.74 -7.89
C SER B 233 22.41 47.46 -7.10
N SER B 234 22.64 47.53 -5.79
CA SER B 234 22.43 46.40 -4.90
C SER B 234 21.06 46.47 -4.25
N SER B 235 20.21 47.36 -4.77
CA SER B 235 18.95 47.69 -4.12
C SER B 235 17.90 46.58 -4.22
N LEU B 236 18.10 45.64 -5.13
CA LEU B 236 17.15 44.54 -5.32
C LEU B 236 17.74 43.23 -4.85
N GLU B 237 18.85 43.31 -4.11
CA GLU B 237 19.50 42.10 -3.58
C GLU B 237 19.01 41.77 -2.18
N LYS B 238 18.84 40.48 -1.94
CA LYS B 238 18.43 39.98 -0.64
C LYS B 238 19.37 38.86 -0.25
N SER B 239 19.46 38.59 1.04
CA SER B 239 20.31 37.51 1.53
C SER B 239 19.46 36.39 2.12
N TYR B 240 19.89 35.16 1.87
CA TYR B 240 19.18 33.98 2.30
C TYR B 240 20.17 33.07 3.03
N GLU B 241 19.85 32.71 4.26
CA GLU B 241 20.70 31.79 5.01
C GLU B 241 20.30 30.34 4.75
N LEU B 242 21.27 29.56 4.29
CA LEU B 242 21.05 28.13 4.04
C LEU B 242 21.06 27.38 5.37
N PRO B 243 20.51 26.15 5.39
CA PRO B 243 20.44 25.36 6.62
C PRO B 243 21.78 25.13 7.31
N ASP B 244 22.87 25.05 6.55
CA ASP B 244 24.18 24.82 7.15
C ASP B 244 24.82 26.12 7.66
N GLY B 245 24.12 27.23 7.47
CA GLY B 245 24.59 28.52 7.95
C GLY B 245 25.11 29.44 6.87
N GLN B 246 25.44 28.88 5.71
CA GLN B 246 25.95 29.69 4.60
C GLN B 246 24.92 30.71 4.12
N VAL B 247 25.38 31.95 3.96
CA VAL B 247 24.53 33.05 3.50
C VAL B 247 24.82 33.36 2.04
N ILE B 248 23.79 33.25 1.22
CA ILE B 248 23.90 33.52 -0.21
C ILE B 248 23.15 34.80 -0.56
N THR B 249 23.49 35.39 -1.69
CA THR B 249 22.85 36.61 -2.15
C THR B 249 22.12 36.35 -3.46
N ILE B 250 20.88 36.85 -3.54
CA ILE B 250 20.05 36.69 -4.72
C ILE B 250 19.66 38.06 -5.24
N GLY B 251 20.02 38.34 -6.49
CA GLY B 251 19.72 39.62 -7.11
C GLY B 251 18.57 39.52 -8.09
N ASN B 252 18.88 39.62 -9.38
CA ASN B 252 17.84 39.64 -10.41
C ASN B 252 17.09 38.30 -10.52
N GLU B 253 17.68 37.24 -9.97
CA GLU B 253 17.05 35.92 -9.97
C GLU B 253 15.68 35.96 -9.28
N ARG B 254 15.49 36.91 -8.36
CA ARG B 254 14.22 37.09 -7.68
C ARG B 254 13.06 37.27 -8.68
N PHE B 255 13.24 38.11 -9.69
CA PHE B 255 12.16 38.38 -10.65
C PHE B 255 12.30 37.67 -11.99
N ARG B 256 13.51 37.22 -12.33
CA ARG B 256 13.68 36.47 -13.56
C ARG B 256 13.00 35.11 -13.44
N CYS B 257 12.85 34.62 -12.22
CA CYS B 257 12.24 33.33 -11.99
C CYS B 257 10.74 33.34 -12.38
N PRO B 258 9.92 34.17 -11.72
CA PRO B 258 8.51 34.16 -12.11
C PRO B 258 8.20 34.93 -13.40
N GLU B 259 9.21 35.60 -13.96
CA GLU B 259 9.05 36.23 -15.27
C GLU B 259 8.76 35.16 -16.33
N THR B 260 9.18 33.94 -16.04
CA THR B 260 9.00 32.80 -16.95
C THR B 260 7.52 32.57 -17.25
N LEU B 261 6.64 32.91 -16.31
CA LEU B 261 5.21 32.81 -16.52
C LEU B 261 4.73 33.69 -17.66
N PHE B 262 5.42 34.81 -17.85
CA PHE B 262 5.06 35.78 -18.89
C PHE B 262 5.90 35.58 -20.13
N GLN B 263 7.11 35.04 -19.94
CA GLN B 263 8.01 34.74 -21.04
C GLN B 263 8.49 33.29 -20.90
N PRO B 264 7.65 32.33 -21.30
CA PRO B 264 7.99 30.91 -21.20
C PRO B 264 9.22 30.51 -22.02
N SER B 265 9.70 31.44 -22.85
CA SER B 265 10.90 31.20 -23.64
C SER B 265 12.16 31.17 -22.78
N PHE B 266 12.06 31.75 -21.58
CA PHE B 266 13.15 31.70 -20.61
C PHE B 266 13.53 30.27 -20.32
N ILE B 267 12.53 29.39 -20.29
CA ILE B 267 12.73 28.00 -19.92
C ILE B 267 12.75 27.12 -21.18
N GLY B 268 12.47 27.72 -22.33
CA GLY B 268 12.52 27.02 -23.60
C GLY B 268 11.17 26.50 -24.09
N MET B 269 10.12 27.28 -23.88
CA MET B 269 8.80 26.94 -24.40
C MET B 269 8.37 27.88 -25.52
N GLU B 270 7.83 27.29 -26.57
CA GLU B 270 7.23 28.04 -27.67
C GLU B 270 5.91 28.68 -27.23
N SER B 271 5.47 28.33 -26.03
CA SER B 271 4.17 28.75 -25.50
C SER B 271 4.07 30.26 -25.23
N ALA B 272 2.84 30.73 -25.05
CA ALA B 272 2.57 32.12 -24.72
C ALA B 272 2.58 32.32 -23.21
N GLY B 273 2.70 33.57 -22.77
CA GLY B 273 2.68 33.91 -21.36
C GLY B 273 1.30 33.73 -20.75
N ILE B 274 1.19 33.88 -19.43
CA ILE B 274 -0.10 33.73 -18.76
C ILE B 274 -1.04 34.91 -19.04
N HIS B 275 -0.46 36.04 -19.43
CA HIS B 275 -1.26 37.21 -19.79
C HIS B 275 -1.95 36.97 -21.12
N GLU B 276 -1.24 36.35 -22.07
CA GLU B 276 -1.79 36.06 -23.37
C GLU B 276 -2.83 34.93 -23.33
N THR B 277 -2.57 33.89 -22.54
CA THR B 277 -3.52 32.78 -22.45
C THR B 277 -4.80 33.22 -21.74
N THR B 278 -4.65 34.20 -20.85
CA THR B 278 -5.81 34.80 -20.19
C THR B 278 -6.61 35.60 -21.22
N TYR B 279 -5.90 36.45 -21.97
CA TYR B 279 -6.51 37.24 -23.04
C TYR B 279 -7.18 36.34 -24.07
N ASN B 280 -6.44 35.38 -24.62
CA ASN B 280 -6.95 34.49 -25.65
C ASN B 280 -8.14 33.68 -25.16
N SER B 281 -8.15 33.38 -23.87
CA SER B 281 -9.26 32.64 -23.28
C SER B 281 -10.56 33.45 -23.32
N ILE B 282 -10.47 34.73 -22.96
CA ILE B 282 -11.63 35.62 -22.98
C ILE B 282 -12.19 35.77 -24.41
N MET B 283 -11.30 35.88 -25.38
CA MET B 283 -11.70 36.14 -26.75
C MET B 283 -12.46 34.96 -27.36
N LYS B 284 -12.25 33.77 -26.81
CA LYS B 284 -13.00 32.60 -27.26
C LYS B 284 -14.41 32.60 -26.69
N CYS B 285 -14.67 33.50 -25.73
CA CYS B 285 -15.99 33.60 -25.12
C CYS B 285 -16.85 34.60 -25.86
N ASP B 286 -18.17 34.45 -25.69
CA ASP B 286 -19.14 35.32 -26.35
C ASP B 286 -18.92 36.78 -25.97
N ILE B 287 -19.13 37.66 -26.94
CA ILE B 287 -18.83 39.08 -26.76
C ILE B 287 -19.60 39.66 -25.58
N ASP B 288 -20.78 39.11 -25.31
CA ASP B 288 -21.66 39.63 -24.28
C ASP B 288 -21.03 39.51 -22.88
N ILE B 289 -20.36 38.39 -22.63
CA ILE B 289 -19.83 38.10 -21.30
C ILE B 289 -18.37 38.51 -21.11
N ARG B 290 -17.70 38.94 -22.18
CA ARG B 290 -16.27 39.29 -22.11
C ARG B 290 -15.97 40.40 -21.10
N LYS B 291 -16.83 41.42 -21.06
CA LYS B 291 -16.64 42.52 -20.15
C LYS B 291 -16.70 42.04 -18.70
N ASP B 292 -17.58 41.07 -18.44
CA ASP B 292 -17.70 40.49 -17.11
C ASP B 292 -16.42 39.74 -16.75
N LEU B 293 -15.83 39.06 -17.74
CA LEU B 293 -14.61 38.31 -17.51
C LEU B 293 -13.44 39.26 -17.24
N TYR B 294 -13.21 40.20 -18.14
CA TYR B 294 -12.15 41.20 -17.98
C TYR B 294 -12.16 41.84 -16.60
N ALA B 295 -13.36 42.04 -16.07
CA ALA B 295 -13.54 42.75 -14.80
C ALA B 295 -13.47 41.79 -13.62
N ASN B 296 -13.26 40.51 -13.89
CA ASN B 296 -13.26 39.50 -12.83
C ASN B 296 -12.21 38.40 -13.07
N ASN B 297 -10.97 38.83 -13.25
CA ASN B 297 -9.84 37.90 -13.26
C ASN B 297 -9.51 37.48 -11.84
N VAL B 298 -9.87 36.25 -11.48
CA VAL B 298 -9.57 35.72 -10.15
C VAL B 298 -8.38 34.79 -10.27
N MET B 299 -7.38 35.00 -9.42
CA MET B 299 -6.16 34.21 -9.49
C MET B 299 -6.09 33.20 -8.36
N SER B 300 -5.61 32.01 -8.70
CA SER B 300 -5.73 30.84 -7.85
C SER B 300 -4.46 30.00 -7.91
N GLY B 301 -4.04 29.46 -6.77
CA GLY B 301 -2.92 28.54 -6.72
C GLY B 301 -1.63 29.18 -6.26
N GLY B 302 -0.75 28.35 -5.72
CA GLY B 302 0.48 28.81 -5.11
C GLY B 302 1.40 29.63 -6.01
N THR B 303 1.38 29.33 -7.32
CA THR B 303 2.29 29.99 -8.25
C THR B 303 1.79 31.40 -8.60
N THR B 304 0.63 31.77 -8.07
CA THR B 304 0.13 33.14 -8.22
C THR B 304 0.40 33.97 -6.95
N MET B 305 1.17 33.41 -6.03
CA MET B 305 1.42 34.06 -4.74
C MET B 305 2.55 35.07 -4.78
N TYR B 306 3.19 35.22 -5.94
CA TYR B 306 4.27 36.18 -6.08
C TYR B 306 3.78 37.60 -5.85
N PRO B 307 4.61 38.44 -5.21
CA PRO B 307 4.27 39.87 -5.11
C PRO B 307 4.28 40.58 -6.46
N GLY B 308 3.31 41.47 -6.66
CA GLY B 308 3.25 42.32 -7.85
C GLY B 308 2.76 41.62 -9.11
N ILE B 309 2.36 40.35 -9.00
CA ILE B 309 1.90 39.60 -10.16
C ILE B 309 0.55 40.15 -10.64
N ALA B 310 -0.28 40.56 -9.69
CA ALA B 310 -1.58 41.14 -10.01
C ALA B 310 -1.41 42.44 -10.80
N ASP B 311 -0.56 43.33 -10.29
CA ASP B 311 -0.31 44.62 -10.94
C ASP B 311 0.29 44.42 -12.33
N ARG B 312 1.01 43.33 -12.52
CA ARG B 312 1.60 43.01 -13.82
C ARG B 312 0.52 42.53 -14.78
N MET B 313 -0.37 41.65 -14.31
CA MET B 313 -1.50 41.20 -15.12
C MET B 313 -2.39 42.39 -15.47
N GLN B 314 -2.57 43.29 -14.52
CA GLN B 314 -3.35 44.50 -14.73
C GLN B 314 -2.75 45.26 -15.91
N LYS B 315 -1.42 45.33 -15.94
CA LYS B 315 -0.70 46.04 -16.99
C LYS B 315 -0.81 45.31 -18.33
N GLU B 316 -0.43 44.03 -18.34
CA GLU B 316 -0.33 43.27 -19.59
C GLU B 316 -1.67 43.05 -20.29
N ILE B 317 -2.73 42.86 -19.52
CA ILE B 317 -4.06 42.67 -20.10
C ILE B 317 -4.54 44.00 -20.71
N THR B 318 -4.30 45.11 -20.02
CA THR B 318 -4.69 46.43 -20.49
C THR B 318 -4.10 46.71 -21.87
N ALA B 319 -2.87 46.25 -22.08
CA ALA B 319 -2.18 46.45 -23.34
C ALA B 319 -2.75 45.56 -24.45
N LEU B 320 -3.49 44.53 -24.04
CA LEU B 320 -4.06 43.56 -24.98
C LEU B 320 -5.54 43.80 -25.22
N ALA B 321 -6.21 44.42 -24.25
CA ALA B 321 -7.66 44.61 -24.33
C ALA B 321 -8.00 45.91 -25.03
N PRO B 322 -9.27 46.06 -25.45
CA PRO B 322 -9.79 47.35 -25.96
C PRO B 322 -9.52 48.48 -24.97
N SER B 323 -9.17 49.66 -25.49
CA SER B 323 -8.77 50.79 -24.67
C SER B 323 -9.86 51.25 -23.70
N THR B 324 -11.11 50.91 -24.00
CA THR B 324 -12.24 51.31 -23.15
C THR B 324 -12.51 50.28 -22.05
N MET B 325 -11.88 49.12 -22.15
CA MET B 325 -12.24 47.97 -21.33
C MET B 325 -11.84 48.11 -19.87
N LYS B 326 -12.82 47.94 -18.97
CA LYS B 326 -12.56 47.97 -17.54
C LYS B 326 -12.02 46.62 -17.10
N ILE B 327 -10.83 46.63 -16.51
CA ILE B 327 -10.10 45.41 -16.16
C ILE B 327 -9.79 45.41 -14.67
N LYS B 328 -10.13 44.31 -14.00
CA LYS B 328 -9.83 44.16 -12.58
C LYS B 328 -9.24 42.77 -12.33
N ILE B 329 -8.16 42.74 -11.55
CA ILE B 329 -7.48 41.50 -11.19
C ILE B 329 -7.64 41.25 -9.70
N ILE B 330 -8.40 40.22 -9.37
CA ILE B 330 -8.64 39.84 -7.98
C ILE B 330 -7.66 38.74 -7.59
N ALA B 331 -6.85 39.00 -6.56
CA ALA B 331 -5.87 38.03 -6.08
C ALA B 331 -6.01 37.84 -4.58
N PRO B 332 -6.95 36.98 -4.16
CA PRO B 332 -7.23 36.83 -2.73
C PRO B 332 -5.99 36.38 -1.92
N PRO B 333 -5.83 36.90 -0.70
CA PRO B 333 -4.67 36.54 0.13
C PRO B 333 -4.59 35.04 0.45
N GLU B 334 -5.73 34.36 0.38
CA GLU B 334 -5.78 32.93 0.72
C GLU B 334 -5.81 32.05 -0.53
N ARG B 335 -5.34 32.59 -1.65
CA ARG B 335 -5.52 31.93 -2.94
C ARG B 335 -4.69 30.65 -3.08
N LYS B 336 -3.81 30.39 -2.13
CA LYS B 336 -3.05 29.15 -2.11
C LYS B 336 -3.98 27.96 -1.85
N TYR B 337 -5.10 28.22 -1.18
CA TYR B 337 -6.08 27.19 -0.86
C TYR B 337 -7.46 27.59 -1.38
N SER B 338 -7.46 28.47 -2.38
CA SER B 338 -8.68 28.95 -3.03
C SER B 338 -9.58 27.80 -3.51
N VAL B 339 -8.99 26.83 -4.18
CA VAL B 339 -9.73 25.67 -4.67
C VAL B 339 -10.36 24.88 -3.53
N TRP B 340 -9.60 24.66 -2.45
CA TRP B 340 -10.10 23.85 -1.36
C TRP B 340 -11.23 24.57 -0.64
N ILE B 341 -11.01 25.84 -0.31
CA ILE B 341 -12.00 26.64 0.39
C ILE B 341 -13.31 26.65 -0.39
N GLY B 342 -13.21 26.72 -1.72
CA GLY B 342 -14.36 26.73 -2.59
C GLY B 342 -15.23 25.49 -2.44
N GLY B 343 -14.60 24.33 -2.39
CA GLY B 343 -15.30 23.07 -2.21
C GLY B 343 -15.95 23.03 -0.83
N SER B 344 -15.26 23.58 0.15
CA SER B 344 -15.75 23.62 1.53
C SER B 344 -17.00 24.50 1.64
N ILE B 345 -17.09 25.52 0.78
CA ILE B 345 -18.26 26.39 0.75
C ILE B 345 -19.41 25.71 -0.01
N LEU B 346 -19.09 25.15 -1.17
CA LEU B 346 -20.05 24.45 -2.00
C LEU B 346 -20.72 23.32 -1.23
N ALA B 347 -19.92 22.53 -0.52
CA ALA B 347 -20.41 21.37 0.22
C ALA B 347 -21.15 21.76 1.49
N SER B 348 -21.10 23.04 1.84
CA SER B 348 -21.76 23.54 3.05
C SER B 348 -23.19 24.03 2.78
N LEU B 349 -23.52 24.20 1.50
CA LEU B 349 -24.85 24.68 1.13
C LEU B 349 -25.88 23.58 1.34
N SER B 350 -27.06 23.96 1.81
CA SER B 350 -28.17 23.02 1.98
C SER B 350 -28.61 22.52 0.61
N THR B 351 -28.65 23.45 -0.34
CA THR B 351 -29.10 23.16 -1.69
C THR B 351 -28.22 22.13 -2.39
N PHE B 352 -26.95 22.07 -2.01
CA PHE B 352 -26.00 21.15 -2.62
C PHE B 352 -26.17 19.71 -2.14
N GLN B 353 -26.93 19.51 -1.07
CA GLN B 353 -27.05 18.19 -0.47
C GLN B 353 -27.74 17.17 -1.38
N GLN B 354 -28.67 17.63 -2.20
CA GLN B 354 -29.32 16.76 -3.17
C GLN B 354 -28.39 16.46 -4.34
N MET B 355 -27.33 17.26 -4.49
CA MET B 355 -26.44 17.15 -5.64
C MET B 355 -25.37 16.08 -5.47
N TRP B 356 -25.21 15.57 -4.26
CA TRP B 356 -24.29 14.45 -4.03
C TRP B 356 -24.74 13.25 -4.86
N ILE B 357 -23.78 12.44 -5.30
CA ILE B 357 -24.07 11.13 -5.86
C ILE B 357 -24.11 10.16 -4.70
N THR B 358 -25.29 9.63 -4.40
CA THR B 358 -25.44 8.70 -3.27
C THR B 358 -25.03 7.29 -3.69
N LYS B 359 -24.70 6.45 -2.72
CA LYS B 359 -24.25 5.10 -3.00
C LYS B 359 -25.37 4.27 -3.64
N GLN B 360 -26.62 4.59 -3.31
CA GLN B 360 -27.75 3.94 -3.95
C GLN B 360 -27.83 4.33 -5.42
N GLU B 361 -27.63 5.61 -5.69
CA GLU B 361 -27.64 6.12 -7.06
C GLU B 361 -26.53 5.50 -7.90
N TYR B 362 -25.45 5.09 -7.24
CA TYR B 362 -24.32 4.48 -7.93
C TYR B 362 -24.58 3.01 -8.20
N ASP B 363 -25.18 2.32 -7.23
CA ASP B 363 -25.51 0.91 -7.38
C ASP B 363 -26.56 0.69 -8.46
N GLU B 364 -27.30 1.74 -8.80
CA GLU B 364 -28.41 1.63 -9.74
C GLU B 364 -28.06 2.08 -11.17
N ALA B 365 -27.08 2.96 -11.29
CA ALA B 365 -26.73 3.53 -12.59
C ALA B 365 -25.26 3.35 -12.95
N GLY B 366 -24.45 2.93 -11.99
CA GLY B 366 -23.03 2.70 -12.23
C GLY B 366 -22.26 4.01 -12.36
N PRO B 367 -20.95 3.90 -12.64
CA PRO B 367 -20.03 5.05 -12.74
C PRO B 367 -20.47 6.11 -13.75
N SER B 368 -21.39 5.75 -14.65
CA SER B 368 -21.86 6.71 -15.65
C SER B 368 -22.92 7.66 -15.09
N ILE B 369 -23.24 7.53 -13.81
CA ILE B 369 -24.15 8.46 -13.15
C ILE B 369 -23.50 9.84 -13.00
N VAL B 370 -22.18 9.87 -13.00
CA VAL B 370 -21.44 11.11 -12.78
C VAL B 370 -21.58 12.07 -13.97
N HIS B 371 -22.04 11.55 -15.10
CA HIS B 371 -22.25 12.36 -16.30
C HIS B 371 -23.53 13.19 -16.25
N ARG B 372 -24.31 12.98 -15.20
CA ARG B 372 -25.61 13.62 -15.07
C ARG B 372 -25.70 14.39 -13.77
N LYS B 373 -24.77 14.11 -12.86
CA LYS B 373 -24.73 14.77 -11.56
C LYS B 373 -23.61 15.82 -11.48
N CYS B 374 -22.48 15.52 -12.10
CA CYS B 374 -21.33 16.42 -12.06
C CYS B 374 -21.16 17.12 -13.41
N THR C 5 21.14 -6.28 -15.54
CA THR C 5 21.11 -7.73 -15.42
C THR C 5 20.47 -8.38 -16.64
N THR C 6 20.86 -9.63 -16.91
CA THR C 6 20.37 -10.37 -18.07
C THR C 6 19.77 -11.71 -17.63
N ALA C 7 18.71 -12.12 -18.31
CA ALA C 7 17.98 -13.33 -17.95
C ALA C 7 18.72 -14.61 -18.35
N LEU C 8 18.35 -15.72 -17.71
CA LEU C 8 18.96 -17.02 -17.99
C LEU C 8 17.95 -17.98 -18.63
N VAL C 9 18.44 -18.81 -19.54
CA VAL C 9 17.62 -19.83 -20.20
C VAL C 9 18.28 -21.19 -20.06
N CYS C 10 17.60 -22.11 -19.38
CA CYS C 10 18.14 -23.45 -19.15
C CYS C 10 17.21 -24.52 -19.70
N ASP C 11 17.66 -25.18 -20.77
CA ASP C 11 16.92 -26.29 -21.38
C ASP C 11 17.35 -27.59 -20.73
N ASN C 12 16.49 -28.15 -19.89
CA ASN C 12 16.82 -29.35 -19.13
C ASN C 12 16.57 -30.61 -19.95
N GLY C 13 17.53 -30.96 -20.81
CA GLY C 13 17.38 -32.08 -21.73
C GLY C 13 17.62 -33.44 -21.11
N SER C 14 17.11 -34.48 -21.76
CA SER C 14 17.23 -35.84 -21.28
C SER C 14 18.64 -36.37 -21.50
N GLY C 15 19.38 -35.72 -22.40
CA GLY C 15 20.73 -36.13 -22.72
C GLY C 15 21.70 -34.98 -22.54
N LEU C 16 21.28 -33.79 -22.95
CA LEU C 16 22.12 -32.61 -22.89
C LEU C 16 21.39 -31.41 -22.32
N VAL C 17 22.00 -30.78 -21.33
CA VAL C 17 21.53 -29.49 -20.84
C VAL C 17 22.06 -28.42 -21.77
N LYS C 18 21.16 -27.56 -22.25
CA LYS C 18 21.56 -26.40 -23.03
C LYS C 18 21.27 -25.16 -22.18
N ALA C 19 22.34 -24.42 -21.85
CA ALA C 19 22.24 -23.25 -20.97
C ALA C 19 22.90 -22.02 -21.59
N GLY C 20 22.43 -20.84 -21.18
CA GLY C 20 22.92 -19.60 -21.73
C GLY C 20 22.14 -18.40 -21.22
N PHE C 21 22.24 -17.29 -21.93
CA PHE C 21 21.61 -16.03 -21.53
C PHE C 21 20.57 -15.62 -22.57
N ALA C 22 19.40 -15.16 -22.12
CA ALA C 22 18.37 -14.69 -23.02
C ALA C 22 18.89 -13.56 -23.90
N GLY C 23 18.51 -13.58 -25.17
CA GLY C 23 18.98 -12.59 -26.12
C GLY C 23 20.14 -13.10 -26.97
N ASP C 24 20.79 -14.17 -26.51
CA ASP C 24 21.96 -14.70 -27.18
C ASP C 24 21.63 -15.50 -28.44
N ASP C 25 22.67 -15.68 -29.27
CA ASP C 25 22.57 -16.36 -30.55
C ASP C 25 22.27 -17.84 -30.35
N ALA C 26 22.96 -18.44 -29.39
CA ALA C 26 22.90 -19.88 -29.15
C ALA C 26 23.18 -20.12 -27.66
N PRO C 27 23.08 -21.38 -27.22
CA PRO C 27 23.46 -21.65 -25.82
C PRO C 27 24.95 -21.50 -25.56
N ARG C 28 25.29 -20.95 -24.40
CA ARG C 28 26.67 -20.72 -24.01
C ARG C 28 27.29 -21.99 -23.42
N ALA C 29 26.43 -22.87 -22.91
CA ALA C 29 26.88 -24.11 -22.29
C ALA C 29 26.03 -25.29 -22.78
N VAL C 30 26.70 -26.35 -23.20
CA VAL C 30 26.03 -27.58 -23.60
C VAL C 30 26.80 -28.78 -23.04
N PHE C 31 26.16 -29.52 -22.14
CA PHE C 31 26.84 -30.63 -21.46
C PHE C 31 25.86 -31.75 -21.10
N PRO C 32 26.39 -32.97 -20.89
CA PRO C 32 25.55 -34.12 -20.52
C PRO C 32 24.76 -33.95 -19.23
N SER C 33 23.52 -34.41 -19.25
CA SER C 33 22.65 -34.36 -18.08
C SER C 33 22.94 -35.53 -17.16
N ILE C 34 24.18 -35.64 -16.70
CA ILE C 34 24.62 -36.79 -15.91
C ILE C 34 25.21 -36.34 -14.56
N VAL C 35 24.87 -37.08 -13.51
CA VAL C 35 25.40 -36.85 -12.17
C VAL C 35 26.19 -38.08 -11.72
N GLY C 36 27.47 -37.89 -11.40
CA GLY C 36 28.33 -38.97 -10.95
C GLY C 36 28.77 -38.82 -9.51
N ARG C 37 28.76 -39.94 -8.76
CA ARG C 37 29.21 -39.94 -7.38
C ARG C 37 29.78 -41.31 -7.01
N PRO C 38 30.80 -41.35 -6.14
CA PRO C 38 31.57 -42.58 -5.88
C PRO C 38 30.75 -43.80 -5.47
N ARG C 39 31.28 -44.98 -5.80
CA ARG C 39 30.62 -46.25 -5.54
C ARG C 39 31.02 -46.77 -4.15
N GLN C 49 38.17 -35.85 -6.33
CA GLN C 49 38.35 -35.26 -5.01
C GLN C 49 37.05 -34.60 -4.52
N LYS C 50 35.93 -34.97 -5.13
CA LYS C 50 34.63 -34.39 -4.78
C LYS C 50 33.58 -35.47 -4.49
N ASP C 51 32.40 -35.03 -4.05
CA ASP C 51 31.30 -35.94 -3.75
C ASP C 51 30.32 -36.05 -4.90
N SER C 52 30.39 -35.12 -5.84
CA SER C 52 29.54 -35.17 -7.03
C SER C 52 30.14 -34.40 -8.19
N TYR C 53 30.24 -35.06 -9.34
CA TYR C 53 30.65 -34.43 -10.58
C TYR C 53 29.43 -34.30 -11.48
N VAL C 54 29.42 -33.30 -12.35
CA VAL C 54 28.31 -33.06 -13.26
C VAL C 54 28.81 -32.71 -14.65
N GLY C 55 28.25 -33.37 -15.66
CA GLY C 55 28.52 -33.04 -17.04
C GLY C 55 29.56 -33.91 -17.69
N ASP C 56 30.52 -33.28 -18.35
CA ASP C 56 31.55 -33.99 -19.10
C ASP C 56 32.51 -34.76 -18.19
N GLU C 57 33.01 -34.10 -17.15
CA GLU C 57 33.99 -34.73 -16.26
C GLU C 57 33.35 -35.84 -15.44
N ALA C 58 32.03 -35.92 -15.46
CA ALA C 58 31.33 -36.98 -14.75
C ALA C 58 31.44 -38.32 -15.49
N GLN C 59 31.55 -38.27 -16.82
CA GLN C 59 31.65 -39.50 -17.62
C GLN C 59 33.10 -39.82 -17.98
N SER C 60 34.01 -38.87 -17.73
CA SER C 60 35.43 -39.13 -17.90
C SER C 60 35.89 -40.02 -16.77
N LYS C 61 35.37 -39.74 -15.57
CA LYS C 61 35.67 -40.52 -14.38
C LYS C 61 34.53 -41.50 -14.10
N ARG C 62 33.92 -42.01 -15.15
CA ARG C 62 32.75 -42.88 -15.01
C ARG C 62 33.10 -44.19 -14.32
N GLY C 63 34.38 -44.55 -14.33
CA GLY C 63 34.84 -45.78 -13.74
C GLY C 63 34.83 -45.74 -12.23
N ILE C 64 35.12 -44.56 -11.67
CA ILE C 64 35.21 -44.39 -10.22
C ILE C 64 33.92 -43.79 -9.63
N LEU C 65 32.95 -43.52 -10.49
CA LEU C 65 31.68 -42.91 -10.07
C LEU C 65 30.48 -43.81 -10.41
N THR C 66 29.33 -43.46 -9.83
CA THR C 66 28.04 -44.07 -10.21
C THR C 66 27.23 -43.05 -10.99
N LEU C 67 27.06 -43.29 -12.29
CA LEU C 67 26.34 -42.35 -13.14
C LEU C 67 24.82 -42.43 -12.94
N LYS C 68 24.20 -41.28 -12.78
CA LYS C 68 22.75 -41.16 -12.64
C LYS C 68 22.18 -40.39 -13.82
N TYR C 69 21.02 -40.82 -14.30
CA TYR C 69 20.34 -40.20 -15.43
C TYR C 69 19.02 -39.59 -14.95
N PRO C 70 19.08 -38.36 -14.40
CA PRO C 70 17.93 -37.81 -13.68
C PRO C 70 16.82 -37.26 -14.57
N ILE C 71 17.11 -37.01 -15.85
CA ILE C 71 16.13 -36.41 -16.74
C ILE C 71 15.83 -37.27 -17.95
N GLU C 72 16.21 -38.54 -17.91
CA GLU C 72 15.95 -39.41 -19.06
C GLU C 72 14.46 -39.49 -19.33
N HIS C 73 14.10 -39.72 -20.58
CA HIS C 73 12.70 -39.74 -21.00
C HIS C 73 12.00 -38.39 -20.80
N GLY C 74 12.79 -37.34 -20.53
CA GLY C 74 12.30 -35.98 -20.57
C GLY C 74 11.87 -35.40 -19.22
N ILE C 75 11.36 -36.27 -18.34
CA ILE C 75 10.81 -35.82 -17.06
C ILE C 75 11.82 -36.07 -15.93
N ILE C 76 11.92 -35.12 -15.00
CA ILE C 76 12.88 -35.19 -13.91
C ILE C 76 12.41 -36.14 -12.83
N THR C 77 13.23 -37.15 -12.52
CA THR C 77 12.84 -38.19 -11.57
C THR C 77 13.55 -38.08 -10.23
N ASN C 78 14.73 -37.47 -10.21
CA ASN C 78 15.49 -37.29 -8.95
C ASN C 78 15.85 -35.83 -8.74
N TRP C 79 15.36 -35.27 -7.63
CA TRP C 79 15.51 -33.85 -7.36
C TRP C 79 16.83 -33.51 -6.68
N ASP C 80 17.47 -34.50 -6.07
CA ASP C 80 18.81 -34.30 -5.52
C ASP C 80 19.84 -34.24 -6.64
N ASP C 81 19.69 -35.15 -7.61
CA ASP C 81 20.55 -35.16 -8.78
C ASP C 81 20.38 -33.89 -9.60
N MET C 82 19.13 -33.46 -9.75
CA MET C 82 18.82 -32.32 -10.59
C MET C 82 19.33 -31.03 -9.96
N GLU C 83 19.28 -30.98 -8.63
CA GLU C 83 19.81 -29.85 -7.89
C GLU C 83 21.29 -29.66 -8.19
N LYS C 84 22.01 -30.77 -8.33
CA LYS C 84 23.43 -30.72 -8.65
C LYS C 84 23.68 -30.20 -10.06
N ILE C 85 22.83 -30.58 -11.01
CA ILE C 85 22.97 -30.12 -12.39
C ILE C 85 22.72 -28.62 -12.49
N TRP C 86 21.71 -28.13 -11.78
CA TRP C 86 21.37 -26.71 -11.82
C TRP C 86 22.46 -25.88 -11.13
N HIS C 87 23.00 -26.41 -10.03
CA HIS C 87 24.13 -25.75 -9.35
C HIS C 87 25.35 -25.68 -10.26
N HIS C 88 25.62 -26.78 -10.96
CA HIS C 88 26.75 -26.84 -11.89
C HIS C 88 26.55 -25.92 -13.09
N THR C 89 25.29 -25.58 -13.39
CA THR C 89 24.96 -24.76 -14.55
C THR C 89 25.13 -23.29 -14.25
N PHE C 90 24.57 -22.83 -13.14
CA PHE C 90 24.65 -21.41 -12.76
C PHE C 90 26.09 -21.02 -12.45
N TYR C 91 26.79 -21.88 -11.72
CA TYR C 91 28.14 -21.58 -11.27
C TYR C 91 29.21 -22.10 -12.23
N ASN C 92 29.41 -23.42 -12.25
CA ASN C 92 30.55 -24.00 -12.97
C ASN C 92 30.53 -23.89 -14.49
N GLU C 93 29.40 -23.46 -15.06
CA GLU C 93 29.27 -23.39 -16.52
C GLU C 93 29.00 -21.96 -17.04
N LEU C 94 28.11 -21.23 -16.36
CA LEU C 94 27.71 -19.90 -16.81
C LEU C 94 28.30 -18.75 -15.99
N ARG C 95 28.88 -19.10 -14.84
CA ARG C 95 29.44 -18.12 -13.90
C ARG C 95 28.51 -16.93 -13.63
N VAL C 96 27.38 -17.22 -12.98
CA VAL C 96 26.44 -16.18 -12.56
C VAL C 96 25.89 -16.43 -11.17
N ALA C 97 25.43 -15.36 -10.53
CA ALA C 97 24.75 -15.46 -9.25
C ALA C 97 23.26 -15.65 -9.52
N PRO C 98 22.71 -16.85 -9.26
CA PRO C 98 21.32 -17.09 -9.62
C PRO C 98 20.33 -16.08 -9.04
N GLU C 99 20.70 -15.44 -7.94
CA GLU C 99 19.83 -14.45 -7.30
C GLU C 99 19.84 -13.11 -8.02
N GLU C 100 20.76 -12.94 -8.96
CA GLU C 100 20.86 -11.70 -9.72
C GLU C 100 20.16 -11.79 -11.08
N HIS C 101 19.95 -13.01 -11.56
CA HIS C 101 19.41 -13.23 -12.90
C HIS C 101 18.10 -14.04 -12.89
N PRO C 102 17.05 -13.52 -13.57
CA PRO C 102 15.85 -14.33 -13.75
C PRO C 102 16.14 -15.59 -14.56
N THR C 103 15.42 -16.67 -14.28
CA THR C 103 15.74 -17.97 -14.86
C THR C 103 14.54 -18.61 -15.56
N LEU C 104 14.69 -18.86 -16.86
CA LEU C 104 13.70 -19.61 -17.62
C LEU C 104 14.11 -21.07 -17.72
N LEU C 105 13.29 -21.96 -17.16
CA LEU C 105 13.51 -23.39 -17.29
C LEU C 105 12.59 -23.92 -18.38
N THR C 106 13.02 -24.98 -19.06
CA THR C 106 12.14 -25.68 -19.99
C THR C 106 11.64 -26.96 -19.35
N GLU C 107 10.50 -27.46 -19.82
CA GLU C 107 9.96 -28.73 -19.35
C GLU C 107 9.50 -29.58 -20.51
N ALA C 108 9.43 -30.88 -20.28
CA ALA C 108 8.93 -31.80 -21.28
C ALA C 108 7.43 -31.60 -21.44
N PRO C 109 6.89 -31.93 -22.63
CA PRO C 109 5.44 -31.96 -22.78
C PRO C 109 4.78 -32.95 -21.80
N LEU C 110 3.59 -32.61 -21.33
CA LEU C 110 2.87 -33.45 -20.36
C LEU C 110 3.63 -33.63 -19.06
N ASN C 111 4.45 -32.65 -18.71
CA ASN C 111 5.11 -32.66 -17.40
C ASN C 111 4.05 -32.38 -16.33
N PRO C 112 3.86 -33.32 -15.39
CA PRO C 112 2.77 -33.18 -14.41
C PRO C 112 2.94 -31.98 -13.48
N LYS C 113 1.83 -31.58 -12.85
CA LYS C 113 1.79 -30.38 -12.01
C LYS C 113 2.74 -30.47 -10.82
N ALA C 114 2.77 -31.63 -10.19
CA ALA C 114 3.63 -31.85 -9.03
C ALA C 114 5.10 -31.65 -9.38
N ASN C 115 5.41 -31.81 -10.67
CA ASN C 115 6.76 -31.65 -11.17
C ASN C 115 7.15 -30.18 -11.32
N ARG C 116 6.28 -29.41 -11.97
CA ARG C 116 6.52 -27.98 -12.21
C ARG C 116 6.66 -27.28 -10.89
N GLU C 117 5.86 -27.70 -9.91
CA GLU C 117 5.85 -27.07 -8.60
C GLU C 117 7.19 -27.24 -7.90
N LYS C 118 7.78 -28.43 -7.99
CA LYS C 118 9.06 -28.69 -7.35
C LYS C 118 10.20 -27.99 -8.09
N MET C 119 10.03 -27.79 -9.40
CA MET C 119 11.00 -27.03 -10.17
C MET C 119 10.99 -25.58 -9.69
N THR C 120 9.79 -25.05 -9.51
CA THR C 120 9.59 -23.69 -9.04
C THR C 120 10.06 -23.53 -7.59
N GLN C 121 9.85 -24.57 -6.78
CA GLN C 121 10.24 -24.53 -5.37
C GLN C 121 11.76 -24.45 -5.23
N ILE C 122 12.47 -25.26 -6.01
CA ILE C 122 13.92 -25.31 -5.94
C ILE C 122 14.54 -24.00 -6.41
N MET C 123 14.01 -23.43 -7.49
CA MET C 123 14.56 -22.20 -8.04
C MET C 123 14.55 -21.05 -7.03
N PHE C 124 13.53 -21.01 -6.18
CA PHE C 124 13.36 -19.90 -5.24
C PHE C 124 13.95 -20.16 -3.86
N GLU C 125 13.95 -21.42 -3.43
CA GLU C 125 14.36 -21.76 -2.08
C GLU C 125 15.78 -22.32 -2.02
N THR C 126 16.24 -22.89 -3.13
CA THR C 126 17.54 -23.56 -3.16
C THR C 126 18.56 -22.74 -3.95
N PHE C 127 18.08 -21.90 -4.87
CA PHE C 127 18.95 -21.03 -5.64
C PHE C 127 18.59 -19.56 -5.47
N ASN C 128 17.42 -19.32 -4.88
CA ASN C 128 17.01 -17.97 -4.52
C ASN C 128 17.06 -17.03 -5.71
N VAL C 129 16.42 -17.41 -6.81
CA VAL C 129 16.37 -16.54 -7.97
C VAL C 129 15.37 -15.43 -7.68
N PRO C 130 15.51 -14.29 -8.37
CA PRO C 130 14.55 -13.19 -8.18
C PRO C 130 13.24 -13.44 -8.93
N ALA C 131 13.32 -14.24 -9.99
CA ALA C 131 12.17 -14.52 -10.83
C ALA C 131 12.45 -15.73 -11.68
N MET C 132 11.40 -16.50 -12.01
CA MET C 132 11.57 -17.68 -12.87
C MET C 132 10.32 -17.98 -13.69
N TYR C 133 10.46 -18.93 -14.62
CA TYR C 133 9.35 -19.35 -15.48
C TYR C 133 9.66 -20.74 -16.02
N VAL C 134 8.61 -21.52 -16.30
CA VAL C 134 8.74 -22.84 -16.88
C VAL C 134 7.97 -22.90 -18.20
N ALA C 135 8.66 -23.27 -19.29
CA ALA C 135 8.06 -23.35 -20.62
C ALA C 135 8.21 -24.74 -21.25
N ILE C 136 7.19 -25.14 -22.01
CA ILE C 136 7.23 -26.40 -22.73
C ILE C 136 8.23 -26.30 -23.89
N GLN C 137 9.10 -27.29 -24.00
CA GLN C 137 10.19 -27.27 -24.97
C GLN C 137 9.72 -27.16 -26.42
N ALA C 138 8.74 -27.99 -26.79
CA ALA C 138 8.16 -27.97 -28.12
C ALA C 138 7.66 -26.57 -28.47
N VAL C 139 6.93 -25.96 -27.53
CA VAL C 139 6.36 -24.63 -27.73
C VAL C 139 7.45 -23.62 -28.09
N LEU C 140 8.56 -23.67 -27.37
CA LEU C 140 9.69 -22.78 -27.62
C LEU C 140 10.27 -22.98 -29.03
N SER C 141 10.41 -24.23 -29.46
CA SER C 141 10.94 -24.51 -30.79
C SER C 141 10.09 -23.86 -31.88
N LEU C 142 8.78 -23.95 -31.72
CA LEU C 142 7.85 -23.37 -32.68
C LEU C 142 8.03 -21.86 -32.74
N TYR C 143 8.18 -21.25 -31.58
CA TYR C 143 8.42 -19.81 -31.49
C TYR C 143 9.68 -19.44 -32.27
N ALA C 144 10.71 -20.27 -32.13
CA ALA C 144 12.00 -20.03 -32.80
C ALA C 144 11.87 -20.04 -34.33
N SER C 145 10.85 -20.71 -34.84
CA SER C 145 10.63 -20.75 -36.28
C SER C 145 9.69 -19.63 -36.73
N GLY C 146 9.31 -18.76 -35.80
CA GLY C 146 8.46 -17.63 -36.11
C GLY C 146 7.01 -18.02 -36.31
N ARG C 147 6.55 -18.99 -35.52
CA ARG C 147 5.18 -19.48 -35.59
C ARG C 147 4.59 -19.58 -34.20
N THR C 148 3.29 -19.35 -34.09
CA THR C 148 2.56 -19.64 -32.87
C THR C 148 1.58 -20.79 -33.12
N THR C 149 1.50 -21.21 -34.38
CA THR C 149 0.66 -22.33 -34.79
C THR C 149 1.46 -23.33 -35.63
N GLY C 150 1.19 -24.62 -35.44
CA GLY C 150 1.92 -25.67 -36.12
C GLY C 150 2.14 -26.84 -35.17
N ILE C 151 2.51 -28.00 -35.73
CA ILE C 151 2.79 -29.19 -34.94
C ILE C 151 4.29 -29.48 -34.91
N VAL C 152 4.84 -29.63 -33.72
CA VAL C 152 6.27 -29.83 -33.54
C VAL C 152 6.63 -31.29 -33.35
N LEU C 153 7.67 -31.73 -34.05
CA LEU C 153 8.27 -33.03 -33.79
C LEU C 153 9.60 -32.81 -33.08
N ASP C 154 9.59 -32.93 -31.76
CA ASP C 154 10.80 -32.84 -30.97
C ASP C 154 11.36 -34.23 -30.72
N SER C 155 12.54 -34.50 -31.26
CA SER C 155 13.23 -35.77 -31.01
C SER C 155 14.64 -35.51 -30.49
N GLY C 156 14.86 -35.82 -29.22
CA GLY C 156 16.12 -35.52 -28.55
C GLY C 156 16.95 -36.76 -28.31
N ASP C 157 17.41 -36.93 -27.06
CA ASP C 157 18.26 -38.05 -26.70
C ASP C 157 17.47 -39.25 -26.19
N GLY C 158 16.56 -39.00 -25.26
CA GLY C 158 15.83 -40.08 -24.60
C GLY C 158 14.35 -40.18 -24.90
N VAL C 159 13.79 -39.19 -25.60
CA VAL C 159 12.35 -39.20 -25.89
C VAL C 159 11.99 -38.31 -27.09
N THR C 160 10.92 -38.70 -27.78
CA THR C 160 10.41 -37.96 -28.92
C THR C 160 8.98 -37.52 -28.63
N HIS C 161 8.60 -36.34 -29.11
CA HIS C 161 7.25 -35.83 -28.91
C HIS C 161 6.64 -35.22 -30.16
N ASN C 162 5.33 -35.42 -30.31
CA ASN C 162 4.51 -34.63 -31.23
C ASN C 162 3.67 -33.69 -30.40
N VAL C 163 3.83 -32.39 -30.63
CA VAL C 163 3.10 -31.38 -29.86
C VAL C 163 2.42 -30.39 -30.80
N PRO C 164 1.12 -30.59 -31.07
CA PRO C 164 0.38 -29.59 -31.84
C PRO C 164 0.11 -28.33 -31.01
N ILE C 165 0.30 -27.18 -31.64
CA ILE C 165 0.22 -25.90 -30.95
C ILE C 165 -0.64 -24.97 -31.79
N TYR C 166 -1.57 -24.27 -31.14
CA TYR C 166 -2.50 -23.36 -31.82
C TYR C 166 -2.54 -22.02 -31.10
N GLU C 167 -2.34 -20.96 -31.87
CA GLU C 167 -2.38 -19.60 -31.34
C GLU C 167 -1.42 -19.41 -30.17
N GLY C 168 -0.36 -20.22 -30.15
CA GLY C 168 0.72 -20.04 -29.20
C GLY C 168 0.71 -20.95 -28.00
N TYR C 169 -0.29 -21.82 -27.90
CA TYR C 169 -0.43 -22.74 -26.78
C TYR C 169 -0.53 -24.17 -27.26
N ALA C 170 0.17 -25.08 -26.57
CA ALA C 170 0.11 -26.49 -26.89
C ALA C 170 -1.28 -27.06 -26.58
N LEU C 171 -1.65 -28.10 -27.33
CA LEU C 171 -2.90 -28.80 -27.09
C LEU C 171 -2.57 -30.16 -26.44
N PRO C 172 -2.62 -30.21 -25.09
CA PRO C 172 -2.09 -31.38 -24.37
C PRO C 172 -2.76 -32.71 -24.75
N HIS C 173 -4.03 -32.64 -25.14
CA HIS C 173 -4.83 -33.83 -25.39
C HIS C 173 -4.36 -34.59 -26.64
N ALA C 174 -3.63 -33.89 -27.50
CA ALA C 174 -3.18 -34.46 -28.76
C ALA C 174 -1.66 -34.65 -28.79
N ILE C 175 -1.01 -34.45 -27.66
CA ILE C 175 0.44 -34.66 -27.58
C ILE C 175 0.76 -36.15 -27.58
N MET C 176 1.65 -36.56 -28.48
CA MET C 176 2.11 -37.95 -28.57
C MET C 176 3.53 -38.08 -28.02
N ARG C 177 3.73 -39.02 -27.10
CA ARG C 177 5.06 -39.30 -26.56
C ARG C 177 5.58 -40.65 -27.05
N LEU C 178 6.76 -40.61 -27.66
CA LEU C 178 7.41 -41.79 -28.18
C LEU C 178 8.78 -41.99 -27.51
N ASP C 179 8.87 -43.00 -26.66
CA ASP C 179 10.10 -43.29 -25.93
C ASP C 179 11.15 -43.94 -26.84
N LEU C 180 11.55 -43.22 -27.89
CA LEU C 180 12.52 -43.72 -28.85
C LEU C 180 13.23 -42.51 -29.44
N ALA C 181 14.55 -42.45 -29.27
CA ALA C 181 15.29 -41.26 -29.70
C ALA C 181 16.77 -41.55 -29.97
N GLY C 182 17.57 -40.50 -30.07
CA GLY C 182 18.96 -40.59 -30.50
C GLY C 182 19.80 -41.59 -29.74
N ARG C 183 19.52 -41.71 -28.44
CA ARG C 183 20.19 -42.68 -27.60
C ARG C 183 19.91 -44.10 -28.05
N ASP C 184 18.65 -44.39 -28.34
CA ASP C 184 18.26 -45.72 -28.78
C ASP C 184 18.87 -46.04 -30.14
N LEU C 185 19.00 -45.01 -30.98
CA LEU C 185 19.60 -45.19 -32.30
C LEU C 185 21.10 -45.43 -32.19
N THR C 186 21.74 -44.77 -31.23
CA THR C 186 23.16 -45.02 -30.99
C THR C 186 23.34 -46.47 -30.59
N ASP C 187 22.51 -46.94 -29.66
CA ASP C 187 22.58 -48.32 -29.21
C ASP C 187 22.26 -49.33 -30.32
N TYR C 188 21.40 -48.94 -31.26
CA TYR C 188 21.06 -49.81 -32.39
C TYR C 188 22.20 -49.84 -33.40
N LEU C 189 22.86 -48.70 -33.59
CA LEU C 189 23.94 -48.61 -34.57
C LEU C 189 25.16 -49.40 -34.09
N MET C 190 25.41 -49.36 -32.78
CA MET C 190 26.44 -50.18 -32.17
C MET C 190 26.17 -51.65 -32.49
N LYS C 191 24.90 -52.03 -32.41
CA LYS C 191 24.51 -53.43 -32.57
C LYS C 191 24.68 -53.93 -34.01
N ILE C 192 24.14 -53.19 -34.97
CA ILE C 192 24.21 -53.60 -36.37
C ILE C 192 25.61 -53.41 -36.96
N LEU C 193 26.46 -52.63 -36.29
CA LEU C 193 27.85 -52.51 -36.70
C LEU C 193 28.66 -53.68 -36.17
N THR C 194 28.21 -54.25 -35.05
CA THR C 194 28.86 -55.40 -34.48
C THR C 194 28.51 -56.64 -35.29
N GLU C 195 27.33 -56.64 -35.89
CA GLU C 195 26.93 -57.69 -36.82
C GLU C 195 27.74 -57.61 -38.12
N ARG C 196 28.07 -56.38 -38.51
CA ARG C 196 28.83 -56.12 -39.73
C ARG C 196 30.23 -56.73 -39.69
N GLY C 197 30.78 -56.88 -38.48
CA GLY C 197 32.09 -57.48 -38.30
C GLY C 197 32.95 -56.80 -37.26
N TYR C 198 32.49 -55.64 -36.79
CA TYR C 198 33.24 -54.90 -35.80
C TYR C 198 32.79 -55.27 -34.40
N SER C 199 33.35 -54.57 -33.42
CA SER C 199 32.94 -54.72 -32.03
C SER C 199 32.89 -53.34 -31.41
N PHE C 200 31.68 -52.81 -31.29
CA PHE C 200 31.45 -51.55 -30.59
C PHE C 200 30.54 -51.88 -29.41
N VAL C 201 31.13 -52.16 -28.26
CA VAL C 201 30.40 -52.64 -27.10
C VAL C 201 30.61 -51.78 -25.86
N THR C 202 31.83 -51.27 -25.67
CA THR C 202 32.17 -50.56 -24.44
C THR C 202 31.64 -49.13 -24.44
N THR C 203 31.54 -48.55 -23.25
CA THR C 203 31.00 -47.21 -23.08
C THR C 203 31.83 -46.17 -23.83
N ALA C 204 33.12 -46.42 -23.98
CA ALA C 204 33.99 -45.52 -24.71
C ALA C 204 33.76 -45.68 -26.20
N GLU C 205 33.31 -46.87 -26.59
CA GLU C 205 32.98 -47.16 -27.99
C GLU C 205 31.58 -46.68 -28.32
N ARG C 206 30.77 -46.42 -27.30
CA ARG C 206 29.45 -45.83 -27.50
C ARG C 206 29.64 -44.39 -27.95
N GLU C 207 30.55 -43.69 -27.28
CA GLU C 207 30.85 -42.30 -27.59
C GLU C 207 31.41 -42.16 -29.01
N ILE C 208 32.04 -43.24 -29.49
CA ILE C 208 32.57 -43.25 -30.85
C ILE C 208 31.46 -43.53 -31.86
N VAL C 209 30.62 -44.50 -31.58
CA VAL C 209 29.52 -44.85 -32.48
C VAL C 209 28.52 -43.69 -32.55
N ARG C 210 28.47 -42.88 -31.49
CA ARG C 210 27.62 -41.70 -31.50
C ARG C 210 28.16 -40.67 -32.49
N ASP C 211 29.48 -40.58 -32.61
CA ASP C 211 30.08 -39.66 -33.56
C ASP C 211 29.80 -40.11 -34.99
N ILE C 212 29.98 -41.41 -35.24
CA ILE C 212 29.67 -42.00 -36.54
C ILE C 212 28.24 -41.67 -36.93
N LYS C 213 27.32 -41.89 -36.00
CA LYS C 213 25.89 -41.65 -36.22
C LYS C 213 25.64 -40.21 -36.67
N GLU C 214 26.30 -39.26 -36.03
CA GLU C 214 26.04 -37.85 -36.28
C GLU C 214 26.71 -37.30 -37.53
N LYS C 215 27.54 -38.10 -38.18
CA LYS C 215 28.37 -37.62 -39.29
C LYS C 215 28.16 -38.38 -40.60
N LEU C 216 27.58 -39.57 -40.54
CA LEU C 216 27.49 -40.43 -41.72
C LEU C 216 26.13 -41.08 -41.97
N CYS C 217 25.23 -40.98 -40.99
CA CYS C 217 23.90 -41.56 -41.13
C CYS C 217 22.97 -40.57 -41.84
N TYR C 218 21.97 -41.12 -42.54
CA TYR C 218 20.94 -40.30 -43.17
C TYR C 218 19.62 -41.05 -43.21
N VAL C 219 18.54 -40.36 -43.54
CA VAL C 219 17.25 -41.01 -43.75
C VAL C 219 17.02 -41.27 -45.23
N ALA C 220 16.68 -42.51 -45.54
CA ALA C 220 16.39 -42.92 -46.91
C ALA C 220 14.97 -42.55 -47.29
N LEU C 221 14.82 -41.88 -48.44
CA LEU C 221 13.50 -41.49 -48.93
C LEU C 221 12.67 -42.74 -49.20
N ASP C 222 13.25 -43.69 -49.92
CA ASP C 222 12.67 -45.01 -50.10
C ASP C 222 13.63 -46.01 -49.47
N PHE C 223 13.30 -46.49 -48.27
CA PHE C 223 14.20 -47.36 -47.53
C PHE C 223 14.40 -48.68 -48.25
N GLU C 224 13.34 -49.17 -48.88
CA GLU C 224 13.40 -50.42 -49.64
C GLU C 224 14.44 -50.34 -50.77
N ASN C 225 14.42 -49.24 -51.50
CA ASN C 225 15.33 -49.05 -52.62
C ASN C 225 16.79 -48.89 -52.18
N GLU C 226 17.04 -48.10 -51.13
CA GLU C 226 18.39 -47.90 -50.61
C GLU C 226 19.02 -49.21 -50.12
N MET C 227 18.23 -50.08 -49.48
CA MET C 227 18.73 -51.36 -49.02
C MET C 227 19.26 -52.16 -50.19
N ALA C 228 18.51 -52.14 -51.28
CA ALA C 228 18.88 -52.90 -52.45
C ALA C 228 20.02 -52.26 -53.21
N THR C 229 20.12 -50.94 -53.13
CA THR C 229 21.24 -50.22 -53.73
C THR C 229 22.54 -50.58 -53.03
N ALA C 230 22.49 -50.62 -51.70
CA ALA C 230 23.67 -50.91 -50.89
C ALA C 230 24.05 -52.39 -50.98
N ALA C 231 23.10 -53.21 -51.42
CA ALA C 231 23.31 -54.65 -51.53
C ALA C 231 23.90 -55.04 -52.88
N SER C 232 24.09 -54.07 -53.77
CA SER C 232 24.62 -54.34 -55.09
C SER C 232 25.49 -53.20 -55.62
N SER C 233 26.06 -52.41 -54.72
CA SER C 233 27.04 -51.40 -55.11
C SER C 233 27.70 -50.82 -53.86
N SER C 234 28.87 -50.22 -54.06
CA SER C 234 29.62 -49.61 -52.98
C SER C 234 29.33 -48.12 -52.90
N SER C 235 28.29 -47.68 -53.62
CA SER C 235 28.04 -46.26 -53.81
C SER C 235 27.50 -45.56 -52.57
N LEU C 236 27.03 -46.34 -51.59
CA LEU C 236 26.50 -45.76 -50.35
C LEU C 236 27.42 -46.05 -49.18
N GLU C 237 28.63 -46.49 -49.47
CA GLU C 237 29.60 -46.79 -48.42
C GLU C 237 30.48 -45.59 -48.13
N LYS C 238 30.77 -45.39 -46.85
CA LYS C 238 31.65 -44.32 -46.39
C LYS C 238 32.66 -44.94 -45.45
N SER C 239 33.80 -44.26 -45.29
CA SER C 239 34.84 -44.72 -44.39
C SER C 239 34.97 -43.76 -43.21
N TYR C 240 35.20 -44.34 -42.03
CA TYR C 240 35.32 -43.60 -40.79
C TYR C 240 36.59 -44.03 -40.08
N GLU C 241 37.46 -43.07 -39.78
CA GLU C 241 38.69 -43.37 -39.06
C GLU C 241 38.47 -43.32 -37.56
N LEU C 242 38.78 -44.42 -36.88
CA LEU C 242 38.65 -44.48 -35.43
C LEU C 242 39.83 -43.74 -34.79
N PRO C 243 39.71 -43.39 -33.50
CA PRO C 243 40.77 -42.65 -32.80
C PRO C 243 42.13 -43.34 -32.81
N ASP C 244 42.18 -44.67 -32.84
CA ASP C 244 43.45 -45.38 -32.85
C ASP C 244 44.04 -45.49 -34.26
N GLY C 245 43.31 -44.96 -35.24
CA GLY C 245 43.77 -44.95 -36.62
C GLY C 245 43.07 -45.95 -37.51
N GLN C 246 42.41 -46.95 -36.93
CA GLN C 246 41.72 -47.96 -37.71
C GLN C 246 40.61 -47.34 -38.54
N VAL C 247 40.55 -47.72 -39.81
CA VAL C 247 39.53 -47.23 -40.74
C VAL C 247 38.49 -48.32 -40.99
N ILE C 248 37.23 -48.00 -40.68
CA ILE C 248 36.12 -48.92 -40.83
C ILE C 248 35.22 -48.42 -41.96
N THR C 249 34.43 -49.33 -42.51
CA THR C 249 33.51 -49.01 -43.59
C THR C 249 32.07 -49.22 -43.13
N ILE C 250 31.22 -48.24 -43.44
CA ILE C 250 29.81 -48.28 -43.06
C ILE C 250 28.96 -48.18 -44.32
N GLY C 251 28.13 -49.20 -44.55
CA GLY C 251 27.27 -49.24 -45.72
C GLY C 251 25.83 -48.91 -45.37
N ASN C 252 24.97 -49.91 -45.43
CA ASN C 252 23.55 -49.69 -45.22
C ASN C 252 23.21 -49.26 -43.79
N GLU C 253 24.15 -49.49 -42.88
CA GLU C 253 23.98 -49.08 -41.49
C GLU C 253 23.73 -47.57 -41.38
N ARG C 254 24.20 -46.81 -42.36
CA ARG C 254 23.99 -45.37 -42.39
C ARG C 254 22.50 -45.01 -42.32
N PHE C 255 21.67 -45.71 -43.11
CA PHE C 255 20.23 -45.39 -43.14
C PHE C 255 19.34 -46.35 -42.36
N ARG C 256 19.83 -47.54 -42.06
CA ARG C 256 19.07 -48.47 -41.26
C ARG C 256 18.95 -47.96 -39.83
N CYS C 257 19.92 -47.14 -39.43
CA CYS C 257 19.94 -46.60 -38.09
C CYS C 257 18.76 -45.64 -37.85
N PRO C 258 18.69 -44.52 -38.58
CA PRO C 258 17.56 -43.63 -38.34
C PRO C 258 16.23 -44.11 -38.96
N GLU C 259 16.26 -45.20 -39.72
CA GLU C 259 15.03 -45.81 -40.23
C GLU C 259 14.17 -46.27 -39.05
N THR C 260 14.83 -46.53 -37.93
CA THR C 260 14.15 -46.99 -36.72
C THR C 260 13.08 -46.01 -36.25
N LEU C 261 13.29 -44.73 -36.53
CA LEU C 261 12.30 -43.71 -36.19
C LEU C 261 10.98 -43.96 -36.92
N PHE C 262 11.07 -44.53 -38.11
CA PHE C 262 9.90 -44.79 -38.93
C PHE C 262 9.42 -46.22 -38.76
N GLN C 263 10.35 -47.12 -38.43
CA GLN C 263 10.04 -48.51 -38.16
C GLN C 263 10.64 -48.90 -36.81
N PRO C 264 9.96 -48.55 -35.71
CA PRO C 264 10.45 -48.86 -34.37
C PRO C 264 10.56 -50.37 -34.11
N SER C 265 10.06 -51.19 -35.02
CA SER C 265 10.15 -52.64 -34.89
C SER C 265 11.58 -53.11 -35.11
N PHE C 266 12.39 -52.28 -35.76
CA PHE C 266 13.82 -52.58 -35.96
C PHE C 266 14.48 -52.81 -34.61
N ILE C 267 14.04 -52.06 -33.60
CA ILE C 267 14.66 -52.09 -32.29
C ILE C 267 13.80 -52.93 -31.32
N GLY C 268 12.63 -53.35 -31.79
CA GLY C 268 11.74 -54.20 -31.01
C GLY C 268 10.65 -53.45 -30.27
N MET C 269 10.08 -52.42 -30.91
CA MET C 269 8.94 -51.70 -30.34
C MET C 269 7.66 -51.95 -31.11
N GLU C 270 6.59 -52.19 -30.37
CA GLU C 270 5.25 -52.31 -30.94
C GLU C 270 4.74 -50.94 -31.41
N SER C 271 5.51 -49.90 -31.10
CA SER C 271 5.10 -48.52 -31.36
C SER C 271 5.04 -48.17 -32.85
N ALA C 272 4.39 -47.05 -33.15
CA ALA C 272 4.32 -46.54 -34.52
C ALA C 272 5.49 -45.63 -34.83
N GLY C 273 5.74 -45.38 -36.12
CA GLY C 273 6.80 -44.48 -36.54
C GLY C 273 6.51 -43.04 -36.19
N ILE C 274 7.48 -42.15 -36.45
CA ILE C 274 7.29 -40.74 -36.18
C ILE C 274 6.35 -40.07 -37.19
N HIS C 275 6.20 -40.68 -38.36
CA HIS C 275 5.27 -40.18 -39.35
C HIS C 275 3.84 -40.42 -38.91
N GLU C 276 3.60 -41.60 -38.35
CA GLU C 276 2.27 -41.97 -37.87
C GLU C 276 1.86 -41.20 -36.62
N THR C 277 2.79 -41.00 -35.70
CA THR C 277 2.49 -40.26 -34.46
C THR C 277 2.24 -38.79 -34.79
N THR C 278 2.90 -38.30 -35.83
CA THR C 278 2.67 -36.95 -36.30
C THR C 278 1.26 -36.86 -36.89
N TYR C 279 0.94 -37.81 -37.76
CA TYR C 279 -0.37 -37.91 -38.38
C TYR C 279 -1.47 -38.06 -37.32
N ASN C 280 -1.32 -39.04 -36.43
CA ASN C 280 -2.32 -39.31 -35.41
C ASN C 280 -2.50 -38.12 -34.47
N SER C 281 -1.43 -37.36 -34.26
CA SER C 281 -1.50 -36.16 -33.42
C SER C 281 -2.41 -35.10 -34.04
N ILE C 282 -2.26 -34.86 -35.34
CA ILE C 282 -3.08 -33.88 -36.04
C ILE C 282 -4.56 -34.28 -36.01
N MET C 283 -4.84 -35.57 -36.18
CA MET C 283 -6.21 -36.04 -36.27
C MET C 283 -6.97 -35.88 -34.96
N LYS C 284 -6.25 -35.80 -33.84
CA LYS C 284 -6.86 -35.54 -32.55
C LYS C 284 -7.24 -34.07 -32.40
N CYS C 285 -6.75 -33.24 -33.32
CA CYS C 285 -7.02 -31.81 -33.26
C CYS C 285 -8.26 -31.46 -34.07
N ASP C 286 -8.87 -30.33 -33.75
CA ASP C 286 -10.09 -29.89 -34.41
C ASP C 286 -9.87 -29.76 -35.91
N ILE C 287 -10.90 -30.10 -36.69
CA ILE C 287 -10.80 -30.13 -38.13
C ILE C 287 -10.38 -28.76 -38.69
N ASP C 288 -10.78 -27.71 -37.98
CA ASP C 288 -10.54 -26.35 -38.45
C ASP C 288 -9.06 -26.03 -38.54
N ILE C 289 -8.29 -26.49 -37.56
CA ILE C 289 -6.87 -26.15 -37.44
C ILE C 289 -5.92 -27.17 -38.06
N ARG C 290 -6.44 -28.31 -38.50
CA ARG C 290 -5.62 -29.39 -39.06
C ARG C 290 -4.80 -28.94 -40.27
N LYS C 291 -5.42 -28.18 -41.16
CA LYS C 291 -4.74 -27.70 -42.36
C LYS C 291 -3.55 -26.83 -41.98
N ASP C 292 -3.71 -26.03 -40.93
CA ASP C 292 -2.64 -25.19 -40.43
C ASP C 292 -1.49 -26.04 -39.88
N LEU C 293 -1.84 -27.16 -39.25
CA LEU C 293 -0.83 -28.05 -38.69
C LEU C 293 -0.06 -28.76 -39.80
N TYR C 294 -0.79 -29.42 -40.71
CA TYR C 294 -0.19 -30.10 -41.86
C TYR C 294 0.82 -29.21 -42.58
N ALA C 295 0.50 -27.92 -42.68
CA ALA C 295 1.31 -26.98 -43.43
C ALA C 295 2.44 -26.39 -42.58
N ASN C 296 2.53 -26.82 -41.33
CA ASN C 296 3.52 -26.27 -40.41
C ASN C 296 4.10 -27.31 -39.48
N ASN C 297 4.62 -28.39 -40.05
CA ASN C 297 5.40 -29.36 -39.30
C ASN C 297 6.79 -28.82 -39.05
N VAL C 298 7.05 -28.40 -37.81
CA VAL C 298 8.37 -27.90 -37.43
C VAL C 298 9.11 -28.97 -36.65
N MET C 299 10.33 -29.26 -37.08
CA MET C 299 11.10 -30.33 -36.46
C MET C 299 12.21 -29.79 -35.57
N SER C 300 12.39 -30.46 -34.44
CA SER C 300 13.15 -29.93 -33.33
C SER C 300 13.98 -31.04 -32.69
N GLY C 301 15.21 -30.73 -32.31
CA GLY C 301 16.03 -31.67 -31.57
C GLY C 301 17.06 -32.39 -32.41
N GLY C 302 18.12 -32.83 -31.75
CA GLY C 302 19.25 -33.45 -32.40
C GLY C 302 18.95 -34.65 -33.29
N THR C 303 17.95 -35.41 -32.91
CA THR C 303 17.63 -36.65 -33.62
C THR C 303 16.86 -36.36 -34.91
N THR C 304 16.54 -35.09 -35.17
CA THR C 304 15.94 -34.69 -36.44
C THR C 304 16.98 -34.08 -37.37
N MET C 305 18.26 -34.19 -37.00
CA MET C 305 19.33 -33.58 -37.79
C MET C 305 19.81 -34.44 -38.94
N TYR C 306 19.24 -35.63 -39.08
CA TYR C 306 19.62 -36.52 -40.18
C TYR C 306 19.30 -35.89 -41.54
N PRO C 307 20.17 -36.09 -42.53
CA PRO C 307 19.85 -35.68 -43.89
C PRO C 307 18.66 -36.43 -44.51
N GLY C 308 17.81 -35.70 -45.23
CA GLY C 308 16.70 -36.31 -45.96
C GLY C 308 15.52 -36.72 -45.10
N ILE C 309 15.56 -36.43 -43.81
CA ILE C 309 14.46 -36.80 -42.91
C ILE C 309 13.22 -35.96 -43.20
N ALA C 310 13.43 -34.70 -43.58
CA ALA C 310 12.33 -33.81 -43.95
C ALA C 310 11.62 -34.32 -45.19
N ASP C 311 12.38 -34.64 -46.23
CA ASP C 311 11.81 -35.14 -47.48
C ASP C 311 11.08 -36.45 -47.27
N ARG C 312 11.52 -37.22 -46.28
CA ARG C 312 10.87 -38.48 -45.95
C ARG C 312 9.55 -38.24 -45.23
N MET C 313 9.53 -37.30 -44.28
CA MET C 313 8.29 -36.91 -43.62
C MET C 313 7.32 -36.31 -44.63
N GLN C 314 7.85 -35.53 -45.57
CA GLN C 314 7.03 -34.97 -46.64
C GLN C 314 6.33 -36.10 -47.38
N LYS C 315 7.07 -37.18 -47.64
CA LYS C 315 6.54 -38.33 -48.36
C LYS C 315 5.50 -39.07 -47.52
N GLU C 316 5.91 -39.48 -46.33
CA GLU C 316 5.09 -40.36 -45.49
C GLU C 316 3.78 -39.72 -45.03
N ILE C 317 3.81 -38.43 -44.75
CA ILE C 317 2.59 -37.74 -44.33
C ILE C 317 1.64 -37.60 -45.52
N THR C 318 2.18 -37.31 -46.69
CA THR C 318 1.37 -37.18 -47.91
C THR C 318 0.58 -38.46 -48.19
N ALA C 319 1.19 -39.60 -47.88
CA ALA C 319 0.55 -40.90 -48.08
C ALA C 319 -0.54 -41.16 -47.04
N LEU C 320 -0.52 -40.39 -45.95
CA LEU C 320 -1.45 -40.57 -44.84
C LEU C 320 -2.54 -39.52 -44.83
N ALA C 321 -2.24 -38.35 -45.40
CA ALA C 321 -3.16 -37.23 -45.40
C ALA C 321 -4.12 -37.28 -46.59
N PRO C 322 -5.21 -36.50 -46.51
CA PRO C 322 -6.10 -36.31 -47.66
C PRO C 322 -5.34 -35.85 -48.90
N SER C 323 -5.73 -36.36 -50.07
CA SER C 323 -5.01 -36.10 -51.31
C SER C 323 -4.92 -34.62 -51.68
N THR C 324 -5.84 -33.82 -51.14
CA THR C 324 -5.87 -32.39 -51.43
C THR C 324 -5.01 -31.58 -50.45
N MET C 325 -4.54 -32.23 -49.39
CA MET C 325 -3.92 -31.53 -48.27
C MET C 325 -2.54 -30.97 -48.58
N LYS C 326 -2.37 -29.68 -48.35
CA LYS C 326 -1.08 -29.02 -48.52
C LYS C 326 -0.21 -29.28 -47.29
N ILE C 327 0.96 -29.89 -47.52
CA ILE C 327 1.83 -30.34 -46.45
C ILE C 327 3.21 -29.71 -46.60
N LYS C 328 3.71 -29.13 -45.53
CA LYS C 328 5.04 -28.53 -45.52
C LYS C 328 5.80 -28.93 -44.26
N ILE C 329 7.04 -29.37 -44.45
CA ILE C 329 7.90 -29.77 -43.34
C ILE C 329 9.04 -28.77 -43.19
N ILE C 330 9.01 -28.03 -42.08
CA ILE C 330 10.04 -27.05 -41.78
C ILE C 330 11.09 -27.69 -40.86
N ALA C 331 12.34 -27.70 -41.32
CA ALA C 331 13.44 -28.27 -40.55
C ALA C 331 14.59 -27.27 -40.46
N PRO C 332 14.50 -26.32 -39.51
CA PRO C 332 15.51 -25.25 -39.42
C PRO C 332 16.93 -25.81 -39.21
N PRO C 333 17.93 -25.17 -39.84
CA PRO C 333 19.32 -25.63 -39.72
C PRO C 333 19.85 -25.61 -38.28
N GLU C 334 19.23 -24.81 -37.43
CA GLU C 334 19.69 -24.66 -36.04
C GLU C 334 18.80 -25.43 -35.09
N ARG C 335 18.09 -26.44 -35.60
CA ARG C 335 17.06 -27.11 -34.81
C ARG C 335 17.60 -27.95 -33.65
N LYS C 336 18.92 -28.11 -33.60
CA LYS C 336 19.55 -28.80 -32.48
C LYS C 336 19.40 -27.98 -31.20
N TYR C 337 19.26 -26.67 -31.35
CA TYR C 337 19.09 -25.76 -30.22
C TYR C 337 17.81 -24.94 -30.36
N SER C 338 16.87 -25.48 -31.15
CA SER C 338 15.58 -24.86 -31.41
C SER C 338 14.84 -24.48 -30.12
N VAL C 339 14.79 -25.43 -29.18
CA VAL C 339 14.13 -25.21 -27.89
C VAL C 339 14.80 -24.08 -27.12
N TRP C 340 16.12 -24.08 -27.09
CA TRP C 340 16.83 -23.08 -26.30
C TRP C 340 16.65 -21.69 -26.90
N ILE C 341 16.84 -21.60 -28.21
CA ILE C 341 16.72 -20.32 -28.92
C ILE C 341 15.32 -19.72 -28.68
N GLY C 342 14.32 -20.59 -28.67
CA GLY C 342 12.94 -20.18 -28.43
C GLY C 342 12.74 -19.50 -27.10
N GLY C 343 13.31 -20.07 -26.04
CA GLY C 343 13.23 -19.48 -24.72
C GLY C 343 13.96 -18.14 -24.69
N SER C 344 15.08 -18.07 -25.41
CA SER C 344 15.88 -16.85 -25.47
C SER C 344 15.13 -15.73 -26.17
N ILE C 345 14.23 -16.09 -27.09
CA ILE C 345 13.39 -15.11 -27.78
C ILE C 345 12.22 -14.70 -26.89
N LEU C 346 11.56 -15.69 -26.30
CA LEU C 346 10.44 -15.45 -25.40
C LEU C 346 10.84 -14.53 -24.25
N ALA C 347 11.99 -14.81 -23.65
CA ALA C 347 12.45 -14.06 -22.49
C ALA C 347 12.99 -12.68 -22.86
N SER C 348 13.11 -12.42 -24.16
CA SER C 348 13.63 -11.15 -24.65
C SER C 348 12.51 -10.14 -24.92
N LEU C 349 11.26 -10.61 -24.93
CA LEU C 349 10.13 -9.73 -25.17
C LEU C 349 9.85 -8.86 -23.95
N SER C 350 9.48 -7.60 -24.20
CA SER C 350 9.11 -6.70 -23.11
C SER C 350 7.84 -7.20 -22.45
N THR C 351 6.92 -7.66 -23.30
CA THR C 351 5.61 -8.12 -22.86
C THR C 351 5.72 -9.32 -21.92
N PHE C 352 6.77 -10.11 -22.07
CA PHE C 352 6.99 -11.30 -21.26
C PHE C 352 7.45 -10.98 -19.83
N GLN C 353 7.90 -9.75 -19.62
CA GLN C 353 8.51 -9.39 -18.33
C GLN C 353 7.54 -9.44 -17.16
N GLN C 354 6.26 -9.16 -17.42
CA GLN C 354 5.24 -9.28 -16.40
C GLN C 354 4.88 -10.74 -16.15
N MET C 355 5.27 -11.62 -17.07
CA MET C 355 4.88 -13.03 -17.01
C MET C 355 5.79 -13.86 -16.11
N TRP C 356 6.93 -13.30 -15.73
CA TRP C 356 7.81 -13.99 -14.79
C TRP C 356 7.07 -14.20 -13.46
N ILE C 357 7.40 -15.30 -12.78
CA ILE C 357 6.96 -15.48 -11.40
C ILE C 357 8.01 -14.83 -10.52
N THR C 358 7.66 -13.74 -9.85
CA THR C 358 8.60 -13.03 -9.00
C THR C 358 8.70 -13.69 -7.64
N LYS C 359 9.80 -13.44 -6.93
CA LYS C 359 10.02 -14.07 -5.63
C LYS C 359 8.98 -13.62 -4.61
N GLN C 360 8.47 -12.40 -4.76
CA GLN C 360 7.41 -11.91 -3.90
C GLN C 360 6.14 -12.70 -4.17
N GLU C 361 5.85 -12.93 -5.45
CA GLU C 361 4.66 -13.70 -5.84
C GLU C 361 4.73 -15.12 -5.32
N TYR C 362 5.95 -15.63 -5.13
CA TYR C 362 6.15 -16.98 -4.65
C TYR C 362 5.99 -17.05 -3.13
N ASP C 363 6.52 -16.04 -2.44
CA ASP C 363 6.41 -15.97 -0.99
C ASP C 363 4.97 -15.79 -0.53
N GLU C 364 4.11 -15.33 -1.44
CA GLU C 364 2.74 -14.99 -1.09
C GLU C 364 1.73 -16.08 -1.49
N ALA C 365 2.07 -16.89 -2.49
CA ALA C 365 1.15 -17.90 -3.01
C ALA C 365 1.74 -19.31 -3.00
N GLY C 366 3.04 -19.41 -2.78
CA GLY C 366 3.72 -20.71 -2.75
C GLY C 366 3.88 -21.31 -4.13
N PRO C 367 4.42 -22.54 -4.20
CA PRO C 367 4.70 -23.24 -5.45
C PRO C 367 3.48 -23.41 -6.36
N SER C 368 2.30 -23.23 -5.82
CA SER C 368 1.13 -23.40 -6.63
C SER C 368 0.87 -22.22 -7.54
N ILE C 369 1.62 -21.13 -7.37
CA ILE C 369 1.47 -19.94 -8.20
C ILE C 369 1.77 -20.28 -9.67
N VAL C 370 2.54 -21.34 -9.88
CA VAL C 370 2.96 -21.71 -11.23
C VAL C 370 1.80 -22.24 -12.06
N HIS C 371 0.69 -22.58 -11.40
CA HIS C 371 -0.50 -23.08 -12.08
C HIS C 371 -1.33 -21.96 -12.71
N ARG C 372 -0.91 -20.72 -12.47
CA ARG C 372 -1.66 -19.56 -12.93
C ARG C 372 -0.78 -18.65 -13.78
N LYS C 373 0.52 -18.88 -13.70
CA LYS C 373 1.50 -18.09 -14.46
C LYS C 373 2.04 -18.87 -15.67
N CYS C 374 2.26 -20.17 -15.49
CA CYS C 374 2.84 -21.00 -16.54
C CYS C 374 1.76 -21.89 -17.14
N THR D 5 -32.52 -16.85 35.31
CA THR D 5 -32.42 -16.02 34.12
C THR D 5 -31.62 -16.73 33.02
N THR D 6 -31.91 -16.38 31.77
CA THR D 6 -31.25 -16.98 30.61
C THR D 6 -30.63 -15.92 29.72
N ALA D 7 -29.47 -16.25 29.14
CA ALA D 7 -28.71 -15.30 28.33
C ALA D 7 -29.33 -15.06 26.96
N LEU D 8 -28.96 -13.95 26.34
CA LEU D 8 -29.45 -13.59 25.01
C LEU D 8 -28.33 -13.60 23.98
N VAL D 9 -28.67 -14.04 22.75
CA VAL D 9 -27.74 -14.06 21.63
C VAL D 9 -28.33 -13.31 20.45
N CYS D 10 -27.67 -12.22 20.04
CA CYS D 10 -28.14 -11.40 18.94
C CYS D 10 -27.10 -11.30 17.83
N ASP D 11 -27.40 -11.93 16.70
CA ASP D 11 -26.53 -11.87 15.53
C ASP D 11 -26.95 -10.69 14.65
N ASN D 12 -26.14 -9.64 14.66
CA ASN D 12 -26.48 -8.42 13.95
C ASN D 12 -26.07 -8.49 12.48
N GLY D 13 -26.91 -9.12 11.67
CA GLY D 13 -26.60 -9.37 10.27
C GLY D 13 -26.83 -8.16 9.37
N SER D 14 -26.18 -8.20 8.20
CA SER D 14 -26.28 -7.13 7.24
C SER D 14 -27.62 -7.14 6.51
N GLY D 15 -28.30 -8.28 6.56
CA GLY D 15 -29.59 -8.45 5.92
C GLY D 15 -30.64 -8.90 6.92
N LEU D 16 -30.26 -9.84 7.78
CA LEU D 16 -31.17 -10.41 8.76
C LEU D 16 -30.57 -10.44 10.15
N VAL D 17 -31.32 -9.92 11.12
CA VAL D 17 -30.97 -10.10 12.52
C VAL D 17 -31.47 -11.46 12.96
N LYS D 18 -30.58 -12.26 13.55
CA LYS D 18 -30.96 -13.52 14.16
C LYS D 18 -30.84 -13.39 15.67
N ALA D 19 -31.98 -13.51 16.36
CA ALA D 19 -32.04 -13.31 17.80
C ALA D 19 -32.69 -14.50 18.51
N GLY D 20 -32.36 -14.68 19.78
CA GLY D 20 -32.86 -15.81 20.56
C GLY D 20 -32.20 -15.89 21.92
N PHE D 21 -32.31 -17.07 22.54
CA PHE D 21 -31.78 -17.31 23.89
C PHE D 21 -30.68 -18.36 23.85
N ALA D 22 -29.59 -18.11 24.59
CA ALA D 22 -28.49 -19.07 24.66
C ALA D 22 -29.00 -20.42 25.17
N GLY D 23 -28.49 -21.49 24.58
CA GLY D 23 -28.92 -22.84 24.92
C GLY D 23 -29.95 -23.38 23.94
N ASP D 24 -30.58 -22.49 23.19
CA ASP D 24 -31.66 -22.90 22.28
C ASP D 24 -31.16 -23.59 21.01
N ASP D 25 -32.09 -24.26 20.36
CA ASP D 25 -31.82 -25.04 19.15
C ASP D 25 -31.46 -24.12 17.99
N ALA D 26 -32.21 -23.04 17.85
CA ALA D 26 -32.07 -22.11 16.74
C ALA D 26 -32.49 -20.73 17.22
N PRO D 27 -32.35 -19.71 16.35
CA PRO D 27 -32.86 -18.38 16.74
C PRO D 27 -34.38 -18.32 16.84
N ARG D 28 -34.87 -17.61 17.85
CA ARG D 28 -36.29 -17.46 18.10
C ARG D 28 -36.89 -16.36 17.22
N ALA D 29 -36.04 -15.44 16.79
CA ALA D 29 -36.46 -14.31 15.95
C ALA D 29 -35.50 -14.11 14.79
N VAL D 30 -36.05 -13.99 13.59
CA VAL D 30 -35.28 -13.70 12.39
C VAL D 30 -36.02 -12.68 11.55
N PHE D 31 -35.45 -11.48 11.41
CA PHE D 31 -36.11 -10.40 10.69
C PHE D 31 -35.12 -9.49 9.98
N PRO D 32 -35.58 -8.72 8.98
CA PRO D 32 -34.72 -7.80 8.24
C PRO D 32 -34.07 -6.71 9.09
N SER D 33 -32.82 -6.42 8.80
CA SER D 33 -32.08 -5.38 9.51
C SER D 33 -32.39 -4.03 8.89
N ILE D 34 -33.66 -3.64 8.91
CA ILE D 34 -34.10 -2.42 8.26
C ILE D 34 -34.86 -1.50 9.22
N VAL D 35 -34.57 -0.21 9.13
CA VAL D 35 -35.25 0.82 9.92
C VAL D 35 -36.00 1.77 8.99
N GLY D 36 -37.31 1.87 9.18
CA GLY D 36 -38.15 2.74 8.36
C GLY D 36 -38.73 3.90 9.15
N ARG D 37 -38.74 5.09 8.54
CA ARG D 37 -39.31 6.27 9.17
C ARG D 37 -39.84 7.23 8.09
N PRO D 38 -40.95 7.95 8.38
CA PRO D 38 -41.66 8.73 7.36
C PRO D 38 -40.80 9.76 6.62
N GLN D 49 -48.58 4.65 12.31
CA GLN D 49 -48.91 5.51 13.44
C GLN D 49 -47.73 5.69 14.38
N LYS D 50 -46.52 5.40 13.88
CA LYS D 50 -45.30 5.50 14.70
C LYS D 50 -44.23 6.34 13.99
N ASP D 51 -43.13 6.58 14.70
CA ASP D 51 -42.02 7.35 14.17
C ASP D 51 -40.92 6.46 13.62
N SER D 52 -40.94 5.17 13.98
CA SER D 52 -39.98 4.22 13.44
C SER D 52 -40.50 2.80 13.49
N TYR D 53 -40.45 2.12 12.35
CA TYR D 53 -40.77 0.71 12.26
C TYR D 53 -39.47 -0.07 12.05
N VAL D 54 -39.44 -1.31 12.51
CA VAL D 54 -38.26 -2.15 12.39
C VAL D 54 -38.63 -3.57 11.98
N GLY D 55 -37.93 -4.09 10.98
CA GLY D 55 -38.08 -5.47 10.57
C GLY D 55 -38.99 -5.66 9.39
N ASP D 56 -39.92 -6.62 9.52
CA ASP D 56 -40.82 -6.97 8.44
C ASP D 56 -41.82 -5.86 8.11
N GLU D 57 -42.46 -5.30 9.13
CA GLU D 57 -43.48 -4.29 8.91
C GLU D 57 -42.88 -2.98 8.41
N ALA D 58 -41.55 -2.89 8.46
CA ALA D 58 -40.86 -1.71 7.96
C ALA D 58 -40.83 -1.70 6.43
N GLN D 59 -40.80 -2.88 5.81
CA GLN D 59 -40.75 -2.98 4.36
C GLN D 59 -42.13 -3.23 3.75
N SER D 60 -43.11 -3.53 4.60
CA SER D 60 -44.49 -3.64 4.15
C SER D 60 -45.01 -2.23 3.87
N LYS D 61 -44.63 -1.31 4.75
CA LYS D 61 -45.01 0.09 4.62
C LYS D 61 -43.84 0.88 4.02
N ARG D 62 -43.09 0.25 3.12
CA ARG D 62 -41.89 0.86 2.56
C ARG D 62 -42.22 2.09 1.71
N GLY D 63 -43.47 2.17 1.28
CA GLY D 63 -43.92 3.26 0.44
C GLY D 63 -44.06 4.56 1.20
N ILE D 64 -44.49 4.46 2.45
CA ILE D 64 -44.73 5.63 3.30
C ILE D 64 -43.54 5.93 4.23
N LEU D 65 -42.50 5.09 4.16
CA LEU D 65 -41.33 5.23 5.02
C LEU D 65 -40.05 5.46 4.21
N THR D 66 -38.98 5.85 4.90
CA THR D 66 -37.64 5.90 4.31
C THR D 66 -36.81 4.77 4.91
N LEU D 67 -36.49 3.78 4.09
CA LEU D 67 -35.75 2.62 4.57
C LEU D 67 -34.26 2.91 4.74
N LYS D 68 -33.73 2.51 5.90
CA LYS D 68 -32.31 2.67 6.20
C LYS D 68 -31.67 1.31 6.36
N TYR D 69 -30.44 1.16 5.89
CA TYR D 69 -29.71 -0.09 5.95
C TYR D 69 -28.46 0.10 6.85
N PRO D 70 -28.66 -0.01 8.17
CA PRO D 70 -27.61 0.42 9.11
C PRO D 70 -26.46 -0.57 9.28
N ILE D 71 -26.63 -1.83 8.84
CA ILE D 71 -25.60 -2.84 9.04
C ILE D 71 -25.14 -3.46 7.73
N GLU D 72 -25.45 -2.81 6.61
CA GLU D 72 -25.02 -3.36 5.32
C GLU D 72 -23.51 -3.46 5.28
N HIS D 73 -23.01 -4.42 4.51
CA HIS D 73 -21.57 -4.70 4.43
C HIS D 73 -20.97 -5.15 5.77
N GLY D 74 -21.84 -5.49 6.72
CA GLY D 74 -21.41 -6.15 7.95
C GLY D 74 -21.17 -5.23 9.15
N ILE D 75 -20.71 -4.02 8.88
CA ILE D 75 -20.33 -3.09 9.94
C ILE D 75 -21.43 -2.05 10.16
N ILE D 76 -21.68 -1.72 11.43
CA ILE D 76 -22.75 -0.79 11.80
C ILE D 76 -22.32 0.65 11.54
N THR D 77 -23.10 1.36 10.72
CA THR D 77 -22.75 2.72 10.32
C THR D 77 -23.59 3.82 10.98
N ASN D 78 -24.81 3.46 11.41
CA ASN D 78 -25.70 4.41 12.09
C ASN D 78 -26.19 3.87 13.43
N TRP D 79 -25.82 4.58 14.50
CA TRP D 79 -26.10 4.10 15.85
C TRP D 79 -27.50 4.45 16.35
N ASP D 80 -28.14 5.43 15.71
CA ASP D 80 -29.53 5.73 16.02
C ASP D 80 -30.44 4.66 15.41
N ASP D 81 -30.14 4.28 14.18
CA ASP D 81 -30.89 3.22 13.52
C ASP D 81 -30.69 1.89 14.24
N MET D 82 -29.46 1.64 14.66
CA MET D 82 -29.14 0.35 15.29
C MET D 82 -29.78 0.25 16.66
N GLU D 83 -29.88 1.38 17.35
CA GLU D 83 -30.54 1.43 18.64
C GLU D 83 -32.00 0.99 18.51
N LYS D 84 -32.64 1.38 17.40
CA LYS D 84 -34.01 1.00 17.15
C LYS D 84 -34.16 -0.51 16.90
N ILE D 85 -33.19 -1.09 16.19
CA ILE D 85 -33.23 -2.53 15.91
C ILE D 85 -33.04 -3.34 17.19
N TRP D 86 -32.14 -2.90 18.06
CA TRP D 86 -31.89 -3.60 19.32
C TRP D 86 -33.09 -3.48 20.26
N HIS D 87 -33.71 -2.31 20.28
CA HIS D 87 -34.93 -2.09 21.07
C HIS D 87 -36.05 -2.99 20.57
N HIS D 88 -36.19 -3.08 19.25
CA HIS D 88 -37.22 -3.92 18.63
C HIS D 88 -36.95 -5.41 18.87
N THR D 89 -35.69 -5.76 19.14
CA THR D 89 -35.30 -7.15 19.33
C THR D 89 -35.58 -7.61 20.75
N PHE D 90 -35.17 -6.84 21.74
CA PHE D 90 -35.37 -7.21 23.14
C PHE D 90 -36.86 -7.22 23.48
N TYR D 91 -37.57 -6.21 23.00
CA TYR D 91 -38.97 -6.03 23.35
C TYR D 91 -39.91 -6.67 22.32
N ASN D 92 -40.02 -6.07 21.14
CA ASN D 92 -41.05 -6.46 20.18
C ASN D 92 -40.88 -7.86 19.55
N GLU D 93 -39.74 -8.49 19.76
CA GLU D 93 -39.46 -9.80 19.14
C GLU D 93 -39.21 -10.92 20.15
N LEU D 94 -38.45 -10.64 21.21
CA LEU D 94 -38.08 -11.66 22.19
C LEU D 94 -38.83 -11.53 23.52
N ARG D 95 -39.51 -10.40 23.71
CA ARG D 95 -40.21 -10.10 24.97
C ARG D 95 -39.39 -10.39 26.22
N VAL D 96 -38.31 -9.62 26.40
CA VAL D 96 -37.49 -9.72 27.60
C VAL D 96 -37.06 -8.34 28.11
N ALA D 97 -36.74 -8.28 29.39
CA ALA D 97 -36.17 -7.08 29.99
C ALA D 97 -34.66 -7.14 29.86
N PRO D 98 -34.07 -6.28 28.99
CA PRO D 98 -32.63 -6.42 28.74
C PRO D 98 -31.77 -6.34 30.01
N GLU D 99 -32.29 -5.71 31.06
CA GLU D 99 -31.55 -5.59 32.31
C GLU D 99 -31.57 -6.88 33.13
N GLU D 100 -32.40 -7.83 32.73
CA GLU D 100 -32.49 -9.10 33.45
C GLU D 100 -31.66 -10.19 32.78
N HIS D 101 -31.33 -10.00 31.50
CA HIS D 101 -30.64 -11.02 30.72
C HIS D 101 -29.30 -10.56 30.15
N PRO D 102 -28.22 -11.34 30.38
CA PRO D 102 -26.95 -11.03 29.71
C PRO D 102 -27.09 -11.13 28.20
N THR D 103 -26.33 -10.32 27.46
CA THR D 103 -26.51 -10.21 26.02
C THR D 103 -25.22 -10.43 25.24
N LEU D 104 -25.22 -11.45 24.39
CA LEU D 104 -24.11 -11.68 23.47
C LEU D 104 -24.43 -11.08 22.11
N LEU D 105 -23.61 -10.11 21.70
CA LEU D 105 -23.72 -9.54 20.36
C LEU D 105 -22.67 -10.17 19.46
N THR D 106 -22.96 -10.26 18.17
CA THR D 106 -21.96 -10.68 17.20
C THR D 106 -21.46 -9.46 16.46
N GLU D 107 -20.25 -9.56 15.91
CA GLU D 107 -19.69 -8.49 15.09
C GLU D 107 -19.04 -9.07 13.84
N ALA D 108 -18.93 -8.22 12.82
CA ALA D 108 -18.28 -8.62 11.58
C ALA D 108 -16.77 -8.76 11.84
N PRO D 109 -16.09 -9.59 11.05
CA PRO D 109 -14.63 -9.64 11.07
C PRO D 109 -14.04 -8.26 10.76
N LEU D 110 -12.92 -7.95 11.40
CA LEU D 110 -12.24 -6.67 11.21
C LEU D 110 -13.13 -5.48 11.60
N ASN D 111 -14.03 -5.71 12.55
CA ASN D 111 -14.81 -4.60 13.10
C ASN D 111 -13.89 -3.74 13.96
N PRO D 112 -13.74 -2.44 13.61
CA PRO D 112 -12.77 -1.60 14.33
C PRO D 112 -13.10 -1.39 15.80
N LYS D 113 -12.09 -0.97 16.57
CA LYS D 113 -12.22 -0.86 18.01
C LYS D 113 -13.26 0.18 18.42
N ALA D 114 -13.29 1.30 17.71
CA ALA D 114 -14.24 2.37 17.99
C ALA D 114 -15.67 1.88 17.85
N ASN D 115 -15.84 0.82 17.06
CA ASN D 115 -17.15 0.22 16.82
C ASN D 115 -17.61 -0.65 17.98
N ARG D 116 -16.73 -1.54 18.43
CA ARG D 116 -17.03 -2.46 19.52
C ARG D 116 -17.34 -1.66 20.77
N GLU D 117 -16.62 -0.57 20.95
CA GLU D 117 -16.77 0.28 22.13
C GLU D 117 -18.17 0.88 22.20
N LYS D 118 -18.68 1.35 21.05
CA LYS D 118 -20.00 1.96 21.02
C LYS D 118 -21.10 0.91 21.12
N MET D 119 -20.81 -0.32 20.69
CA MET D 119 -21.75 -1.42 20.88
C MET D 119 -21.87 -1.71 22.38
N THR D 120 -20.72 -1.75 23.05
CA THR D 120 -20.66 -1.98 24.48
C THR D 120 -21.27 -0.83 25.27
N GLN D 121 -21.09 0.39 24.79
CA GLN D 121 -21.62 1.58 25.45
C GLN D 121 -23.14 1.57 25.45
N ILE D 122 -23.71 1.26 24.29
CA ILE D 122 -25.16 1.24 24.12
C ILE D 122 -25.81 0.16 24.98
N MET D 123 -25.22 -1.02 25.01
CA MET D 123 -25.76 -2.15 25.75
C MET D 123 -25.94 -1.82 27.24
N PHE D 124 -25.01 -1.05 27.79
CA PHE D 124 -25.00 -0.76 29.23
C PHE D 124 -25.72 0.53 29.60
N GLU D 125 -25.67 1.52 28.71
CA GLU D 125 -26.21 2.85 29.03
C GLU D 125 -27.59 3.08 28.43
N THR D 126 -27.89 2.38 27.35
CA THR D 126 -29.14 2.59 26.62
C THR D 126 -30.13 1.45 26.86
N PHE D 127 -29.61 0.27 27.20
CA PHE D 127 -30.46 -0.89 27.49
C PHE D 127 -30.20 -1.43 28.89
N ASN D 128 -29.12 -0.95 29.50
CA ASN D 128 -28.82 -1.28 30.88
C ASN D 128 -28.81 -2.78 31.12
N VAL D 129 -28.03 -3.51 30.33
CA VAL D 129 -27.92 -4.94 30.53
C VAL D 129 -27.03 -5.18 31.74
N PRO D 130 -27.15 -6.35 32.38
CA PRO D 130 -26.29 -6.67 33.53
C PRO D 130 -24.91 -7.13 33.09
N ALA D 131 -24.83 -7.67 31.87
CA ALA D 131 -23.58 -8.19 31.33
C ALA D 131 -23.70 -8.34 29.83
N MET D 132 -22.59 -8.20 29.12
CA MET D 132 -22.59 -8.38 27.66
C MET D 132 -21.25 -8.88 27.12
N TYR D 133 -21.23 -9.22 25.84
CA TYR D 133 -20.03 -9.71 25.17
C TYR D 133 -20.19 -9.51 23.66
N VAL D 134 -19.07 -9.31 22.97
CA VAL D 134 -19.07 -9.16 21.52
C VAL D 134 -18.17 -10.24 20.90
N ALA D 135 -18.72 -11.04 19.99
CA ALA D 135 -17.99 -12.12 19.34
C ALA D 135 -17.99 -12.02 17.81
N ILE D 136 -16.87 -12.41 17.20
CA ILE D 136 -16.77 -12.44 15.75
C ILE D 136 -17.64 -13.54 15.18
N GLN D 137 -18.45 -13.20 14.18
CA GLN D 137 -19.43 -14.12 13.61
C GLN D 137 -18.82 -15.40 13.05
N ALA D 138 -17.77 -15.25 12.25
CA ALA D 138 -17.06 -16.40 11.69
C ALA D 138 -16.59 -17.36 12.79
N VAL D 139 -16.02 -16.81 13.84
CA VAL D 139 -15.50 -17.60 14.95
C VAL D 139 -16.61 -18.47 15.55
N LEU D 140 -17.78 -17.88 15.74
CA LEU D 140 -18.93 -18.59 16.29
C LEU D 140 -19.37 -19.75 15.39
N SER D 141 -19.38 -19.52 14.07
CA SER D 141 -19.76 -20.58 13.12
C SER D 141 -18.85 -21.78 13.25
N LEU D 142 -17.55 -21.53 13.40
CA LEU D 142 -16.57 -22.60 13.52
C LEU D 142 -16.82 -23.41 14.79
N TYR D 143 -17.13 -22.70 15.86
CA TYR D 143 -17.46 -23.34 17.13
C TYR D 143 -18.66 -24.28 16.94
N ALA D 144 -19.65 -23.81 16.18
CA ALA D 144 -20.87 -24.59 15.95
C ALA D 144 -20.59 -25.91 15.22
N SER D 145 -19.48 -25.97 14.48
CA SER D 145 -19.11 -27.19 13.77
C SER D 145 -18.19 -28.06 14.62
N GLY D 146 -17.97 -27.66 15.86
CA GLY D 146 -17.16 -28.44 16.78
C GLY D 146 -15.68 -28.33 16.51
N ARG D 147 -15.25 -27.15 16.08
CA ARG D 147 -13.85 -26.89 15.77
C ARG D 147 -13.41 -25.58 16.41
N THR D 148 -12.14 -25.54 16.80
CA THR D 148 -11.52 -24.29 17.21
C THR D 148 -10.45 -23.89 16.19
N THR D 149 -10.21 -24.77 15.22
CA THR D 149 -9.27 -24.51 14.13
C THR D 149 -9.92 -24.81 12.78
N GLY D 150 -9.61 -24.00 11.78
CA GLY D 150 -10.20 -24.11 10.47
C GLY D 150 -10.43 -22.73 9.87
N ILE D 151 -10.67 -22.67 8.56
CA ILE D 151 -10.97 -21.41 7.88
C ILE D 151 -12.44 -21.35 7.50
N VAL D 152 -13.09 -20.25 7.88
CA VAL D 152 -14.52 -20.10 7.65
C VAL D 152 -14.79 -19.24 6.42
N LEU D 153 -15.74 -19.68 5.60
CA LEU D 153 -16.29 -18.85 4.53
C LEU D 153 -17.69 -18.43 4.92
N ASP D 154 -17.81 -17.22 5.47
CA ASP D 154 -19.09 -16.65 5.82
C ASP D 154 -19.58 -15.78 4.66
N SER D 155 -20.69 -16.18 4.03
CA SER D 155 -21.33 -15.38 2.99
C SER D 155 -22.79 -15.15 3.34
N GLY D 156 -23.12 -13.90 3.66
CA GLY D 156 -24.45 -13.55 4.09
C GLY D 156 -25.24 -12.77 3.06
N ASP D 157 -25.81 -11.64 3.48
CA ASP D 157 -26.63 -10.82 2.59
C ASP D 157 -25.80 -9.75 1.87
N GLY D 158 -25.01 -8.99 2.62
CA GLY D 158 -24.29 -7.86 2.07
C GLY D 158 -22.78 -7.98 1.98
N VAL D 159 -22.22 -9.04 2.57
CA VAL D 159 -20.77 -9.20 2.58
C VAL D 159 -20.34 -10.66 2.79
N THR D 160 -19.19 -11.00 2.24
CA THR D 160 -18.62 -12.33 2.39
C THR D 160 -17.25 -12.22 3.05
N HIS D 161 -16.89 -13.20 3.87
CA HIS D 161 -15.60 -13.19 4.56
C HIS D 161 -14.89 -14.54 4.57
N ASN D 162 -13.57 -14.49 4.44
CA ASN D 162 -12.72 -15.63 4.76
C ASN D 162 -12.00 -15.33 6.07
N VAL D 163 -12.23 -16.17 7.07
CA VAL D 163 -11.64 -15.95 8.40
C VAL D 163 -10.93 -17.22 8.87
N PRO D 164 -9.60 -17.26 8.72
CA PRO D 164 -8.84 -18.38 9.27
C PRO D 164 -8.75 -18.27 10.79
N ILE D 165 -8.93 -19.39 11.47
CA ILE D 165 -9.02 -19.42 12.93
C ILE D 165 -8.12 -20.55 13.43
N TYR D 166 -7.31 -20.27 14.45
CA TYR D 166 -6.38 -21.24 15.00
C TYR D 166 -6.48 -21.28 16.51
N GLU D 167 -6.67 -22.49 17.04
CA GLU D 167 -6.76 -22.69 18.48
C GLU D 167 -7.85 -21.82 19.12
N GLY D 168 -8.85 -21.46 18.31
CA GLY D 168 -10.03 -20.79 18.81
C GLY D 168 -10.07 -19.29 18.61
N TYR D 169 -9.04 -18.73 18.00
CA TYR D 169 -8.97 -17.29 17.75
C TYR D 169 -8.74 -16.99 16.28
N ALA D 170 -9.44 -15.99 15.76
CA ALA D 170 -9.27 -15.59 14.38
C ALA D 170 -7.90 -14.97 14.17
N LEU D 171 -7.37 -15.08 12.96
CA LEU D 171 -6.12 -14.45 12.58
C LEU D 171 -6.45 -13.25 11.69
N PRO D 172 -6.53 -12.04 12.29
CA PRO D 172 -7.05 -10.87 11.57
C PRO D 172 -6.26 -10.50 10.31
N HIS D 173 -4.98 -10.84 10.31
CA HIS D 173 -4.08 -10.41 9.25
C HIS D 173 -4.38 -11.13 7.94
N ALA D 174 -5.04 -12.27 8.04
CA ALA D 174 -5.34 -13.12 6.88
C ALA D 174 -6.83 -13.14 6.55
N ILE D 175 -7.61 -12.29 7.21
CA ILE D 175 -9.05 -12.19 6.91
C ILE D 175 -9.28 -11.49 5.58
N MET D 176 -10.05 -12.12 4.70
CA MET D 176 -10.40 -11.54 3.41
C MET D 176 -11.85 -11.09 3.42
N ARG D 177 -12.08 -9.84 3.01
CA ARG D 177 -13.43 -9.31 2.87
C ARG D 177 -13.83 -9.10 1.42
N LEU D 178 -14.94 -9.72 1.05
CA LEU D 178 -15.48 -9.64 -0.30
C LEU D 178 -16.89 -9.04 -0.29
N ASP D 179 -17.01 -7.80 -0.74
CA ASP D 179 -18.29 -7.11 -0.77
C ASP D 179 -19.20 -7.64 -1.88
N LEU D 180 -19.51 -8.93 -1.82
CA LEU D 180 -20.36 -9.58 -2.80
C LEU D 180 -21.07 -10.74 -2.11
N ALA D 181 -22.40 -10.70 -2.10
CA ALA D 181 -23.17 -11.68 -1.36
C ALA D 181 -24.60 -11.85 -1.89
N GLY D 182 -25.46 -12.49 -1.09
CA GLY D 182 -26.77 -12.92 -1.54
C GLY D 182 -27.62 -11.81 -2.13
N ARG D 183 -27.47 -10.62 -1.58
CA ARG D 183 -28.17 -9.43 -2.06
C ARG D 183 -27.75 -9.13 -3.50
N ASP D 184 -26.46 -9.16 -3.76
CA ASP D 184 -25.95 -8.86 -5.09
C ASP D 184 -26.41 -9.92 -6.08
N LEU D 185 -26.51 -11.17 -5.61
CA LEU D 185 -26.94 -12.26 -6.46
C LEU D 185 -28.44 -12.14 -6.77
N THR D 186 -29.21 -11.68 -5.81
CA THR D 186 -30.63 -11.41 -6.04
C THR D 186 -30.77 -10.36 -7.14
N ASP D 187 -30.01 -9.28 -7.01
CA ASP D 187 -30.03 -8.21 -8.00
C ASP D 187 -29.55 -8.67 -9.39
N TYR D 188 -28.62 -9.63 -9.41
CA TYR D 188 -28.12 -10.16 -10.68
C TYR D 188 -29.15 -11.11 -11.32
N LEU D 189 -29.86 -11.87 -10.48
CA LEU D 189 -30.84 -12.82 -10.98
C LEU D 189 -32.04 -12.08 -11.57
N MET D 190 -32.42 -10.98 -10.92
CA MET D 190 -33.46 -10.11 -11.45
C MET D 190 -33.08 -9.65 -12.85
N LYS D 191 -31.80 -9.32 -13.02
CA LYS D 191 -31.32 -8.75 -14.27
C LYS D 191 -31.31 -9.77 -15.41
N ILE D 192 -30.72 -10.94 -15.18
CA ILE D 192 -30.62 -11.95 -16.23
C ILE D 192 -31.96 -12.66 -16.48
N LEU D 193 -32.91 -12.49 -15.57
CA LEU D 193 -34.26 -13.00 -15.80
C LEU D 193 -35.05 -12.01 -16.64
N THR D 194 -34.68 -10.73 -16.55
CA THR D 194 -35.33 -9.70 -17.34
C THR D 194 -34.81 -9.77 -18.78
N GLU D 195 -33.58 -10.23 -18.95
CA GLU D 195 -33.03 -10.50 -20.28
C GLU D 195 -33.73 -11.72 -20.90
N ARG D 196 -34.08 -12.69 -20.06
CA ARG D 196 -34.71 -13.92 -20.50
C ARG D 196 -36.07 -13.65 -21.17
N GLY D 197 -36.73 -12.58 -20.75
CA GLY D 197 -38.01 -12.20 -21.35
C GLY D 197 -39.00 -11.68 -20.33
N TYR D 198 -38.67 -11.81 -19.05
CA TYR D 198 -39.55 -11.35 -17.99
C TYR D 198 -39.24 -9.92 -17.59
N SER D 199 -39.93 -9.46 -16.57
CA SER D 199 -39.66 -8.16 -15.98
C SER D 199 -39.76 -8.27 -14.47
N PHE D 200 -38.60 -8.36 -13.82
CA PHE D 200 -38.52 -8.35 -12.38
C PHE D 200 -37.71 -7.12 -11.99
N VAL D 201 -38.40 -6.01 -11.75
CA VAL D 201 -37.75 -4.72 -11.53
C VAL D 201 -38.14 -4.08 -10.20
N THR D 202 -39.40 -4.23 -9.80
CA THR D 202 -39.90 -3.53 -8.63
C THR D 202 -39.47 -4.20 -7.33
N THR D 203 -39.52 -3.45 -6.23
CA THR D 203 -39.08 -3.93 -4.93
C THR D 203 -39.89 -5.14 -4.48
N ALA D 204 -41.15 -5.22 -4.89
CA ALA D 204 -42.00 -6.34 -4.56
C ALA D 204 -41.61 -7.55 -5.39
N GLU D 205 -41.05 -7.28 -6.56
CA GLU D 205 -40.57 -8.33 -7.46
C GLU D 205 -39.16 -8.78 -7.06
N ARG D 206 -38.47 -7.97 -6.27
CA ARG D 206 -37.19 -8.35 -5.72
C ARG D 206 -37.41 -9.46 -4.70
N GLU D 207 -38.43 -9.27 -3.86
CA GLU D 207 -38.77 -10.25 -2.83
C GLU D 207 -39.20 -11.57 -3.46
N ILE D 208 -39.71 -11.52 -4.68
CA ILE D 208 -40.10 -12.72 -5.41
C ILE D 208 -38.89 -13.40 -6.01
N VAL D 209 -38.01 -12.62 -6.64
CA VAL D 209 -36.81 -13.17 -7.26
C VAL D 209 -35.88 -13.74 -6.19
N ARG D 210 -36.00 -13.22 -4.97
CA ARG D 210 -35.22 -13.76 -3.86
C ARG D 210 -35.72 -15.15 -3.50
N ASP D 211 -37.02 -15.38 -3.62
CA ASP D 211 -37.57 -16.70 -3.33
C ASP D 211 -37.13 -17.70 -4.39
N ILE D 212 -37.19 -17.28 -5.65
CA ILE D 212 -36.72 -18.11 -6.76
C ILE D 212 -35.28 -18.53 -6.53
N LYS D 213 -34.45 -17.56 -6.17
CA LYS D 213 -33.03 -17.78 -5.93
C LYS D 213 -32.81 -18.87 -4.88
N GLU D 214 -33.59 -18.81 -3.81
CA GLU D 214 -33.38 -19.70 -2.65
C GLU D 214 -33.97 -21.09 -2.84
N LYS D 215 -34.69 -21.31 -3.94
CA LYS D 215 -35.41 -22.56 -4.14
C LYS D 215 -35.04 -23.32 -5.42
N LEU D 216 -34.40 -22.65 -6.38
CA LEU D 216 -34.14 -23.26 -7.69
C LEU D 216 -32.72 -23.07 -8.22
N CYS D 217 -31.93 -22.21 -7.57
CA CYS D 217 -30.57 -21.98 -8.02
C CYS D 217 -29.63 -23.03 -7.42
N TYR D 218 -28.54 -23.30 -8.12
CA TYR D 218 -27.49 -24.20 -7.61
C TYR D 218 -26.12 -23.79 -8.15
N VAL D 219 -25.06 -24.36 -7.59
CA VAL D 219 -23.72 -24.14 -8.12
C VAL D 219 -23.33 -25.28 -9.03
N ALA D 220 -22.89 -24.93 -10.24
CA ALA D 220 -22.44 -25.89 -11.22
C ALA D 220 -21.01 -26.34 -10.93
N LEU D 221 -20.79 -27.65 -10.89
CA LEU D 221 -19.46 -28.19 -10.66
C LEU D 221 -18.52 -27.75 -11.79
N ASP D 222 -18.97 -27.97 -13.02
CA ASP D 222 -18.30 -27.43 -14.20
C ASP D 222 -19.25 -26.46 -14.88
N PHE D 223 -19.02 -25.17 -14.67
CA PHE D 223 -19.93 -24.14 -15.17
C PHE D 223 -19.98 -24.11 -16.69
N GLU D 224 -18.84 -24.37 -17.31
CA GLU D 224 -18.75 -24.42 -18.77
C GLU D 224 -19.68 -25.50 -19.34
N ASN D 225 -19.66 -26.68 -18.73
CA ASN D 225 -20.45 -27.81 -19.22
C ASN D 225 -21.95 -27.59 -19.02
N GLU D 226 -22.33 -27.08 -17.85
CA GLU D 226 -23.73 -26.79 -17.56
C GLU D 226 -24.35 -25.76 -18.52
N MET D 227 -23.57 -24.73 -18.88
CA MET D 227 -24.03 -23.74 -19.83
C MET D 227 -24.39 -24.41 -21.15
N ALA D 228 -23.52 -25.32 -21.59
CA ALA D 228 -23.71 -26.01 -22.85
C ALA D 228 -24.84 -27.04 -22.77
N THR D 229 -25.04 -27.61 -21.59
CA THR D 229 -26.12 -28.54 -21.35
C THR D 229 -27.46 -27.82 -21.46
N ALA D 230 -27.54 -26.64 -20.85
CA ALA D 230 -28.78 -25.87 -20.84
C ALA D 230 -29.05 -25.25 -22.21
N ALA D 231 -28.02 -25.18 -23.04
CA ALA D 231 -28.14 -24.58 -24.36
C ALA D 231 -28.58 -25.59 -25.41
N SER D 232 -28.74 -26.84 -25.02
CA SER D 232 -29.11 -27.89 -25.96
C SER D 232 -29.98 -28.94 -25.31
N SER D 233 -30.67 -28.59 -24.23
CA SER D 233 -31.67 -29.48 -23.64
C SER D 233 -32.50 -28.73 -22.61
N SER D 234 -33.67 -29.27 -22.30
CA SER D 234 -34.57 -28.67 -21.32
C SER D 234 -34.37 -29.32 -19.96
N SER D 235 -33.30 -30.09 -19.82
CA SER D 235 -33.11 -30.94 -18.65
C SER D 235 -32.75 -30.17 -17.37
N LEU D 236 -32.33 -28.92 -17.53
CA LEU D 236 -31.95 -28.09 -16.39
C LEU D 236 -32.96 -26.98 -16.16
N GLU D 237 -34.12 -27.09 -16.81
CA GLU D 237 -35.17 -26.09 -16.66
C GLU D 237 -36.15 -26.48 -15.57
N LYS D 238 -36.59 -25.47 -14.80
CA LYS D 238 -37.55 -25.65 -13.74
C LYS D 238 -38.62 -24.60 -13.92
N SER D 239 -39.81 -24.86 -13.38
CA SER D 239 -40.90 -23.90 -13.44
C SER D 239 -41.21 -23.35 -12.06
N TYR D 240 -41.52 -22.06 -12.02
CA TYR D 240 -41.81 -21.35 -10.78
C TYR D 240 -43.13 -20.60 -10.95
N GLU D 241 -44.08 -20.85 -10.05
CA GLU D 241 -45.35 -20.16 -10.09
C GLU D 241 -45.27 -18.87 -9.29
N LEU D 242 -45.59 -17.75 -9.95
CA LEU D 242 -45.61 -16.45 -9.30
C LEU D 242 -46.89 -16.33 -8.47
N PRO D 243 -46.91 -15.36 -7.53
CA PRO D 243 -48.08 -15.19 -6.66
C PRO D 243 -49.39 -14.94 -7.40
N ASP D 244 -49.34 -14.31 -8.57
CA ASP D 244 -50.57 -14.05 -9.33
C ASP D 244 -51.01 -15.25 -10.16
N GLY D 245 -50.23 -16.33 -10.10
CA GLY D 245 -50.54 -17.55 -10.81
C GLY D 245 -49.69 -17.81 -12.04
N GLN D 246 -49.05 -16.77 -12.56
CA GLN D 246 -48.21 -16.92 -13.74
C GLN D 246 -47.06 -17.87 -13.49
N VAL D 247 -46.85 -18.79 -14.43
CA VAL D 247 -45.78 -19.77 -14.34
C VAL D 247 -44.65 -19.39 -15.30
N ILE D 248 -43.46 -19.21 -14.74
CA ILE D 248 -42.28 -18.83 -15.51
C ILE D 248 -41.31 -19.99 -15.53
N THR D 249 -40.40 -19.98 -16.51
CA THR D 249 -39.40 -21.02 -16.66
C THR D 249 -38.01 -20.43 -16.48
N ILE D 250 -37.19 -21.13 -15.69
CA ILE D 250 -35.83 -20.70 -15.40
C ILE D 250 -34.86 -21.79 -15.83
N GLY D 251 -33.96 -21.46 -16.75
CA GLY D 251 -32.98 -22.40 -17.25
C GLY D 251 -31.61 -22.18 -16.65
N ASN D 252 -30.68 -21.68 -17.46
CA ASN D 252 -29.30 -21.53 -17.02
C ASN D 252 -29.15 -20.49 -15.93
N GLU D 253 -30.16 -19.63 -15.78
CA GLU D 253 -30.15 -18.61 -14.72
C GLU D 253 -30.00 -19.23 -13.33
N ARG D 254 -30.43 -20.48 -13.20
CA ARG D 254 -30.29 -21.21 -11.94
C ARG D 254 -28.84 -21.24 -11.45
N PHE D 255 -27.89 -21.54 -12.35
CA PHE D 255 -26.49 -21.64 -11.94
C PHE D 255 -25.61 -20.45 -12.31
N ARG D 256 -26.07 -19.63 -13.25
CA ARG D 256 -25.33 -18.42 -13.59
C ARG D 256 -25.40 -17.42 -12.44
N CYS D 257 -26.45 -17.53 -11.64
CA CYS D 257 -26.63 -16.62 -10.52
C CYS D 257 -25.54 -16.81 -9.45
N PRO D 258 -25.46 -18.01 -8.84
CA PRO D 258 -24.42 -18.17 -7.82
C PRO D 258 -23.01 -18.40 -8.40
N GLU D 259 -22.90 -18.52 -9.71
CA GLU D 259 -21.60 -18.59 -10.35
C GLU D 259 -20.83 -17.29 -10.11
N THR D 260 -21.58 -16.21 -9.86
CA THR D 260 -21.00 -14.90 -9.62
C THR D 260 -20.04 -14.92 -8.43
N LEU D 261 -20.29 -15.80 -7.47
CA LEU D 261 -19.40 -15.96 -6.32
C LEU D 261 -18.01 -16.38 -6.75
N PHE D 262 -17.95 -17.15 -7.83
CA PHE D 262 -16.68 -17.66 -8.35
C PHE D 262 -16.13 -16.79 -9.46
N GLN D 263 -17.03 -16.11 -10.16
CA GLN D 263 -16.66 -15.18 -11.21
C GLN D 263 -17.38 -13.85 -10.97
N PRO D 264 -16.84 -13.02 -10.06
CA PRO D 264 -17.45 -11.73 -9.73
C PRO D 264 -17.50 -10.78 -10.93
N SER D 265 -16.84 -11.14 -12.03
CA SER D 265 -16.86 -10.33 -13.23
C SER D 265 -18.23 -10.36 -13.91
N PHE D 266 -19.01 -11.38 -13.58
CA PHE D 266 -20.39 -11.48 -14.06
C PHE D 266 -21.18 -10.24 -13.69
N ILE D 267 -20.90 -9.72 -12.51
CA ILE D 267 -21.63 -8.58 -11.96
C ILE D 267 -20.82 -7.28 -12.13
N GLY D 268 -19.58 -7.42 -12.60
CA GLY D 268 -18.74 -6.27 -12.88
C GLY D 268 -17.77 -5.93 -11.76
N MET D 269 -17.21 -6.95 -11.12
CA MET D 269 -16.19 -6.74 -10.10
C MET D 269 -14.82 -7.22 -10.57
N GLU D 270 -13.81 -6.40 -10.31
CA GLU D 270 -12.42 -6.76 -10.55
C GLU D 270 -11.95 -7.81 -9.53
N SER D 271 -12.80 -8.08 -8.55
CA SER D 271 -12.46 -8.97 -7.45
C SER D 271 -12.27 -10.44 -7.85
N ALA D 272 -11.66 -11.21 -6.95
CA ALA D 272 -11.47 -12.64 -7.16
C ALA D 272 -12.67 -13.43 -6.64
N GLY D 273 -12.79 -14.69 -7.07
CA GLY D 273 -13.86 -15.56 -6.61
C GLY D 273 -13.69 -15.97 -5.15
N ILE D 274 -14.68 -16.66 -4.61
CA ILE D 274 -14.60 -17.10 -3.21
C ILE D 274 -13.62 -18.25 -3.02
N HIS D 275 -13.32 -18.96 -4.11
CA HIS D 275 -12.33 -20.03 -4.05
C HIS D 275 -10.93 -19.43 -3.92
N GLU D 276 -10.67 -18.35 -4.65
CA GLU D 276 -9.38 -17.67 -4.59
C GLU D 276 -9.15 -16.95 -3.27
N THR D 277 -10.18 -16.28 -2.75
CA THR D 277 -10.04 -15.57 -1.49
C THR D 277 -9.87 -16.55 -0.34
N THR D 278 -10.43 -17.74 -0.48
CA THR D 278 -10.23 -18.80 0.50
C THR D 278 -8.78 -19.26 0.42
N TYR D 279 -8.33 -19.55 -0.80
CA TYR D 279 -6.95 -19.95 -1.04
C TYR D 279 -5.96 -18.90 -0.55
N ASN D 280 -6.14 -17.66 -0.99
CA ASN D 280 -5.23 -16.58 -0.62
C ASN D 280 -5.21 -16.33 0.88
N SER D 281 -6.34 -16.58 1.54
CA SER D 281 -6.43 -16.44 2.98
C SER D 281 -5.53 -17.44 3.70
N ILE D 282 -5.56 -18.69 3.26
CA ILE D 282 -4.73 -19.74 3.86
C ILE D 282 -3.25 -19.43 3.69
N MET D 283 -2.88 -18.93 2.51
CA MET D 283 -1.48 -18.71 2.19
C MET D 283 -0.86 -17.59 3.05
N LYS D 284 -1.71 -16.70 3.57
CA LYS D 284 -1.24 -15.66 4.47
C LYS D 284 -0.99 -16.23 5.87
N CYS D 285 -1.42 -17.46 6.11
CA CYS D 285 -1.23 -18.11 7.40
C CYS D 285 0.07 -18.90 7.42
N ASP D 286 0.58 -19.13 8.64
CA ASP D 286 1.83 -19.86 8.83
C ASP D 286 1.74 -21.25 8.21
N ILE D 287 2.86 -21.69 7.63
CA ILE D 287 2.92 -22.95 6.90
C ILE D 287 2.49 -24.13 7.77
N ASP D 288 2.74 -24.01 9.08
CA ASP D 288 2.46 -25.09 10.01
C ASP D 288 0.97 -25.40 10.09
N ILE D 289 0.14 -24.36 10.09
CA ILE D 289 -1.29 -24.52 10.30
C ILE D 289 -2.12 -24.62 9.01
N ARG D 290 -1.47 -24.40 7.86
CA ARG D 290 -2.18 -24.42 6.57
C ARG D 290 -2.90 -25.73 6.30
N LYS D 291 -2.24 -26.85 6.59
CA LYS D 291 -2.83 -28.16 6.36
C LYS D 291 -4.09 -28.34 7.19
N ASP D 292 -4.10 -27.80 8.40
CA ASP D 292 -5.27 -27.83 9.26
C ASP D 292 -6.40 -27.01 8.65
N LEU D 293 -6.05 -25.88 8.03
CA LEU D 293 -7.06 -25.02 7.42
C LEU D 293 -7.66 -25.69 6.18
N TYR D 294 -6.81 -26.12 5.26
CA TYR D 294 -7.24 -26.82 4.05
C TYR D 294 -8.22 -27.96 4.36
N ALA D 295 -7.98 -28.63 5.47
CA ALA D 295 -8.77 -29.80 5.85
C ALA D 295 -10.00 -29.42 6.66
N ASN D 296 -10.20 -28.13 6.87
CA ASN D 296 -11.31 -27.66 7.70
C ASN D 296 -11.93 -26.36 7.18
N ASN D 297 -12.31 -26.37 5.92
CA ASN D 297 -13.11 -25.27 5.36
C ASN D 297 -14.55 -25.40 5.81
N VAL D 298 -14.95 -24.55 6.75
CA VAL D 298 -16.33 -24.54 7.24
C VAL D 298 -17.07 -23.38 6.59
N MET D 299 -18.23 -23.68 6.01
CA MET D 299 -18.99 -22.67 5.29
C MET D 299 -20.20 -22.22 6.10
N SER D 300 -20.45 -20.93 6.04
CA SER D 300 -21.37 -20.25 6.95
C SER D 300 -22.18 -19.20 6.21
N GLY D 301 -23.46 -19.10 6.53
CA GLY D 301 -24.30 -18.04 6.00
C GLY D 301 -25.19 -18.48 4.86
N GLY D 302 -26.29 -17.76 4.69
CA GLY D 302 -27.32 -18.10 3.73
C GLY D 302 -26.85 -18.26 2.29
N THR D 303 -25.84 -17.48 1.90
CA THR D 303 -25.38 -17.48 0.52
C THR D 303 -24.50 -18.70 0.22
N THR D 304 -24.23 -19.51 1.24
CA THR D 304 -23.54 -20.79 1.04
C THR D 304 -24.51 -21.97 1.02
N MET D 305 -25.81 -21.66 0.97
CA MET D 305 -26.85 -22.71 1.01
C MET D 305 -27.15 -23.33 -0.35
N TYR D 306 -26.49 -22.84 -1.39
CA TYR D 306 -26.70 -23.38 -2.73
C TYR D 306 -26.29 -24.85 -2.80
N PRO D 307 -27.04 -25.66 -3.56
CA PRO D 307 -26.61 -27.04 -3.82
C PRO D 307 -25.33 -27.12 -4.65
N GLY D 308 -24.46 -28.06 -4.28
CA GLY D 308 -23.24 -28.32 -5.05
C GLY D 308 -22.12 -27.32 -4.86
N ILE D 309 -22.32 -26.34 -3.98
CA ILE D 309 -21.31 -25.31 -3.77
C ILE D 309 -20.08 -25.90 -3.06
N ALA D 310 -20.32 -26.85 -2.17
CA ALA D 310 -19.25 -27.54 -1.45
C ALA D 310 -18.39 -28.34 -2.43
N ASP D 311 -19.03 -29.13 -3.29
CA ASP D 311 -18.31 -29.94 -4.27
C ASP D 311 -17.52 -29.07 -5.24
N ARG D 312 -18.00 -27.85 -5.47
CA ARG D 312 -17.33 -26.91 -6.35
C ARG D 312 -16.09 -26.34 -5.65
N MET D 313 -16.22 -25.96 -4.38
CA MET D 313 -15.08 -25.51 -3.59
C MET D 313 -14.04 -26.62 -3.46
N GLN D 314 -14.52 -27.84 -3.29
CA GLN D 314 -13.65 -29.01 -3.23
C GLN D 314 -12.81 -29.06 -4.49
N LYS D 315 -13.45 -28.81 -5.64
CA LYS D 315 -12.79 -28.84 -6.93
C LYS D 315 -11.80 -27.68 -7.08
N GLU D 316 -12.30 -26.47 -6.90
CA GLU D 316 -11.52 -25.26 -7.18
C GLU D 316 -10.30 -25.10 -6.26
N ILE D 317 -10.43 -25.48 -5.00
CA ILE D 317 -9.31 -25.40 -4.06
C ILE D 317 -8.25 -26.43 -4.43
N THR D 318 -8.67 -27.63 -4.80
CA THR D 318 -7.76 -28.71 -5.19
C THR D 318 -6.87 -28.25 -6.36
N ALA D 319 -7.44 -27.47 -7.26
CA ALA D 319 -6.69 -26.98 -8.43
C ALA D 319 -5.71 -25.88 -8.04
N LEU D 320 -5.91 -25.32 -6.84
CA LEU D 320 -5.09 -24.21 -6.36
C LEU D 320 -4.06 -24.66 -5.33
N ALA D 321 -4.37 -25.75 -4.64
CA ALA D 321 -3.52 -26.22 -3.56
C ALA D 321 -2.44 -27.18 -4.07
N PRO D 322 -1.40 -27.44 -3.25
CA PRO D 322 -0.42 -28.48 -3.55
C PRO D 322 -1.09 -29.83 -3.81
N SER D 323 -0.56 -30.57 -4.79
CA SER D 323 -1.17 -31.81 -5.24
C SER D 323 -1.29 -32.86 -4.14
N THR D 324 -0.49 -32.73 -3.09
CA THR D 324 -0.51 -33.69 -1.99
C THR D 324 -1.52 -33.30 -0.90
N MET D 325 -2.04 -32.08 -1.01
CA MET D 325 -2.81 -31.48 0.09
C MET D 325 -4.19 -32.09 0.29
N LYS D 326 -4.46 -32.54 1.51
CA LYS D 326 -5.77 -33.09 1.86
C LYS D 326 -6.73 -31.95 2.13
N ILE D 327 -7.82 -31.91 1.39
CA ILE D 327 -8.78 -30.81 1.41
C ILE D 327 -10.16 -31.34 1.75
N LYS D 328 -10.81 -30.71 2.73
CA LYS D 328 -12.17 -31.07 3.11
C LYS D 328 -13.02 -29.82 3.29
N ILE D 329 -14.22 -29.86 2.70
CA ILE D 329 -15.16 -28.74 2.80
C ILE D 329 -16.36 -29.17 3.63
N ILE D 330 -16.49 -28.57 4.81
CA ILE D 330 -17.61 -28.85 5.70
C ILE D 330 -18.70 -27.80 5.49
N ALA D 331 -19.89 -28.25 5.13
CA ALA D 331 -21.03 -27.37 4.89
C ALA D 331 -22.24 -27.85 5.68
N PRO D 332 -22.31 -27.48 6.98
CA PRO D 332 -23.38 -27.98 7.84
C PRO D 332 -24.78 -27.61 7.33
N PRO D 333 -25.75 -28.53 7.46
CA PRO D 333 -27.11 -28.28 6.98
C PRO D 333 -27.78 -27.09 7.65
N GLU D 334 -27.29 -26.70 8.82
CA GLU D 334 -27.90 -25.59 9.58
C GLU D 334 -27.06 -24.32 9.46
N ARG D 335 -26.25 -24.23 8.40
CA ARG D 335 -25.26 -23.17 8.31
C ARG D 335 -25.87 -21.79 8.07
N LYS D 336 -27.18 -21.73 7.82
CA LYS D 336 -27.88 -20.46 7.70
C LYS D 336 -27.91 -19.73 9.05
N TYR D 337 -27.83 -20.50 10.13
CA TYR D 337 -27.82 -19.95 11.49
C TYR D 337 -26.59 -20.39 12.25
N SER D 338 -25.55 -20.77 11.50
CA SER D 338 -24.27 -21.22 12.06
C SER D 338 -23.71 -20.23 13.08
N VAL D 339 -23.67 -18.96 12.71
CA VAL D 339 -23.17 -17.91 13.58
C VAL D 339 -23.97 -17.82 14.87
N TRP D 340 -25.30 -17.89 14.76
CA TRP D 340 -26.14 -17.72 15.94
C TRP D 340 -25.98 -18.91 16.87
N ILE D 341 -26.04 -20.11 16.31
CA ILE D 341 -25.92 -21.34 17.09
C ILE D 341 -24.60 -21.35 17.85
N GLY D 342 -23.54 -20.85 17.21
CA GLY D 342 -22.23 -20.76 17.83
C GLY D 342 -22.22 -19.92 19.09
N GLY D 343 -22.86 -18.76 19.04
CA GLY D 343 -22.96 -17.90 20.20
C GLY D 343 -23.75 -18.56 21.31
N SER D 344 -24.80 -19.28 20.90
CA SER D 344 -25.65 -20.00 21.84
C SER D 344 -24.89 -21.11 22.57
N ILE D 345 -23.90 -21.68 21.90
CA ILE D 345 -23.06 -22.71 22.50
C ILE D 345 -22.02 -22.08 23.42
N LEU D 346 -21.36 -21.02 22.91
CA LEU D 346 -20.34 -20.30 23.66
C LEU D 346 -20.91 -19.77 24.97
N ALA D 347 -22.09 -19.18 24.90
CA ALA D 347 -22.72 -18.56 26.07
C ALA D 347 -23.31 -19.60 27.02
N SER D 348 -23.30 -20.87 26.61
CA SER D 348 -23.84 -21.94 27.45
C SER D 348 -22.77 -22.60 28.32
N LEU D 349 -21.51 -22.32 28.02
CA LEU D 349 -20.39 -22.88 28.77
C LEU D 349 -20.30 -22.24 30.15
N SER D 350 -19.99 -23.04 31.16
CA SER D 350 -19.78 -22.54 32.51
C SER D 350 -18.55 -21.64 32.53
N THR D 351 -17.53 -22.09 31.81
CA THR D 351 -16.25 -21.39 31.76
C THR D 351 -16.38 -19.99 31.15
N PHE D 352 -17.36 -19.81 30.28
CA PHE D 352 -17.57 -18.52 29.62
C PHE D 352 -18.22 -17.48 30.53
N GLN D 353 -18.76 -17.91 31.67
CA GLN D 353 -19.51 -17.01 32.54
C GLN D 353 -18.64 -15.90 33.16
N GLN D 354 -17.38 -16.20 33.41
CA GLN D 354 -16.46 -15.19 33.91
C GLN D 354 -16.04 -14.24 32.79
N MET D 355 -16.27 -14.64 31.54
CA MET D 355 -15.81 -13.87 30.39
C MET D 355 -16.76 -12.73 30.00
N TRP D 356 -17.97 -12.73 30.56
CA TRP D 356 -18.89 -11.62 30.33
C TRP D 356 -18.28 -10.34 30.86
N ILE D 357 -18.59 -9.22 30.20
CA ILE D 357 -18.30 -7.90 30.75
C ILE D 357 -19.48 -7.52 31.63
N THR D 358 -19.25 -7.45 32.94
CA THR D 358 -20.31 -7.12 33.89
C THR D 358 -20.52 -5.61 33.94
N LYS D 359 -21.69 -5.18 34.40
CA LYS D 359 -22.01 -3.76 34.45
C LYS D 359 -21.09 -3.03 35.44
N GLN D 360 -20.66 -3.73 36.48
CA GLN D 360 -19.70 -3.16 37.43
C GLN D 360 -18.37 -2.93 36.74
N GLU D 361 -17.94 -3.91 35.95
CA GLU D 361 -16.68 -3.82 35.22
C GLU D 361 -16.72 -2.66 34.22
N TYR D 362 -17.92 -2.33 33.76
CA TYR D 362 -18.08 -1.25 32.78
C TYR D 362 -18.07 0.11 33.48
N ASP D 363 -18.72 0.18 34.63
CA ASP D 363 -18.77 1.41 35.42
C ASP D 363 -17.39 1.81 35.93
N GLU D 364 -16.47 0.83 35.99
CA GLU D 364 -15.16 1.06 36.58
C GLU D 364 -14.06 1.32 35.54
N ALA D 365 -14.26 0.83 34.32
CA ALA D 365 -13.22 0.92 33.28
C ALA D 365 -13.73 1.58 32.00
N GLY D 366 -15.04 1.74 31.88
CA GLY D 366 -15.63 2.36 30.71
C GLY D 366 -15.61 1.45 29.50
N PRO D 367 -16.07 1.96 28.34
CA PRO D 367 -16.18 1.20 27.09
C PRO D 367 -14.87 0.57 26.64
N SER D 368 -13.74 1.03 27.17
CA SER D 368 -12.45 0.49 26.78
C SER D 368 -12.14 -0.84 27.49
N ILE D 369 -13.06 -1.31 28.32
CA ILE D 369 -12.91 -2.61 28.97
C ILE D 369 -13.03 -3.74 27.94
N VAL D 370 -13.71 -3.46 26.83
CA VAL D 370 -13.97 -4.47 25.82
C VAL D 370 -12.69 -4.86 25.08
N HIS D 371 -11.65 -4.06 25.21
CA HIS D 371 -10.36 -4.34 24.57
C HIS D 371 -9.54 -5.37 25.33
N ARG D 372 -10.06 -5.82 26.48
CA ARG D 372 -9.33 -6.74 27.34
C ARG D 372 -10.17 -7.97 27.63
N LYS D 373 -11.48 -7.88 27.33
CA LYS D 373 -12.41 -8.97 27.56
C LYS D 373 -12.77 -9.67 26.25
N CYS D 374 -12.94 -8.90 25.18
CA CYS D 374 -13.35 -9.44 23.89
C CYS D 374 -12.16 -9.46 22.93
#